data_7R54
#
_entry.id   7R54
#
_cell.length_a   162.374
_cell.length_b   86.972
_cell.length_c   152.354
_cell.angle_alpha   90
_cell.angle_beta   119.52
_cell.angle_gamma   90
#
_symmetry.space_group_name_H-M   'C 1 2 1'
#
loop_
_entity.id
_entity.type
_entity.pdbx_description
1 polymer 'Toll-like receptor 8'
2 branched alpha-D-mannopyranose-(1-3)-[alpha-D-mannopyranose-(1-6)]beta-D-mannopyranose-(1-4)-2-acetamido-2-deoxy-beta-D-glucopyranose-(1-4)-2-acetamido-2-deoxy-beta-D-glucopyranose
3 branched beta-D-mannopyranose-(1-4)-2-acetamido-2-deoxy-beta-D-glucopyranose-(1-4)-2-acetamido-2-deoxy-beta-D-glucopyranose
4 non-polymer 2-acetamido-2-deoxy-beta-D-glucopyranose
5 non-polymer (5-methoxy-6-pyridin-4-yl-1~{H}-indazol-3-yl)-(4-methylpiperazin-1-yl)methanone
6 water water
#
_entity_poly.entity_id   1
_entity_poly.type   'polypeptide(L)'
_entity_poly.pdbx_seq_one_letter_code
;EENFSRSYPCDEKKQNDSVIAECSNRRLQEVPQTVGKYVTELDLSDNFITHITNESFQGLQNLTKINLNHNPNVQHQNGN
PGIQSNGLNITDGAFLNLKNLRELLLEDNQLPQIPSGLPESLTELSLIQNNIYNITKEGISRLINLKNLYLAWNCYFNKV
CEKTNIEDGVFETLTNLELLSLSFNSLSHVPPKLPSSLRKLFLSNTQIKYISEEDFKGLINLTLLDLSGNCPRCFNAPFP
CVPCDGGASINIDRFAFQNLTQLRYLNLSSTSLRKINAAWFKNMPHLKVLDLEFNYLVGEIASGAFLTMLPRLEILDLSF
NYIKGSYPQHINISRNFSKLLSLRALHLRGYVFQELREDDFQPLMQLPNLSTINLGINFIKQIDFKLFQNFSNLEIIYLS
ENRISPLVKDTRQSYANSSSFQRHIRKRRSTDFEFDPHSNFYHFTRPLIKPQCAAYGKALDLSLNSIFFIGPNQFENLPD
IACLNLSANSNAQVLSGTEFSAIPHVKYLDLTNNRLDFDNASALTELSDLEVLDLSYNSHYFRIAGVTHHLEFIQNFTNL
KVLNLSHNNIYTLTDKYNLESKSLVELVFSGNRLDILWNDDDNRYISIFKGLKNLTRLDLSLNRLKHIPNEAFLNLPASL
TELHINDNMLKFFNWTLLQQFPRLELLDLRGNKLLFLTDSLSDFTSSLRTLLLSHNRISHLPSGFLSEVSSLKHLDLSSN
LLKTINKSALETKTTTKLSMLELHGNPFECTCDIGDFRRWMDEHLNVKIPRLVDVICASPGDQRGKSIVSLELTTCVSDV
TEFLVPR
;
_entity_poly.pdbx_strand_id   A,B
#
loop_
_chem_comp.id
_chem_comp.type
_chem_comp.name
_chem_comp.formula
BMA D-saccharide, beta linking beta-D-mannopyranose 'C6 H12 O6'
I5B non-polymer (5-methoxy-6-pyridin-4-yl-1~{H}-indazol-3-yl)-(4-methylpiperazin-1-yl)methanone 'C19 H21 N5 O2'
MAN D-saccharide, alpha linking alpha-D-mannopyranose 'C6 H12 O6'
NAG D-saccharide, beta linking 2-acetamido-2-deoxy-beta-D-glucopyranose 'C8 H15 N O6'
#
# COMPACT_ATOMS: atom_id res chain seq x y z
N SER A 5 29.83 -37.93 -10.83
CA SER A 5 28.49 -38.48 -10.92
C SER A 5 27.44 -37.47 -10.48
N ARG A 6 27.67 -36.17 -10.76
CA ARG A 6 26.73 -35.10 -10.41
C ARG A 6 25.51 -35.16 -11.32
N SER A 7 24.34 -35.42 -10.73
CA SER A 7 23.11 -35.57 -11.48
C SER A 7 22.55 -34.30 -12.08
N TYR A 8 21.96 -34.42 -13.26
CA TYR A 8 21.34 -33.33 -14.00
C TYR A 8 20.17 -33.90 -14.80
N PRO A 9 18.99 -33.26 -14.78
CA PRO A 9 18.67 -32.00 -14.11
C PRO A 9 18.05 -32.16 -12.73
N CYS A 10 18.15 -33.35 -12.12
CA CYS A 10 17.55 -33.58 -10.81
C CYS A 10 18.55 -33.42 -9.66
N ASP A 11 18.15 -32.71 -8.61
CA ASP A 11 19.01 -32.54 -7.44
C ASP A 11 18.67 -33.64 -6.44
N GLU A 12 19.24 -34.83 -6.64
CA GLU A 12 19.00 -36.00 -5.81
C GLU A 12 19.55 -35.87 -4.39
N LYS A 13 18.86 -36.50 -3.42
CA LYS A 13 19.26 -36.50 -2.01
C LYS A 13 18.77 -37.77 -1.32
N LYS A 14 19.59 -38.33 -0.41
CA LYS A 14 19.22 -39.55 0.30
C LYS A 14 18.28 -39.25 1.46
N GLN A 15 17.28 -40.13 1.67
CA GLN A 15 16.31 -39.96 2.75
C GLN A 15 15.73 -41.30 3.20
N ASN A 16 16.05 -41.71 4.44
CA ASN A 16 15.59 -42.96 5.06
C ASN A 16 15.94 -44.21 4.24
N ASP A 17 17.23 -44.38 3.91
CA ASP A 17 17.78 -45.49 3.13
C ASP A 17 17.23 -45.59 1.70
N SER A 18 16.78 -44.46 1.14
CA SER A 18 16.24 -44.42 -0.22
C SER A 18 16.42 -43.04 -0.83
N VAL A 19 16.88 -42.97 -2.08
CA VAL A 19 17.09 -41.70 -2.77
C VAL A 19 15.80 -41.04 -3.25
N ILE A 20 15.74 -39.72 -3.20
CA ILE A 20 14.60 -38.94 -3.67
C ILE A 20 15.11 -37.89 -4.64
N ALA A 21 14.63 -37.93 -5.89
CA ALA A 21 15.09 -36.99 -6.90
C ALA A 21 14.17 -35.78 -7.09
N GLU A 22 14.59 -34.61 -6.58
CA GLU A 22 13.84 -33.38 -6.75
C GLU A 22 14.14 -32.83 -8.15
N CYS A 23 13.16 -32.86 -9.05
CA CYS A 23 13.35 -32.40 -10.43
C CYS A 23 12.25 -31.43 -10.86
N SER A 24 11.72 -30.63 -9.93
CA SER A 24 10.64 -29.69 -10.19
C SER A 24 11.10 -28.30 -10.58
N ASN A 25 10.29 -27.60 -11.41
CA ASN A 25 10.53 -26.24 -11.90
C ASN A 25 11.87 -26.08 -12.62
N ARG A 26 12.15 -26.97 -13.58
CA ARG A 26 13.41 -26.94 -14.33
C ARG A 26 13.21 -26.67 -15.83
N ARG A 27 12.00 -26.27 -16.27
CA ARG A 27 11.64 -25.99 -17.67
C ARG A 27 11.90 -27.19 -18.59
N LEU A 28 11.64 -28.41 -18.11
CA LEU A 28 11.87 -29.62 -18.88
C LEU A 28 10.72 -29.87 -19.86
N GLN A 29 11.04 -30.08 -21.14
CA GLN A 29 10.03 -30.33 -22.17
C GLN A 29 9.56 -31.79 -22.21
N GLU A 30 10.40 -32.72 -21.75
CA GLU A 30 10.05 -34.14 -21.71
C GLU A 30 10.71 -34.85 -20.53
N VAL A 31 10.23 -36.05 -20.17
CA VAL A 31 10.77 -36.83 -19.05
C VAL A 31 12.26 -37.11 -19.24
N PRO A 32 13.11 -36.64 -18.33
CA PRO A 32 14.55 -36.84 -18.49
C PRO A 32 14.99 -38.28 -18.27
N GLN A 33 15.86 -38.78 -19.16
CA GLN A 33 16.40 -40.13 -19.03
C GLN A 33 17.71 -40.18 -18.22
N THR A 34 18.14 -39.05 -17.63
CA THR A 34 19.36 -38.98 -16.84
C THR A 34 19.05 -39.06 -15.33
N VAL A 35 18.04 -39.86 -14.96
CA VAL A 35 17.65 -40.03 -13.57
C VAL A 35 18.13 -41.41 -13.13
N GLY A 36 18.83 -41.46 -11.99
CA GLY A 36 19.37 -42.70 -11.46
C GLY A 36 18.32 -43.77 -11.23
N LYS A 37 18.65 -45.03 -11.54
CA LYS A 37 17.71 -46.15 -11.37
C LYS A 37 17.46 -46.52 -9.90
N TYR A 38 18.33 -46.05 -8.99
CA TYR A 38 18.25 -46.30 -7.55
C TYR A 38 17.22 -45.41 -6.82
N VAL A 39 16.70 -44.36 -7.48
CA VAL A 39 15.76 -43.45 -6.84
C VAL A 39 14.41 -44.10 -6.58
N THR A 40 13.71 -43.62 -5.55
CA THR A 40 12.41 -44.13 -5.17
C THR A 40 11.32 -43.06 -5.29
N GLU A 41 11.67 -41.77 -5.23
CA GLU A 41 10.66 -40.70 -5.33
C GLU A 41 11.03 -39.64 -6.36
N LEU A 42 10.33 -39.61 -7.50
CA LEU A 42 10.62 -38.65 -8.56
C LEU A 42 9.58 -37.53 -8.62
N ASP A 43 10.01 -36.27 -8.48
CA ASP A 43 9.11 -35.12 -8.53
C ASP A 43 9.43 -34.27 -9.75
N LEU A 44 8.59 -34.31 -10.78
CA LEU A 44 8.80 -33.53 -11.99
C LEU A 44 7.69 -32.48 -12.18
N SER A 45 7.19 -31.91 -11.08
CA SER A 45 6.11 -30.92 -11.15
C SER A 45 6.55 -29.55 -11.67
N ASP A 46 5.59 -28.74 -12.16
CA ASP A 46 5.81 -27.40 -12.70
C ASP A 46 6.78 -27.38 -13.88
N ASN A 47 6.57 -28.28 -14.84
CA ASN A 47 7.41 -28.38 -16.03
C ASN A 47 6.57 -28.31 -17.33
N PHE A 48 7.22 -28.46 -18.51
CA PHE A 48 6.50 -28.42 -19.78
C PHE A 48 6.38 -29.80 -20.43
N ILE A 49 6.25 -30.86 -19.60
CA ILE A 49 6.11 -32.21 -20.12
C ILE A 49 4.75 -32.34 -20.82
N THR A 50 4.75 -32.85 -22.05
CA THR A 50 3.54 -32.98 -22.83
C THR A 50 3.10 -34.43 -23.07
N HIS A 51 4.03 -35.39 -22.97
CA HIS A 51 3.69 -36.80 -23.22
C HIS A 51 4.23 -37.76 -22.17
N ILE A 52 3.43 -38.78 -21.82
CA ILE A 52 3.81 -39.82 -20.87
C ILE A 52 3.63 -41.18 -21.55
N THR A 53 4.74 -41.81 -21.94
CA THR A 53 4.71 -43.10 -22.63
C THR A 53 5.33 -44.23 -21.75
N ASN A 54 5.39 -45.48 -22.27
CA ASN A 54 5.98 -46.61 -21.55
C ASN A 54 7.52 -46.43 -21.38
N GLU A 55 8.16 -45.65 -22.27
CA GLU A 55 9.59 -45.40 -22.23
C GLU A 55 10.01 -44.21 -21.36
N SER A 56 9.04 -43.50 -20.76
CA SER A 56 9.35 -42.33 -19.93
C SER A 56 10.05 -42.75 -18.64
N PHE A 57 9.53 -43.77 -17.95
CA PHE A 57 10.14 -44.25 -16.72
C PHE A 57 10.78 -45.62 -16.94
N GLN A 58 11.67 -45.70 -17.94
CA GLN A 58 12.34 -46.94 -18.30
C GLN A 58 13.49 -47.26 -17.35
N GLY A 59 13.48 -48.46 -16.79
CA GLY A 59 14.53 -48.92 -15.88
C GLY A 59 14.42 -48.43 -14.45
N LEU A 60 13.37 -47.66 -14.13
CA LEU A 60 13.17 -47.12 -12.80
C LEU A 60 12.20 -48.02 -12.02
N GLN A 61 12.57 -49.29 -11.84
CA GLN A 61 11.75 -50.28 -11.16
C GLN A 61 11.50 -49.96 -9.68
N ASN A 62 12.43 -49.26 -9.03
CA ASN A 62 12.30 -48.92 -7.62
C ASN A 62 11.52 -47.64 -7.35
N LEU A 63 10.81 -47.09 -8.34
CA LEU A 63 10.02 -45.88 -8.15
C LEU A 63 8.71 -46.16 -7.41
N THR A 64 8.59 -45.64 -6.19
CA THR A 64 7.40 -45.80 -5.37
C THR A 64 6.50 -44.54 -5.39
N LYS A 65 7.01 -43.39 -5.84
CA LYS A 65 6.21 -42.17 -5.88
C LYS A 65 6.57 -41.28 -7.07
N ILE A 66 5.57 -40.90 -7.87
CA ILE A 66 5.77 -40.03 -9.04
C ILE A 66 4.86 -38.81 -8.95
N ASN A 67 5.44 -37.61 -8.99
CA ASN A 67 4.67 -36.38 -8.92
C ASN A 67 4.76 -35.65 -10.25
N LEU A 68 3.66 -35.61 -11.02
CA LEU A 68 3.66 -34.94 -12.31
C LEU A 68 2.61 -33.81 -12.36
N ASN A 69 2.51 -33.02 -11.28
CA ASN A 69 1.56 -31.92 -11.20
C ASN A 69 1.94 -30.75 -12.10
N HIS A 70 0.92 -30.01 -12.59
CA HIS A 70 1.07 -28.83 -13.44
C HIS A 70 1.92 -29.09 -14.68
N ASN A 71 1.50 -30.06 -15.52
CA ASN A 71 2.24 -30.40 -16.72
C ASN A 71 1.32 -30.51 -17.94
N PRO A 72 1.46 -29.62 -18.93
CA PRO A 72 2.42 -28.51 -19.00
C PRO A 72 1.91 -27.21 -18.38
N ASN A 73 2.82 -26.31 -18.01
CA ASN A 73 2.45 -25.04 -17.42
C ASN A 73 2.29 -23.93 -18.49
N VAL A 74 1.16 -23.99 -19.23
CA VAL A 74 0.80 -23.04 -20.30
C VAL A 74 1.86 -22.97 -21.40
N GLY A 87 -2.64 -29.97 -23.52
CA GLY A 87 -2.81 -30.79 -22.33
C GLY A 87 -1.73 -31.84 -22.17
N LEU A 88 -1.99 -32.86 -21.35
CA LEU A 88 -1.03 -33.93 -21.13
C LEU A 88 -1.49 -35.22 -21.79
N ASN A 89 -0.71 -35.72 -22.76
CA ASN A 89 -1.06 -36.94 -23.49
C ASN A 89 -0.39 -38.17 -22.86
N ILE A 90 -1.15 -38.94 -22.08
CA ILE A 90 -0.63 -40.14 -21.45
C ILE A 90 -1.17 -41.37 -22.17
N THR A 91 -0.29 -42.26 -22.65
CA THR A 91 -0.71 -43.46 -23.35
C THR A 91 -1.33 -44.51 -22.40
N ASP A 92 -2.10 -45.45 -22.95
CA ASP A 92 -2.74 -46.48 -22.13
C ASP A 92 -1.71 -47.46 -21.60
N GLY A 93 -1.69 -47.62 -20.28
CA GLY A 93 -0.75 -48.53 -19.61
C GLY A 93 0.67 -48.01 -19.55
N ALA A 94 0.84 -46.69 -19.53
CA ALA A 94 2.17 -46.09 -19.48
C ALA A 94 2.85 -46.23 -18.11
N PHE A 95 2.07 -46.51 -17.04
CA PHE A 95 2.61 -46.67 -15.70
C PHE A 95 2.57 -48.11 -15.18
N LEU A 96 1.98 -49.05 -15.94
CA LEU A 96 1.82 -50.45 -15.56
C LEU A 96 3.16 -51.18 -15.34
N ASN A 97 4.19 -50.80 -16.11
CA ASN A 97 5.53 -51.39 -16.02
C ASN A 97 6.25 -51.12 -14.67
N LEU A 98 5.76 -50.16 -13.88
CA LEU A 98 6.33 -49.83 -12.58
C LEU A 98 5.54 -50.55 -11.50
N LYS A 99 5.96 -51.78 -11.15
CA LYS A 99 5.30 -52.64 -10.19
C LYS A 99 5.30 -52.15 -8.73
N ASN A 100 6.20 -51.22 -8.38
CA ASN A 100 6.27 -50.71 -7.00
C ASN A 100 5.68 -49.32 -6.79
N LEU A 101 5.02 -48.76 -7.81
CA LEU A 101 4.43 -47.42 -7.71
C LEU A 101 3.24 -47.38 -6.75
N ARG A 102 3.37 -46.63 -5.65
CA ARG A 102 2.31 -46.52 -4.65
C ARG A 102 1.59 -45.18 -4.71
N GLU A 103 2.33 -44.07 -4.74
CA GLU A 103 1.72 -42.75 -4.79
C GLU A 103 1.90 -42.08 -6.15
N LEU A 104 0.80 -41.70 -6.80
CA LEU A 104 0.86 -41.05 -8.10
C LEU A 104 0.04 -39.76 -8.10
N LEU A 105 0.70 -38.62 -8.27
CA LEU A 105 0.02 -37.33 -8.28
C LEU A 105 -0.06 -36.76 -9.69
N LEU A 106 -1.28 -36.56 -10.19
CA LEU A 106 -1.54 -36.00 -11.51
C LEU A 106 -2.53 -34.84 -11.41
N GLU A 107 -2.12 -33.74 -10.79
CA GLU A 107 -2.97 -32.56 -10.62
C GLU A 107 -2.71 -31.52 -11.68
N ASP A 108 -3.76 -30.79 -12.10
CA ASP A 108 -3.69 -29.73 -13.12
C ASP A 108 -2.98 -30.18 -14.39
N ASN A 109 -3.54 -31.17 -15.09
CA ASN A 109 -2.95 -31.71 -16.31
C ASN A 109 -3.89 -31.69 -17.53
N GLN A 110 -5.13 -31.20 -17.35
CA GLN A 110 -6.15 -31.12 -18.40
C GLN A 110 -6.52 -32.48 -18.99
N LEU A 111 -6.56 -33.52 -18.14
CA LEU A 111 -6.89 -34.88 -18.58
C LEU A 111 -8.40 -34.98 -18.79
N PRO A 112 -8.84 -35.40 -19.98
CA PRO A 112 -10.30 -35.50 -20.22
C PRO A 112 -10.98 -36.70 -19.56
N GLN A 113 -10.20 -37.73 -19.20
CA GLN A 113 -10.72 -38.93 -18.54
C GLN A 113 -9.68 -39.52 -17.57
N ILE A 114 -10.10 -40.46 -16.71
CA ILE A 114 -9.18 -41.11 -15.78
C ILE A 114 -8.27 -42.02 -16.60
N PRO A 115 -6.94 -41.86 -16.47
CA PRO A 115 -6.01 -42.67 -17.28
C PRO A 115 -6.20 -44.17 -17.13
N SER A 116 -6.22 -44.88 -18.27
CA SER A 116 -6.38 -46.32 -18.29
C SER A 116 -5.03 -47.03 -18.15
N GLY A 117 -5.05 -48.27 -17.66
CA GLY A 117 -3.84 -49.05 -17.49
C GLY A 117 -3.00 -48.65 -16.29
N LEU A 118 -3.65 -48.10 -15.25
CA LEU A 118 -2.93 -47.70 -14.04
C LEU A 118 -2.56 -48.94 -13.23
N PRO A 119 -1.35 -48.95 -12.62
CA PRO A 119 -0.94 -50.15 -11.86
C PRO A 119 -1.78 -50.42 -10.62
N GLU A 120 -2.10 -51.70 -10.37
CA GLU A 120 -2.90 -52.13 -9.23
C GLU A 120 -2.24 -51.89 -7.86
N SER A 121 -0.93 -51.58 -7.85
CA SER A 121 -0.20 -51.31 -6.60
C SER A 121 -0.40 -49.89 -6.06
N LEU A 122 -1.25 -49.07 -6.70
CA LEU A 122 -1.48 -47.69 -6.28
C LEU A 122 -2.27 -47.58 -4.99
N THR A 123 -1.67 -47.01 -3.95
CA THR A 123 -2.32 -46.77 -2.67
C THR A 123 -2.77 -45.29 -2.53
N GLU A 124 -2.20 -44.38 -3.34
CA GLU A 124 -2.58 -42.96 -3.31
C GLU A 124 -2.67 -42.43 -4.72
N LEU A 125 -3.84 -41.93 -5.13
CA LEU A 125 -4.01 -41.38 -6.47
C LEU A 125 -4.72 -40.03 -6.44
N SER A 126 -4.09 -38.99 -7.01
CA SER A 126 -4.67 -37.66 -7.03
C SER A 126 -4.87 -37.16 -8.45
N LEU A 127 -6.11 -36.81 -8.80
CA LEU A 127 -6.44 -36.31 -10.13
C LEU A 127 -7.27 -35.04 -9.98
N ILE A 128 -6.73 -34.09 -9.22
CA ILE A 128 -7.37 -32.80 -8.96
C ILE A 128 -7.13 -31.82 -10.11
N GLN A 129 -8.07 -30.89 -10.34
CA GLN A 129 -8.00 -29.85 -11.37
C GLN A 129 -7.81 -30.40 -12.79
N ASN A 130 -8.66 -31.36 -13.15
CA ASN A 130 -8.61 -31.98 -14.47
C ASN A 130 -9.99 -31.88 -15.18
N ASN A 131 -10.11 -32.39 -16.41
CA ASN A 131 -11.36 -32.36 -17.15
C ASN A 131 -12.05 -33.73 -17.08
N ILE A 132 -11.90 -34.47 -15.96
CA ILE A 132 -12.51 -35.79 -15.80
C ILE A 132 -14.00 -35.65 -15.53
N TYR A 133 -14.82 -36.03 -16.51
CA TYR A 133 -16.27 -35.91 -16.36
C TYR A 133 -16.96 -37.25 -16.08
N ASN A 134 -16.26 -38.38 -16.27
CA ASN A 134 -16.81 -39.72 -16.02
C ASN A 134 -15.89 -40.53 -15.13
N ILE A 135 -16.43 -41.10 -14.05
CA ILE A 135 -15.66 -41.96 -13.13
C ILE A 135 -15.98 -43.40 -13.57
N THR A 136 -15.19 -43.92 -14.51
CA THR A 136 -15.43 -45.24 -15.08
C THR A 136 -14.77 -46.39 -14.32
N LYS A 137 -15.32 -47.60 -14.49
CA LYS A 137 -14.78 -48.81 -13.86
C LYS A 137 -13.49 -49.30 -14.58
N GLU A 138 -13.27 -48.88 -15.83
CA GLU A 138 -12.08 -49.27 -16.59
C GLU A 138 -10.78 -48.67 -16.04
N GLY A 139 -10.89 -47.51 -15.38
CA GLY A 139 -9.72 -46.86 -14.81
C GLY A 139 -9.66 -46.84 -13.30
N ILE A 140 -10.75 -47.23 -12.61
CA ILE A 140 -10.79 -47.19 -11.15
C ILE A 140 -10.92 -48.57 -10.48
N SER A 141 -11.92 -49.37 -10.89
CA SER A 141 -12.23 -50.67 -10.30
C SER A 141 -11.06 -51.66 -10.20
N ARG A 142 -10.10 -51.60 -11.12
CA ARG A 142 -8.94 -52.50 -11.08
C ARG A 142 -7.95 -52.15 -9.96
N LEU A 143 -7.98 -50.90 -9.46
CA LEU A 143 -7.09 -50.44 -8.38
C LEU A 143 -7.68 -50.83 -7.02
N ILE A 144 -7.60 -52.12 -6.67
CA ILE A 144 -8.15 -52.63 -5.40
C ILE A 144 -7.30 -52.27 -4.16
N ASN A 145 -6.10 -51.70 -4.35
CA ASN A 145 -5.24 -51.33 -3.23
C ASN A 145 -5.29 -49.84 -2.87
N LEU A 146 -6.22 -49.07 -3.46
CA LEU A 146 -6.32 -47.64 -3.20
C LEU A 146 -6.78 -47.31 -1.78
N LYS A 147 -6.08 -46.38 -1.13
CA LYS A 147 -6.39 -45.92 0.22
C LYS A 147 -6.84 -44.46 0.16
N ASN A 148 -6.17 -43.63 -0.64
CA ASN A 148 -6.52 -42.22 -0.77
C ASN A 148 -6.88 -41.88 -2.22
N LEU A 149 -8.09 -41.37 -2.45
CA LEU A 149 -8.53 -40.99 -3.79
C LEU A 149 -9.01 -39.55 -3.85
N TYR A 150 -8.24 -38.67 -4.49
CA TYR A 150 -8.58 -37.26 -4.61
C TYR A 150 -9.06 -36.96 -6.02
N LEU A 151 -10.35 -36.67 -6.19
CA LEU A 151 -10.90 -36.36 -7.51
C LEU A 151 -11.60 -35.01 -7.49
N ALA A 152 -10.98 -34.01 -6.84
CA ALA A 152 -11.56 -32.68 -6.71
C ALA A 152 -11.39 -31.79 -7.95
N TRP A 153 -12.26 -30.79 -8.12
CA TRP A 153 -12.25 -29.80 -9.22
C TRP A 153 -12.20 -30.42 -10.62
N ASN A 154 -13.28 -31.08 -11.03
CA ASN A 154 -13.34 -31.70 -12.37
C ASN A 154 -14.55 -31.21 -13.18
N CYS A 155 -15.77 -31.45 -12.67
CA CYS A 155 -16.98 -30.99 -13.33
C CYS A 155 -17.41 -29.72 -12.60
N TYR A 156 -16.49 -28.74 -12.54
CA TYR A 156 -16.68 -27.47 -11.85
C TYR A 156 -16.57 -26.31 -12.84
N CYS A 161 -19.61 -30.27 -18.70
CA CYS A 161 -20.57 -31.22 -18.12
C CYS A 161 -21.51 -30.56 -17.14
N GLU A 162 -22.78 -30.97 -17.14
CA GLU A 162 -23.78 -30.47 -16.20
C GLU A 162 -23.70 -31.25 -14.87
N LYS A 163 -23.26 -32.51 -14.91
CA LYS A 163 -23.12 -33.37 -13.73
C LYS A 163 -22.00 -34.41 -13.95
N THR A 164 -21.40 -34.86 -12.85
CA THR A 164 -20.33 -35.86 -12.93
C THR A 164 -20.97 -37.22 -13.08
N ASN A 165 -20.51 -38.01 -14.06
CA ASN A 165 -21.05 -39.34 -14.29
C ASN A 165 -20.33 -40.38 -13.44
N ILE A 166 -20.83 -40.64 -12.24
CA ILE A 166 -20.24 -41.63 -11.35
C ILE A 166 -20.94 -42.96 -11.54
N GLU A 167 -20.21 -43.95 -12.07
CA GLU A 167 -20.77 -45.28 -12.33
C GLU A 167 -21.25 -45.95 -11.05
N ASP A 168 -22.40 -46.64 -11.12
CA ASP A 168 -22.99 -47.30 -9.97
C ASP A 168 -22.11 -48.45 -9.50
N GLY A 169 -21.55 -48.31 -8.31
CA GLY A 169 -20.68 -49.34 -7.73
C GLY A 169 -19.25 -49.27 -8.19
N VAL A 170 -18.80 -48.09 -8.66
CA VAL A 170 -17.41 -47.91 -9.10
C VAL A 170 -16.43 -47.95 -7.92
N PHE A 171 -16.89 -47.56 -6.71
CA PHE A 171 -16.06 -47.57 -5.51
C PHE A 171 -16.26 -48.82 -4.62
N GLU A 172 -17.25 -49.67 -4.93
CA GLU A 172 -17.55 -50.88 -4.16
C GLU A 172 -16.40 -51.89 -4.18
N THR A 173 -15.68 -51.97 -5.32
CA THR A 173 -14.55 -52.88 -5.46
C THR A 173 -13.32 -52.42 -4.65
N LEU A 174 -13.21 -51.11 -4.38
CA LEU A 174 -12.10 -50.52 -3.62
C LEU A 174 -12.31 -50.76 -2.12
N THR A 175 -12.15 -52.01 -1.68
CA THR A 175 -12.36 -52.45 -0.29
C THR A 175 -11.33 -51.91 0.72
N ASN A 176 -10.29 -51.21 0.25
CA ASN A 176 -9.28 -50.65 1.14
C ASN A 176 -9.30 -49.12 1.20
N LEU A 177 -10.26 -48.46 0.52
CA LEU A 177 -10.35 -47.00 0.47
C LEU A 177 -10.68 -46.38 1.81
N GLU A 178 -9.81 -45.50 2.30
CA GLU A 178 -9.99 -44.80 3.57
C GLU A 178 -10.37 -43.34 3.38
N LEU A 179 -9.97 -42.72 2.25
CA LEU A 179 -10.28 -41.33 1.98
C LEU A 179 -10.81 -41.14 0.56
N LEU A 180 -11.98 -40.53 0.43
CA LEU A 180 -12.56 -40.25 -0.88
C LEU A 180 -12.95 -38.78 -0.96
N SER A 181 -12.24 -38.00 -1.78
CA SER A 181 -12.53 -36.58 -1.90
C SER A 181 -13.13 -36.23 -3.26
N LEU A 182 -14.46 -36.06 -3.31
CA LEU A 182 -15.13 -35.70 -4.56
C LEU A 182 -15.60 -34.23 -4.55
N SER A 183 -14.95 -33.36 -3.75
CA SER A 183 -15.27 -31.95 -3.60
C SER A 183 -15.14 -31.15 -4.90
N PHE A 184 -15.87 -30.03 -4.99
CA PHE A 184 -15.88 -29.12 -6.13
C PHE A 184 -16.21 -29.81 -7.44
N ASN A 185 -17.36 -30.49 -7.47
CA ASN A 185 -17.86 -31.23 -8.63
C ASN A 185 -19.39 -31.18 -8.61
N SER A 186 -20.02 -31.06 -9.79
CA SER A 186 -21.48 -31.05 -9.86
C SER A 186 -22.01 -32.47 -9.63
N LEU A 187 -22.29 -32.82 -8.37
CA LEU A 187 -22.77 -34.17 -8.04
C LEU A 187 -24.28 -34.26 -7.92
N SER A 188 -24.90 -33.32 -7.17
CA SER A 188 -26.34 -33.23 -6.90
C SER A 188 -26.86 -34.30 -5.93
N HIS A 189 -26.33 -35.52 -6.01
CA HIS A 189 -26.71 -36.62 -5.14
C HIS A 189 -25.47 -37.36 -4.64
N VAL A 190 -25.52 -37.90 -3.41
CA VAL A 190 -24.41 -38.64 -2.83
C VAL A 190 -24.24 -39.95 -3.59
N PRO A 191 -23.01 -40.25 -4.07
CA PRO A 191 -22.80 -41.47 -4.86
C PRO A 191 -23.19 -42.74 -4.11
N PRO A 192 -24.04 -43.58 -4.73
CA PRO A 192 -24.45 -44.82 -4.07
C PRO A 192 -23.35 -45.89 -4.09
N LYS A 193 -23.52 -46.94 -3.27
CA LYS A 193 -22.59 -48.07 -3.14
C LYS A 193 -21.16 -47.62 -2.82
N LEU A 194 -20.94 -47.12 -1.60
CA LEU A 194 -19.61 -46.66 -1.15
C LEU A 194 -18.95 -47.72 -0.27
N PRO A 195 -17.61 -47.86 -0.30
CA PRO A 195 -16.96 -48.90 0.50
C PRO A 195 -17.05 -48.68 2.02
N SER A 196 -17.37 -49.75 2.77
CA SER A 196 -17.49 -49.71 4.23
C SER A 196 -16.20 -49.31 4.96
N SER A 197 -15.05 -49.45 4.29
CA SER A 197 -13.75 -49.10 4.85
C SER A 197 -13.51 -47.59 4.94
N LEU A 198 -14.34 -46.76 4.27
CA LEU A 198 -14.21 -45.30 4.25
C LEU A 198 -14.18 -44.66 5.64
N ARG A 199 -13.22 -43.78 5.86
CA ARG A 199 -13.08 -43.06 7.12
C ARG A 199 -13.11 -41.53 6.93
N LYS A 200 -12.84 -41.02 5.72
CA LYS A 200 -12.86 -39.58 5.44
C LYS A 200 -13.59 -39.31 4.13
N LEU A 201 -14.80 -38.78 4.21
CA LEU A 201 -15.59 -38.47 3.01
C LEU A 201 -15.73 -36.96 2.82
N PHE A 202 -15.11 -36.43 1.77
CA PHE A 202 -15.16 -35.00 1.48
C PHE A 202 -16.09 -34.73 0.30
N LEU A 203 -17.15 -33.95 0.53
CA LEU A 203 -18.12 -33.62 -0.52
C LEU A 203 -18.46 -32.13 -0.47
N SER A 204 -17.44 -31.27 -0.33
CA SER A 204 -17.65 -29.82 -0.29
C SER A 204 -17.98 -29.25 -1.66
N ASN A 205 -18.87 -28.24 -1.74
CA ASN A 205 -19.30 -27.59 -2.97
C ASN A 205 -19.68 -28.60 -4.07
N THR A 206 -20.54 -29.55 -3.72
CA THR A 206 -20.95 -30.61 -4.64
C THR A 206 -22.39 -30.49 -5.17
N GLN A 207 -23.07 -29.37 -4.89
CA GLN A 207 -24.43 -29.07 -5.32
C GLN A 207 -25.46 -30.09 -4.82
N ILE A 208 -25.19 -30.75 -3.70
CA ILE A 208 -26.11 -31.71 -3.11
C ILE A 208 -27.04 -30.96 -2.16
N LYS A 209 -28.28 -30.71 -2.59
CA LYS A 209 -29.24 -29.95 -1.78
C LYS A 209 -30.05 -30.80 -0.80
N TYR A 210 -30.00 -32.13 -0.92
CA TYR A 210 -30.76 -33.01 -0.03
C TYR A 210 -29.94 -34.21 0.43
N ILE A 211 -29.94 -34.48 1.74
CA ILE A 211 -29.23 -35.61 2.32
C ILE A 211 -30.26 -36.56 2.94
N SER A 212 -30.26 -37.83 2.52
CA SER A 212 -31.19 -38.83 3.04
C SER A 212 -30.51 -39.84 3.99
N GLU A 213 -31.29 -40.72 4.64
CA GLU A 213 -30.78 -41.73 5.55
C GLU A 213 -29.94 -42.79 4.82
N GLU A 214 -30.30 -43.11 3.57
CA GLU A 214 -29.62 -44.13 2.79
C GLU A 214 -28.30 -43.69 2.15
N ASP A 215 -27.94 -42.41 2.25
CA ASP A 215 -26.69 -41.91 1.65
C ASP A 215 -25.44 -42.43 2.35
N PHE A 216 -25.54 -42.65 3.67
CA PHE A 216 -24.41 -43.13 4.46
C PHE A 216 -24.86 -44.38 5.23
N LYS A 217 -25.43 -45.35 4.51
CA LYS A 217 -25.93 -46.57 5.13
C LYS A 217 -24.83 -47.47 5.71
N GLY A 218 -23.90 -47.93 4.88
CA GLY A 218 -22.83 -48.80 5.33
C GLY A 218 -21.51 -48.10 5.58
N LEU A 219 -21.54 -46.97 6.30
CA LEU A 219 -20.33 -46.21 6.60
C LEU A 219 -20.17 -46.06 8.12
N ILE A 220 -20.20 -47.19 8.84
CA ILE A 220 -20.08 -47.17 10.30
C ILE A 220 -18.67 -46.82 10.81
N ASN A 221 -17.64 -46.91 9.94
CA ASN A 221 -16.27 -46.56 10.33
C ASN A 221 -15.86 -45.14 9.88
N LEU A 222 -16.81 -44.31 9.44
CA LEU A 222 -16.53 -42.96 8.96
C LEU A 222 -16.23 -42.01 10.11
N THR A 223 -15.06 -41.37 10.08
CA THR A 223 -14.62 -40.42 11.10
C THR A 223 -14.69 -38.95 10.64
N LEU A 224 -14.89 -38.70 9.33
CA LEU A 224 -14.98 -37.34 8.82
C LEU A 224 -16.02 -37.22 7.72
N LEU A 225 -16.90 -36.23 7.82
CA LEU A 225 -17.89 -35.98 6.77
C LEU A 225 -17.89 -34.49 6.44
N ASP A 226 -17.56 -34.16 5.19
CA ASP A 226 -17.53 -32.78 4.74
C ASP A 226 -18.70 -32.55 3.81
N LEU A 227 -19.66 -31.73 4.23
CA LEU A 227 -20.81 -31.38 3.38
C LEU A 227 -20.95 -29.87 3.20
N SER A 228 -19.84 -29.12 3.36
CA SER A 228 -19.83 -27.67 3.26
C SER A 228 -20.05 -27.16 1.83
N GLY A 229 -20.49 -25.91 1.70
CA GLY A 229 -20.70 -25.30 0.39
C GLY A 229 -21.89 -25.79 -0.40
N ASN A 230 -22.81 -26.50 0.26
CA ASN A 230 -24.03 -27.00 -0.39
C ASN A 230 -25.15 -26.12 0.10
N CYS A 231 -25.69 -25.27 -0.80
CA CYS A 231 -26.66 -24.20 -0.53
C CYS A 231 -25.90 -23.14 0.26
N PRO A 232 -24.90 -22.47 -0.36
CA PRO A 232 -24.04 -21.58 0.40
C PRO A 232 -24.54 -20.17 0.65
N ARG A 233 -23.89 -19.54 1.65
CA ARG A 233 -24.06 -18.14 2.01
C ARG A 233 -22.81 -17.50 1.44
N CYS A 234 -22.94 -16.82 0.29
CA CYS A 234 -21.80 -16.25 -0.42
C CYS A 234 -21.15 -15.08 0.28
N PHE A 235 -19.99 -15.34 0.90
CA PHE A 235 -19.23 -14.34 1.61
C PHE A 235 -17.74 -14.53 1.33
N ASN A 236 -17.17 -13.63 0.51
CA ASN A 236 -15.76 -13.60 0.14
C ASN A 236 -15.21 -14.97 -0.27
N ALA A 237 -15.94 -15.68 -1.14
CA ALA A 237 -15.52 -17.00 -1.58
C ALA A 237 -14.45 -16.88 -2.66
N PRO A 238 -13.35 -17.65 -2.55
CA PRO A 238 -12.31 -17.60 -3.59
C PRO A 238 -12.63 -18.44 -4.84
N PHE A 239 -13.80 -19.08 -4.86
CA PHE A 239 -14.32 -19.94 -5.93
C PHE A 239 -15.77 -19.51 -6.27
N PRO A 240 -16.34 -19.93 -7.42
CA PRO A 240 -17.72 -19.51 -7.74
C PRO A 240 -18.74 -19.90 -6.67
N CYS A 241 -19.67 -18.99 -6.35
CA CYS A 241 -20.65 -19.22 -5.31
C CYS A 241 -22.05 -18.88 -5.78
N VAL A 242 -22.98 -19.84 -5.73
CA VAL A 242 -24.35 -19.60 -6.14
C VAL A 242 -25.34 -20.15 -5.12
N PRO A 243 -26.24 -19.31 -4.58
CA PRO A 243 -27.20 -19.79 -3.57
C PRO A 243 -28.24 -20.78 -4.12
N CYS A 244 -28.97 -21.44 -3.21
CA CYS A 244 -29.96 -22.46 -3.57
C CYS A 244 -31.34 -21.93 -3.99
N ASP A 245 -31.41 -20.76 -4.63
CA ASP A 245 -32.67 -20.18 -5.09
C ASP A 245 -33.72 -20.02 -3.98
N GLY A 246 -33.99 -18.78 -3.60
CA GLY A 246 -34.96 -18.50 -2.56
C GLY A 246 -34.43 -18.79 -1.16
N GLY A 247 -33.13 -18.57 -0.97
CA GLY A 247 -32.44 -18.76 0.29
C GLY A 247 -32.66 -20.12 0.93
N ALA A 248 -32.73 -21.18 0.12
CA ALA A 248 -32.96 -22.52 0.63
C ALA A 248 -31.75 -23.08 1.35
N SER A 249 -32.00 -23.87 2.38
CA SER A 249 -30.96 -24.52 3.18
C SER A 249 -30.75 -25.98 2.73
N ILE A 250 -29.64 -26.60 3.15
CA ILE A 250 -29.41 -28.01 2.83
C ILE A 250 -30.42 -28.83 3.63
N ASN A 251 -31.13 -29.74 2.96
CA ASN A 251 -32.15 -30.54 3.62
C ASN A 251 -31.60 -31.86 4.13
N ILE A 252 -31.07 -31.87 5.37
CA ILE A 252 -30.54 -33.09 5.95
C ILE A 252 -31.64 -33.82 6.72
N ASP A 253 -31.83 -35.11 6.41
CA ASP A 253 -32.83 -35.97 7.03
C ASP A 253 -32.60 -36.09 8.55
N ARG A 254 -33.68 -36.38 9.30
CA ARG A 254 -33.58 -36.52 10.76
C ARG A 254 -32.68 -37.70 11.16
N PHE A 255 -32.66 -38.77 10.34
CA PHE A 255 -31.83 -39.95 10.62
C PHE A 255 -30.71 -40.12 9.59
N ALA A 256 -30.23 -39.02 8.99
CA ALA A 256 -29.18 -39.09 7.99
C ALA A 256 -27.84 -39.52 8.60
N PHE A 257 -27.58 -39.12 9.85
CA PHE A 257 -26.33 -39.50 10.52
C PHE A 257 -26.59 -40.50 11.65
N GLN A 258 -27.59 -41.38 11.48
CA GLN A 258 -27.96 -42.35 12.51
C GLN A 258 -26.96 -43.50 12.64
N ASN A 259 -26.30 -43.88 11.54
CA ASN A 259 -25.32 -44.97 11.59
C ASN A 259 -23.87 -44.51 11.51
N LEU A 260 -23.61 -43.22 11.81
CA LEU A 260 -22.25 -42.67 11.78
C LEU A 260 -21.79 -42.50 13.24
N THR A 261 -21.66 -43.61 13.96
CA THR A 261 -21.29 -43.61 15.37
C THR A 261 -19.84 -43.20 15.62
N GLN A 262 -18.95 -43.39 14.65
CA GLN A 262 -17.54 -43.05 14.82
C GLN A 262 -17.16 -41.67 14.25
N LEU A 263 -18.15 -40.81 13.94
CA LEU A 263 -17.88 -39.50 13.38
C LEU A 263 -17.20 -38.55 14.37
N ARG A 264 -16.05 -37.99 13.97
CA ARG A 264 -15.27 -37.04 14.77
C ARG A 264 -15.25 -35.65 14.15
N TYR A 265 -15.36 -35.55 12.82
CA TYR A 265 -15.30 -34.26 12.15
C TYR A 265 -16.52 -34.05 11.25
N LEU A 266 -17.24 -32.95 11.45
CA LEU A 266 -18.41 -32.63 10.63
C LEU A 266 -18.32 -31.21 10.13
N ASN A 267 -18.27 -31.03 8.80
CA ASN A 267 -18.18 -29.71 8.21
C ASN A 267 -19.47 -29.32 7.50
N LEU A 268 -20.28 -28.48 8.14
CA LEU A 268 -21.52 -27.99 7.55
C LEU A 268 -21.45 -26.48 7.32
N SER A 269 -20.26 -25.99 6.92
CA SER A 269 -20.05 -24.56 6.65
C SER A 269 -20.71 -24.16 5.36
N SER A 270 -21.20 -22.92 5.28
CA SER A 270 -21.86 -22.39 4.07
C SER A 270 -22.96 -23.32 3.54
N THR A 271 -23.91 -23.65 4.41
CA THR A 271 -25.03 -24.51 4.02
C THR A 271 -26.40 -23.84 4.23
N SER A 272 -26.42 -22.48 4.40
CA SER A 272 -27.58 -21.64 4.63
C SER A 272 -28.53 -22.13 5.72
N LEU A 273 -27.99 -22.91 6.67
CA LEU A 273 -28.75 -23.49 7.77
C LEU A 273 -29.34 -22.42 8.69
N ARG A 274 -30.66 -22.46 8.88
CA ARG A 274 -31.35 -21.54 9.78
C ARG A 274 -31.95 -22.27 11.00
N LYS A 275 -31.61 -23.56 11.21
CA LYS A 275 -32.09 -24.43 12.27
C LYS A 275 -31.25 -25.70 12.28
N ILE A 276 -30.78 -26.14 13.46
CA ILE A 276 -29.96 -27.35 13.60
C ILE A 276 -30.76 -28.39 14.36
N ASN A 277 -31.10 -29.50 13.70
CA ASN A 277 -31.86 -30.56 14.34
C ASN A 277 -30.97 -31.31 15.33
N ALA A 278 -31.39 -31.38 16.60
CA ALA A 278 -30.64 -32.04 17.67
C ALA A 278 -30.51 -33.54 17.47
N ALA A 279 -31.45 -34.16 16.74
CA ALA A 279 -31.44 -35.59 16.44
C ALA A 279 -30.29 -36.02 15.51
N TRP A 280 -29.64 -35.07 14.83
CA TRP A 280 -28.50 -35.38 13.95
C TRP A 280 -27.32 -35.94 14.76
N PHE A 281 -27.16 -35.50 16.01
CA PHE A 281 -26.07 -35.93 16.89
C PHE A 281 -26.57 -36.90 17.97
N LYS A 282 -27.59 -37.71 17.69
CA LYS A 282 -28.14 -38.64 18.68
C LYS A 282 -27.21 -39.83 18.93
N ASN A 283 -26.60 -40.38 17.87
CA ASN A 283 -25.70 -41.51 18.01
C ASN A 283 -24.28 -41.11 17.60
N MET A 284 -23.88 -39.88 17.91
CA MET A 284 -22.56 -39.35 17.56
C MET A 284 -21.89 -38.83 18.85
N PRO A 285 -21.40 -39.72 19.73
CA PRO A 285 -20.79 -39.25 20.99
C PRO A 285 -19.31 -38.90 20.92
N HIS A 286 -18.65 -39.19 19.79
CA HIS A 286 -17.22 -38.91 19.65
C HIS A 286 -16.91 -37.65 18.85
N LEU A 287 -17.95 -36.90 18.38
CA LEU A 287 -17.76 -35.69 17.58
C LEU A 287 -16.85 -34.69 18.28
N LYS A 288 -15.69 -34.43 17.67
CA LYS A 288 -14.65 -33.56 18.20
C LYS A 288 -14.63 -32.18 17.55
N VAL A 289 -14.83 -32.09 16.22
CA VAL A 289 -14.82 -30.81 15.53
C VAL A 289 -16.12 -30.57 14.76
N LEU A 290 -16.83 -29.48 15.06
CA LEU A 290 -18.07 -29.14 14.35
C LEU A 290 -17.93 -27.77 13.71
N ASP A 291 -18.02 -27.73 12.37
CA ASP A 291 -17.91 -26.48 11.63
C ASP A 291 -19.29 -26.01 11.17
N LEU A 292 -19.71 -24.81 11.60
CA LEU A 292 -21.02 -24.26 11.24
C LEU A 292 -20.93 -22.79 10.80
N GLU A 293 -19.81 -22.37 10.21
CA GLU A 293 -19.63 -21.00 9.73
C GLU A 293 -20.47 -20.71 8.50
N PHE A 294 -20.73 -19.42 8.23
CA PHE A 294 -21.45 -18.95 7.05
C PHE A 294 -22.84 -19.55 6.92
N ASN A 295 -23.58 -19.52 8.01
CA ASN A 295 -24.97 -19.97 8.07
C ASN A 295 -25.84 -18.82 8.66
N TYR A 296 -27.08 -19.09 9.09
CA TYR A 296 -27.94 -18.05 9.65
C TYR A 296 -28.40 -18.54 11.01
N LEU A 297 -27.45 -18.91 11.87
CA LEU A 297 -27.75 -19.50 13.16
C LEU A 297 -27.76 -18.54 14.35
N VAL A 298 -28.16 -17.26 14.17
CA VAL A 298 -28.25 -16.34 15.31
C VAL A 298 -29.30 -16.83 16.33
N GLY A 299 -30.42 -17.33 15.82
CA GLY A 299 -31.49 -17.88 16.64
C GLY A 299 -31.07 -19.18 17.28
N GLU A 300 -30.34 -20.02 16.55
CA GLU A 300 -29.84 -21.29 17.09
C GLU A 300 -28.77 -21.10 18.15
N ILE A 301 -28.03 -19.99 18.13
CA ILE A 301 -27.03 -19.71 19.16
C ILE A 301 -27.73 -19.26 20.48
N ALA A 302 -28.92 -18.64 20.37
CA ALA A 302 -29.71 -18.18 21.52
C ALA A 302 -30.50 -19.32 22.17
N SER A 303 -30.94 -20.32 21.40
CA SER A 303 -31.72 -21.42 21.94
C SER A 303 -30.86 -22.69 22.12
N GLY A 304 -30.21 -23.11 21.04
CA GLY A 304 -29.30 -24.24 21.01
C GLY A 304 -29.74 -25.56 21.60
N ALA A 305 -30.66 -26.27 20.94
CA ALA A 305 -31.11 -27.57 21.43
C ALA A 305 -30.03 -28.64 21.19
N PHE A 306 -29.32 -28.53 20.04
CA PHE A 306 -28.26 -29.44 19.64
C PHE A 306 -27.02 -29.40 20.55
N LEU A 307 -26.86 -28.32 21.34
CA LEU A 307 -25.69 -28.16 22.22
C LEU A 307 -25.61 -29.19 23.33
N THR A 308 -26.77 -29.71 23.76
CA THR A 308 -26.80 -30.75 24.79
C THR A 308 -26.44 -32.16 24.24
N MET A 309 -26.20 -32.28 22.93
CA MET A 309 -25.85 -33.53 22.25
C MET A 309 -24.35 -33.64 21.92
N LEU A 310 -23.53 -32.67 22.33
CA LEU A 310 -22.10 -32.69 22.02
C LEU A 310 -21.23 -32.63 23.29
N PRO A 311 -21.16 -33.71 24.09
CA PRO A 311 -20.36 -33.67 25.32
C PRO A 311 -18.85 -33.83 25.10
N ARG A 312 -18.43 -34.31 23.92
CA ARG A 312 -17.00 -34.48 23.65
C ARG A 312 -16.45 -33.54 22.57
N LEU A 313 -17.22 -32.51 22.18
CA LEU A 313 -16.82 -31.54 21.15
C LEU A 313 -15.74 -30.63 21.69
N GLU A 314 -14.67 -30.44 20.94
CA GLU A 314 -13.56 -29.58 21.34
C GLU A 314 -13.48 -28.30 20.52
N ILE A 315 -13.80 -28.38 19.22
CA ILE A 315 -13.75 -27.21 18.36
C ILE A 315 -15.12 -26.91 17.78
N LEU A 316 -15.73 -25.80 18.20
CA LEU A 316 -17.02 -25.38 17.66
C LEU A 316 -16.78 -24.06 16.97
N ASP A 317 -17.20 -23.96 15.71
CA ASP A 317 -17.01 -22.73 14.96
C ASP A 317 -18.34 -22.24 14.42
N LEU A 318 -18.81 -21.10 14.94
CA LEU A 318 -20.07 -20.49 14.50
C LEU A 318 -19.79 -19.09 13.93
N SER A 319 -18.71 -18.96 13.15
CA SER A 319 -18.33 -17.68 12.58
C SER A 319 -19.19 -17.24 11.39
N PHE A 320 -19.27 -15.92 11.18
CA PHE A 320 -20.00 -15.26 10.12
C PHE A 320 -21.40 -15.79 9.94
N ASN A 321 -22.14 -15.83 11.04
CA ASN A 321 -23.54 -16.25 11.06
C ASN A 321 -24.51 -15.07 11.26
N TYR A 322 -24.01 -13.82 11.22
CA TYR A 322 -24.73 -12.56 11.44
C TYR A 322 -26.02 -12.37 10.65
N ILE A 323 -26.91 -11.51 11.16
CA ILE A 323 -28.14 -11.13 10.48
C ILE A 323 -27.80 -9.86 9.71
N LYS A 324 -27.92 -9.89 8.38
CA LYS A 324 -27.57 -8.73 7.56
C LYS A 324 -28.41 -7.50 7.93
N GLY A 325 -27.73 -6.40 8.21
CA GLY A 325 -28.39 -5.15 8.59
C GLY A 325 -28.74 -5.03 10.06
N SER A 326 -28.28 -5.98 10.88
CA SER A 326 -28.55 -5.97 12.31
C SER A 326 -27.28 -5.73 13.10
N TYR A 327 -27.35 -4.85 14.10
CA TYR A 327 -26.22 -4.55 14.98
C TYR A 327 -26.76 -4.60 16.42
N PRO A 328 -27.00 -5.80 16.96
CA PRO A 328 -27.57 -5.91 18.30
C PRO A 328 -26.64 -5.41 19.41
N GLN A 329 -27.22 -5.02 20.54
CA GLN A 329 -26.44 -4.53 21.67
C GLN A 329 -25.62 -5.63 22.30
N HIS A 330 -26.15 -6.85 22.37
CA HIS A 330 -25.44 -7.95 23.03
C HIS A 330 -25.46 -9.26 22.24
N ILE A 331 -24.53 -10.18 22.56
CA ILE A 331 -24.50 -11.50 21.95
C ILE A 331 -25.39 -12.45 22.79
N ASN A 332 -26.32 -13.16 22.13
CA ASN A 332 -27.21 -14.06 22.86
C ASN A 332 -26.69 -15.48 22.86
N ILE A 333 -25.97 -15.84 23.93
CA ILE A 333 -25.39 -17.18 24.08
C ILE A 333 -26.32 -18.03 24.94
N SER A 334 -26.78 -19.17 24.42
CA SER A 334 -27.70 -20.06 25.14
C SER A 334 -27.06 -20.66 26.37
N ARG A 335 -27.88 -20.96 27.39
CA ARG A 335 -27.39 -21.62 28.61
C ARG A 335 -26.83 -23.01 28.28
N ASN A 336 -27.37 -23.68 27.24
CA ASN A 336 -26.93 -25.00 26.79
C ASN A 336 -25.46 -25.04 26.33
N PHE A 337 -24.80 -23.88 26.21
CA PHE A 337 -23.37 -23.83 25.90
C PHE A 337 -22.55 -24.42 27.08
N SER A 338 -23.13 -24.45 28.31
CA SER A 338 -22.53 -25.06 29.49
C SER A 338 -22.41 -26.59 29.40
N LYS A 339 -23.17 -27.22 28.48
CA LYS A 339 -23.15 -28.65 28.26
C LYS A 339 -22.01 -29.10 27.29
N LEU A 340 -21.17 -28.17 26.82
CA LEU A 340 -20.04 -28.49 25.96
C LEU A 340 -18.81 -28.62 26.86
N LEU A 341 -18.85 -29.60 27.77
CA LEU A 341 -17.81 -29.84 28.77
C LEU A 341 -16.39 -30.08 28.23
N SER A 342 -16.25 -30.67 27.04
CA SER A 342 -14.92 -30.94 26.47
C SER A 342 -14.40 -29.82 25.56
N LEU A 343 -15.13 -28.70 25.43
CA LEU A 343 -14.76 -27.60 24.53
C LEU A 343 -13.42 -26.97 24.85
N ARG A 344 -12.56 -26.83 23.82
CA ARG A 344 -11.24 -26.23 23.92
C ARG A 344 -11.16 -24.91 23.12
N ALA A 345 -11.95 -24.76 22.06
CA ALA A 345 -11.91 -23.57 21.24
C ALA A 345 -13.27 -23.19 20.69
N LEU A 346 -13.65 -21.92 20.86
CA LEU A 346 -14.92 -21.43 20.34
C LEU A 346 -14.64 -20.26 19.40
N HIS A 347 -15.04 -20.37 18.15
CA HIS A 347 -14.81 -19.31 17.17
C HIS A 347 -16.14 -18.62 16.85
N LEU A 348 -16.29 -17.38 17.31
CA LEU A 348 -17.50 -16.60 17.11
C LEU A 348 -17.24 -15.31 16.33
N ARG A 349 -16.45 -15.40 15.25
CA ARG A 349 -16.18 -14.23 14.40
C ARG A 349 -17.45 -13.83 13.66
N GLY A 350 -17.50 -12.59 13.17
CA GLY A 350 -18.62 -12.11 12.38
C GLY A 350 -20.03 -12.34 12.88
N TYR A 351 -20.24 -12.25 14.20
CA TYR A 351 -21.60 -12.34 14.77
C TYR A 351 -22.22 -10.94 14.67
N VAL A 352 -21.41 -9.88 14.90
CA VAL A 352 -21.72 -8.45 14.86
C VAL A 352 -22.58 -8.06 16.04
N PHE A 353 -21.97 -7.40 17.03
CA PHE A 353 -22.66 -6.92 18.22
C PHE A 353 -21.91 -5.75 18.87
N GLN A 354 -22.63 -4.90 19.61
CA GLN A 354 -22.06 -3.67 20.15
C GLN A 354 -21.35 -3.76 21.49
N GLU A 355 -21.75 -4.69 22.36
CA GLU A 355 -21.18 -4.74 23.71
C GLU A 355 -21.07 -6.14 24.28
N LEU A 356 -19.93 -6.47 24.88
CA LEU A 356 -19.76 -7.76 25.53
C LEU A 356 -19.77 -7.60 27.05
N ARG A 357 -20.86 -8.04 27.70
CA ARG A 357 -20.97 -7.96 29.16
C ARG A 357 -20.62 -9.29 29.83
N GLU A 358 -20.30 -9.27 31.13
CA GLU A 358 -19.94 -10.47 31.89
C GLU A 358 -21.08 -11.51 31.88
N ASP A 359 -22.33 -11.04 32.04
CA ASP A 359 -23.49 -11.92 32.04
C ASP A 359 -23.70 -12.68 30.73
N ASP A 360 -23.29 -12.08 29.61
CA ASP A 360 -23.47 -12.70 28.29
C ASP A 360 -22.65 -13.96 28.10
N PHE A 361 -21.43 -13.99 28.66
CA PHE A 361 -20.56 -15.16 28.54
C PHE A 361 -20.61 -16.07 29.76
N GLN A 362 -21.73 -16.05 30.51
CA GLN A 362 -21.92 -16.89 31.69
C GLN A 362 -21.93 -18.40 31.37
N PRO A 363 -22.56 -18.88 30.26
CA PRO A 363 -22.54 -20.32 29.97
C PRO A 363 -21.18 -20.90 29.60
N LEU A 364 -20.17 -20.05 29.35
CA LEU A 364 -18.85 -20.52 28.97
C LEU A 364 -17.84 -20.53 30.12
N MET A 365 -18.13 -19.78 31.20
CA MET A 365 -17.22 -19.61 32.34
C MET A 365 -16.92 -20.88 33.14
N GLN A 366 -17.76 -21.91 33.04
CA GLN A 366 -17.53 -23.15 33.79
C GLN A 366 -16.99 -24.30 32.91
N LEU A 367 -16.57 -24.01 31.67
CA LEU A 367 -15.99 -25.03 30.80
C LEU A 367 -14.51 -25.14 31.16
N PRO A 368 -14.08 -26.34 31.60
CA PRO A 368 -12.69 -26.48 32.09
C PRO A 368 -11.60 -26.39 31.04
N ASN A 369 -11.86 -26.86 29.82
CA ASN A 369 -10.83 -26.88 28.79
C ASN A 369 -10.88 -25.72 27.81
N LEU A 370 -11.86 -24.81 27.91
CA LEU A 370 -11.98 -23.68 27.00
C LEU A 370 -10.79 -22.73 27.09
N SER A 371 -9.87 -22.86 26.14
CA SER A 371 -8.66 -22.06 26.12
C SER A 371 -8.63 -21.01 25.02
N THR A 372 -9.46 -21.15 23.97
CA THR A 372 -9.48 -20.19 22.87
C THR A 372 -10.86 -19.57 22.62
N ILE A 373 -10.93 -18.23 22.61
CA ILE A 373 -12.15 -17.51 22.29
C ILE A 373 -11.84 -16.58 21.13
N ASN A 374 -12.44 -16.86 19.99
CA ASN A 374 -12.22 -16.09 18.77
C ASN A 374 -13.36 -15.10 18.55
N LEU A 375 -13.17 -13.83 18.92
CA LEU A 375 -14.20 -12.83 18.71
C LEU A 375 -13.75 -11.76 17.71
N GLY A 376 -13.02 -12.19 16.69
CA GLY A 376 -12.53 -11.28 15.66
C GLY A 376 -13.62 -10.81 14.72
N ILE A 377 -13.45 -9.60 14.16
CA ILE A 377 -14.39 -9.00 13.21
C ILE A 377 -15.83 -9.01 13.74
N ASN A 378 -16.06 -8.41 14.91
CA ASN A 378 -17.39 -8.34 15.52
C ASN A 378 -17.89 -6.91 15.71
N PHE A 379 -17.02 -5.91 15.51
CA PHE A 379 -17.30 -4.48 15.66
C PHE A 379 -17.78 -4.11 17.06
N ILE A 380 -17.30 -4.83 18.09
CA ILE A 380 -17.69 -4.60 19.48
C ILE A 380 -17.15 -3.27 19.94
N LYS A 381 -18.02 -2.38 20.43
CA LYS A 381 -17.61 -1.05 20.88
C LYS A 381 -17.09 -1.07 22.31
N GLN A 382 -17.69 -1.89 23.18
CA GLN A 382 -17.29 -1.94 24.58
C GLN A 382 -17.24 -3.36 25.15
N ILE A 383 -16.15 -3.70 25.84
CA ILE A 383 -16.02 -5.02 26.44
C ILE A 383 -15.72 -4.86 27.93
N ASP A 384 -16.41 -5.63 28.78
CA ASP A 384 -16.14 -5.61 30.21
C ASP A 384 -15.01 -6.63 30.40
N PHE A 385 -13.75 -6.18 30.25
CA PHE A 385 -12.57 -7.03 30.33
C PHE A 385 -12.44 -7.85 31.63
N LYS A 386 -13.24 -7.51 32.65
CA LYS A 386 -13.27 -8.23 33.92
C LYS A 386 -13.75 -9.67 33.74
N LEU A 387 -14.69 -9.88 32.80
CA LEU A 387 -15.30 -11.20 32.53
C LEU A 387 -14.29 -12.30 32.24
N PHE A 388 -13.13 -11.95 31.70
CA PHE A 388 -12.10 -12.93 31.37
C PHE A 388 -11.41 -13.54 32.59
N GLN A 389 -11.59 -12.96 33.79
CA GLN A 389 -11.03 -13.52 35.02
C GLN A 389 -11.83 -14.74 35.51
N ASN A 390 -13.15 -14.74 35.24
CA ASN A 390 -14.08 -15.81 35.59
C ASN A 390 -13.81 -17.12 34.82
N PHE A 391 -13.07 -17.07 33.71
CA PHE A 391 -12.76 -18.27 32.93
C PHE A 391 -11.68 -19.08 33.62
N SER A 392 -11.85 -20.40 33.65
CA SER A 392 -10.93 -21.29 34.33
C SER A 392 -9.60 -21.53 33.63
N ASN A 393 -9.58 -21.56 32.28
CA ASN A 393 -8.33 -21.88 31.58
C ASN A 393 -8.13 -21.14 30.25
N LEU A 394 -8.36 -19.82 30.21
CA LEU A 394 -8.19 -19.03 28.99
C LEU A 394 -6.73 -18.76 28.67
N GLU A 395 -6.29 -19.12 27.46
CA GLU A 395 -4.91 -18.89 27.02
C GLU A 395 -4.83 -17.96 25.79
N ILE A 396 -5.89 -17.94 24.97
CA ILE A 396 -5.97 -17.11 23.77
C ILE A 396 -7.28 -16.31 23.73
N ILE A 397 -7.17 -14.98 23.77
CA ILE A 397 -8.31 -14.08 23.70
C ILE A 397 -8.12 -13.22 22.45
N TYR A 398 -8.73 -13.64 21.35
CA TYR A 398 -8.58 -12.92 20.09
C TYR A 398 -9.71 -11.90 19.87
N LEU A 399 -9.38 -10.61 19.94
CA LEU A 399 -10.36 -9.53 19.77
C LEU A 399 -10.00 -8.57 18.62
N SER A 400 -9.22 -9.03 17.64
CA SER A 400 -8.79 -8.21 16.51
C SER A 400 -9.97 -7.82 15.61
N GLU A 401 -9.93 -6.59 15.06
CA GLU A 401 -10.95 -6.02 14.20
C GLU A 401 -12.27 -5.75 14.94
N ASN A 402 -12.16 -5.05 16.07
CA ASN A 402 -13.30 -4.62 16.86
C ASN A 402 -13.23 -3.06 17.02
N ARG A 403 -14.08 -2.46 17.85
CA ARG A 403 -14.11 -1.00 18.00
C ARG A 403 -13.80 -0.51 19.42
N ILE A 404 -12.95 -1.23 20.16
CA ILE A 404 -12.60 -0.83 21.53
C ILE A 404 -11.91 0.54 21.52
N SER A 405 -12.42 1.48 22.32
CA SER A 405 -11.88 2.85 22.38
C SER A 405 -10.94 3.01 23.61
N PRO A 406 -10.15 4.11 23.70
CA PRO A 406 -9.32 4.33 24.90
C PRO A 406 -10.14 4.32 26.20
N LEU A 407 -9.62 3.62 27.24
CA LEU A 407 -10.19 3.41 28.57
C LEU A 407 -11.49 2.60 28.49
N ASP A 436 -5.77 -22.80 -3.85
CA ASP A 436 -5.29 -24.09 -3.38
C ASP A 436 -6.45 -25.02 -3.02
N PRO A 437 -6.63 -26.13 -3.75
CA PRO A 437 -7.74 -27.04 -3.46
C PRO A 437 -7.53 -27.89 -2.20
N HIS A 438 -6.28 -28.07 -1.76
CA HIS A 438 -5.98 -28.84 -0.55
C HIS A 438 -5.99 -27.92 0.68
N SER A 439 -6.91 -26.94 0.73
CA SER A 439 -6.98 -26.01 1.83
C SER A 439 -8.34 -25.99 2.51
N ASN A 440 -8.37 -25.57 3.78
CA ASN A 440 -9.61 -25.41 4.53
C ASN A 440 -10.05 -23.99 4.18
N PHE A 441 -11.02 -23.86 3.26
CA PHE A 441 -11.47 -22.55 2.78
C PHE A 441 -12.51 -21.84 3.65
N TYR A 442 -12.95 -22.45 4.75
CA TYR A 442 -13.97 -21.82 5.60
C TYR A 442 -13.51 -21.56 7.03
N HIS A 443 -12.53 -22.32 7.52
CA HIS A 443 -12.06 -22.19 8.89
C HIS A 443 -10.72 -21.47 8.98
N PHE A 444 -10.58 -20.57 9.97
CA PHE A 444 -9.33 -19.85 10.20
C PHE A 444 -8.32 -20.83 10.80
N THR A 445 -7.50 -21.45 9.94
CA THR A 445 -6.55 -22.47 10.35
C THR A 445 -5.21 -21.92 10.86
N ARG A 446 -4.81 -20.73 10.39
CA ARG A 446 -3.57 -20.13 10.86
C ARG A 446 -3.68 -19.77 12.36
N PRO A 447 -2.57 -19.80 13.13
CA PRO A 447 -2.68 -19.44 14.56
C PRO A 447 -3.13 -17.99 14.71
N LEU A 448 -4.17 -17.76 15.52
CA LEU A 448 -4.76 -16.43 15.74
C LEU A 448 -3.70 -15.43 16.22
N ILE A 449 -2.89 -15.86 17.19
CA ILE A 449 -1.79 -15.10 17.75
C ILE A 449 -0.50 -15.84 17.36
N LYS A 450 0.59 -15.12 17.05
CA LYS A 450 1.88 -15.73 16.70
C LYS A 450 2.34 -16.68 17.80
N PRO A 451 2.70 -17.93 17.44
CA PRO A 451 3.10 -18.90 18.48
C PRO A 451 4.17 -18.43 19.45
N GLN A 452 5.14 -17.63 18.98
CA GLN A 452 6.20 -17.09 19.83
C GLN A 452 5.67 -16.18 20.93
N CYS A 453 4.52 -15.53 20.68
CA CYS A 453 3.87 -14.66 21.66
C CYS A 453 3.07 -15.53 22.63
N ALA A 454 2.23 -16.42 22.09
CA ALA A 454 1.37 -17.34 22.84
C ALA A 454 2.14 -18.24 23.79
N ALA A 455 3.38 -18.62 23.43
CA ALA A 455 4.21 -19.49 24.27
C ALA A 455 4.52 -18.89 25.63
N TYR A 456 4.48 -17.56 25.77
CA TYR A 456 4.76 -16.89 27.04
C TYR A 456 3.66 -17.07 28.09
N GLY A 457 2.43 -17.21 27.63
CA GLY A 457 1.29 -17.38 28.51
C GLY A 457 0.01 -16.85 27.92
N LYS A 458 -0.81 -16.20 28.76
CA LYS A 458 -2.09 -15.63 28.36
C LYS A 458 -1.91 -14.59 27.26
N ALA A 459 -2.64 -14.75 26.16
CA ALA A 459 -2.53 -13.86 25.03
C ALA A 459 -3.80 -13.05 24.81
N LEU A 460 -3.65 -11.77 24.51
CA LEU A 460 -4.76 -10.88 24.25
C LEU A 460 -4.46 -10.12 22.97
N ASP A 461 -5.29 -10.30 21.94
CA ASP A 461 -5.08 -9.59 20.69
C ASP A 461 -6.08 -8.46 20.59
N LEU A 462 -5.60 -7.23 20.69
CA LEU A 462 -6.46 -6.05 20.57
C LEU A 462 -6.09 -5.19 19.33
N SER A 463 -5.48 -5.82 18.32
CA SER A 463 -5.09 -5.13 17.09
C SER A 463 -6.30 -4.72 16.24
N LEU A 464 -6.11 -3.75 15.32
CA LEU A 464 -7.14 -3.25 14.42
C LEU A 464 -8.43 -2.80 15.15
N ASN A 465 -8.24 -2.17 16.29
CA ASN A 465 -9.32 -1.62 17.10
C ASN A 465 -9.24 -0.07 17.03
N SER A 466 -9.91 0.66 17.95
CA SER A 466 -9.87 2.11 17.94
C SER A 466 -9.14 2.66 19.17
N ILE A 467 -8.09 1.96 19.61
CA ILE A 467 -7.33 2.39 20.78
C ILE A 467 -6.27 3.39 20.33
N PHE A 468 -6.70 4.63 20.00
CA PHE A 468 -5.82 5.67 19.49
C PHE A 468 -4.84 6.26 20.53
N PHE A 469 -5.02 5.92 21.81
CA PHE A 469 -4.14 6.23 22.94
C PHE A 469 -4.47 5.26 24.08
N ILE A 470 -3.48 4.94 24.92
CA ILE A 470 -3.71 4.02 26.03
C ILE A 470 -4.38 4.74 27.18
N GLY A 471 -5.67 4.48 27.38
CA GLY A 471 -6.42 5.09 28.46
C GLY A 471 -5.97 4.63 29.83
N PRO A 472 -6.32 5.38 30.88
CA PRO A 472 -5.90 5.00 32.24
C PRO A 472 -6.52 3.68 32.72
N ASN A 473 -7.73 3.35 32.24
CA ASN A 473 -8.42 2.11 32.61
C ASN A 473 -8.34 1.03 31.51
N GLN A 474 -7.43 1.18 30.53
CA GLN A 474 -7.31 0.28 29.39
C GLN A 474 -7.16 -1.19 29.71
N PHE A 475 -6.33 -1.51 30.72
CA PHE A 475 -6.06 -2.90 31.03
C PHE A 475 -6.50 -3.34 32.42
N GLU A 476 -7.33 -2.55 33.10
CA GLU A 476 -7.79 -2.93 34.44
C GLU A 476 -8.80 -4.08 34.39
N ASN A 477 -8.77 -4.93 35.44
CA ASN A 477 -9.61 -6.12 35.60
C ASN A 477 -9.30 -7.24 34.58
N LEU A 478 -8.14 -7.18 33.92
CA LEU A 478 -7.71 -8.21 32.96
C LEU A 478 -6.98 -9.34 33.70
N PRO A 479 -6.95 -10.56 33.14
CA PRO A 479 -6.14 -11.63 33.77
C PRO A 479 -4.63 -11.33 33.64
N ASP A 480 -3.76 -12.22 34.16
CA ASP A 480 -2.32 -12.02 34.07
C ASP A 480 -1.82 -12.25 32.64
N ILE A 481 -1.85 -11.21 31.81
CA ILE A 481 -1.47 -11.25 30.40
C ILE A 481 0.04 -11.30 30.22
N ALA A 482 0.52 -12.26 29.41
CA ALA A 482 1.94 -12.40 29.08
C ALA A 482 2.21 -11.96 27.63
N CYS A 483 1.20 -12.06 26.75
CA CYS A 483 1.32 -11.73 25.34
C CYS A 483 0.27 -10.68 25.02
N LEU A 484 0.68 -9.47 24.57
CA LEU A 484 -0.28 -8.43 24.21
C LEU A 484 -0.06 -7.92 22.81
N ASN A 485 -1.08 -8.01 21.95
CA ASN A 485 -0.98 -7.44 20.60
C ASN A 485 -1.78 -6.15 20.57
N LEU A 486 -1.12 -5.06 20.26
CA LEU A 486 -1.76 -3.76 20.18
C LEU A 486 -1.47 -3.09 18.82
N SER A 487 -1.21 -3.88 17.77
CA SER A 487 -0.86 -3.42 16.43
C SER A 487 -1.95 -2.69 15.70
N ALA A 488 -1.57 -1.71 14.87
CA ALA A 488 -2.46 -0.94 14.01
C ALA A 488 -3.70 -0.39 14.71
N ASN A 489 -3.49 0.53 15.65
CA ASN A 489 -4.59 1.18 16.38
C ASN A 489 -4.53 2.70 16.27
N SER A 490 -3.65 3.27 15.39
CA SER A 490 -3.42 4.71 15.30
C SER A 490 -2.99 5.26 16.68
N ASN A 491 -2.28 4.44 17.49
CA ASN A 491 -1.90 4.75 18.84
C ASN A 491 -0.78 5.75 18.94
N ALA A 492 -1.11 6.96 19.44
CA ALA A 492 -0.15 8.03 19.60
C ALA A 492 0.20 8.25 21.08
N GLN A 493 0.22 7.17 21.88
CA GLN A 493 0.53 7.27 23.30
C GLN A 493 1.97 7.69 23.57
N VAL A 494 2.16 8.65 24.49
CA VAL A 494 3.49 9.07 24.92
C VAL A 494 3.83 8.18 26.11
N LEU A 495 4.57 7.10 25.87
CA LEU A 495 4.95 6.11 26.87
C LEU A 495 5.78 6.72 28.01
N SER A 496 5.29 6.60 29.25
CA SER A 496 5.96 7.17 30.42
C SER A 496 6.14 6.22 31.61
N GLY A 497 6.02 4.92 31.38
CA GLY A 497 6.21 3.93 32.43
C GLY A 497 5.04 3.72 33.36
N THR A 498 3.85 4.18 32.96
CA THR A 498 2.66 4.06 33.80
C THR A 498 1.43 3.54 33.04
N GLU A 499 1.59 3.08 31.79
CA GLU A 499 0.46 2.62 30.98
C GLU A 499 0.07 1.16 31.14
N PHE A 500 1.06 0.26 31.22
CA PHE A 500 0.84 -1.17 31.33
C PHE A 500 1.01 -1.65 32.77
N SER A 501 0.67 -0.82 33.76
CA SER A 501 0.83 -1.18 35.16
C SER A 501 -0.21 -2.21 35.64
N ALA A 502 -1.36 -2.31 34.98
CA ALA A 502 -2.39 -3.27 35.38
C ALA A 502 -2.07 -4.71 34.97
N ILE A 503 -1.25 -4.89 33.92
CA ILE A 503 -0.78 -6.18 33.44
C ILE A 503 0.75 -6.08 33.35
N PRO A 504 1.44 -6.12 34.51
CA PRO A 504 2.89 -5.88 34.49
C PRO A 504 3.76 -7.07 34.14
N HIS A 505 3.15 -8.23 33.85
CA HIS A 505 3.93 -9.43 33.51
C HIS A 505 3.87 -9.76 32.03
N VAL A 506 3.83 -8.72 31.18
CA VAL A 506 3.82 -8.88 29.72
C VAL A 506 5.26 -9.16 29.28
N LYS A 507 5.47 -10.26 28.56
CA LYS A 507 6.80 -10.60 28.09
C LYS A 507 6.94 -10.38 26.59
N TYR A 508 5.87 -10.57 25.82
CA TYR A 508 5.90 -10.33 24.38
C TYR A 508 4.92 -9.19 24.07
N LEU A 509 5.43 -8.04 23.64
CA LEU A 509 4.57 -6.89 23.34
C LEU A 509 4.69 -6.50 21.86
N ASP A 510 3.56 -6.48 21.15
CA ASP A 510 3.54 -6.11 19.75
C ASP A 510 2.89 -4.73 19.62
N LEU A 511 3.69 -3.72 19.31
CA LEU A 511 3.18 -2.35 19.14
C LEU A 511 3.37 -1.86 17.70
N THR A 512 3.40 -2.78 16.73
CA THR A 512 3.62 -2.44 15.32
C THR A 512 2.52 -1.57 14.71
N ASN A 513 2.86 -0.86 13.63
CA ASN A 513 1.97 -0.02 12.84
C ASN A 513 1.19 0.99 13.66
N ASN A 514 1.88 1.65 14.58
CA ASN A 514 1.32 2.70 15.42
C ASN A 514 2.16 4.01 15.29
N ARG A 515 1.81 5.06 16.03
CA ARG A 515 2.57 6.31 16.00
C ARG A 515 3.08 6.69 17.39
N LEU A 516 3.44 5.67 18.21
CA LEU A 516 3.90 5.79 19.59
C LEU A 516 5.13 6.65 19.82
N ASP A 517 5.19 7.26 21.01
CA ASP A 517 6.34 8.07 21.41
C ASP A 517 6.99 7.37 22.60
N PHE A 518 8.20 6.86 22.40
CA PHE A 518 8.95 6.21 23.47
C PHE A 518 10.24 6.98 23.81
N ASP A 519 10.22 8.31 23.64
CA ASP A 519 11.37 9.17 23.91
C ASP A 519 11.71 9.29 25.39
N ASN A 520 10.76 9.01 26.29
CA ASN A 520 11.04 9.09 27.72
C ASN A 520 11.86 7.89 28.14
N ALA A 521 12.95 8.12 28.87
CA ALA A 521 13.80 7.04 29.34
C ALA A 521 13.05 5.98 30.19
N SER A 522 11.84 6.32 30.65
CA SER A 522 11.01 5.43 31.44
C SER A 522 9.99 4.63 30.63
N ALA A 523 9.99 4.72 29.29
CA ALA A 523 9.04 4.02 28.44
C ALA A 523 9.07 2.49 28.63
N LEU A 524 7.90 1.89 28.86
CA LEU A 524 7.71 0.45 29.05
C LEU A 524 8.50 -0.18 30.22
N THR A 525 9.10 0.65 31.09
CA THR A 525 9.89 0.15 32.23
C THR A 525 9.02 -0.49 33.35
N GLU A 526 7.70 -0.31 33.31
CA GLU A 526 6.81 -0.97 34.27
C GLU A 526 6.67 -2.49 33.95
N LEU A 527 7.06 -2.91 32.73
CA LEU A 527 7.04 -4.30 32.26
C LEU A 527 8.44 -4.88 32.50
N SER A 528 8.71 -5.25 33.73
CA SER A 528 10.01 -5.75 34.16
C SER A 528 10.43 -7.04 33.48
N ASP A 529 9.47 -7.94 33.21
CA ASP A 529 9.75 -9.23 32.60
C ASP A 529 9.69 -9.23 31.07
N LEU A 530 9.67 -8.04 30.44
CA LEU A 530 9.58 -7.90 28.98
C LEU A 530 10.77 -8.55 28.30
N GLU A 531 10.52 -9.47 27.36
CA GLU A 531 11.57 -10.17 26.63
C GLU A 531 11.55 -9.87 25.14
N VAL A 532 10.38 -9.64 24.54
CA VAL A 532 10.29 -9.33 23.11
C VAL A 532 9.49 -8.06 22.87
N LEU A 533 10.10 -7.04 22.24
CA LEU A 533 9.41 -5.79 21.95
C LEU A 533 9.42 -5.51 20.46
N ASP A 534 8.24 -5.37 19.85
CA ASP A 534 8.06 -5.15 18.43
C ASP A 534 7.56 -3.73 18.16
N LEU A 535 8.44 -2.85 17.69
CA LEU A 535 8.06 -1.47 17.38
C LEU A 535 8.15 -1.19 15.87
N SER A 536 7.92 -2.21 15.02
CA SER A 536 8.00 -2.08 13.57
C SER A 536 7.01 -1.08 12.99
N TYR A 537 7.43 -0.40 11.91
CA TYR A 537 6.63 0.58 11.18
C TYR A 537 6.02 1.65 12.10
N ASN A 538 6.79 2.15 13.05
CA ASN A 538 6.31 3.18 13.97
C ASN A 538 6.70 4.52 13.41
N SER A 539 5.72 5.40 13.15
CA SER A 539 6.01 6.73 12.63
C SER A 539 5.83 7.73 13.74
N HIS A 540 6.92 8.35 14.22
CA HIS A 540 6.83 9.33 15.31
C HIS A 540 5.90 10.49 14.95
N TYR A 541 5.03 10.89 15.89
CA TYR A 541 4.05 11.94 15.65
C TYR A 541 4.41 13.27 16.31
N PHE A 542 5.34 13.28 17.28
CA PHE A 542 5.69 14.48 18.05
C PHE A 542 7.21 14.67 18.17
N ARG A 543 7.91 14.66 17.04
CA ARG A 543 9.36 14.79 17.00
C ARG A 543 9.91 16.08 17.57
N ILE A 544 10.80 15.98 18.56
CA ILE A 544 11.46 17.15 19.14
C ILE A 544 12.86 17.14 18.54
N ALA A 545 13.26 18.26 17.90
CA ALA A 545 14.53 18.41 17.17
C ALA A 545 15.76 17.76 17.84
N GLY A 546 16.02 18.07 19.11
CA GLY A 546 17.18 17.49 19.79
C GLY A 546 16.82 16.46 20.84
N VAL A 547 15.73 15.72 20.63
CA VAL A 547 15.31 14.70 21.59
C VAL A 547 15.05 13.36 20.89
N THR A 548 14.20 13.35 19.86
CA THR A 548 13.89 12.14 19.08
C THR A 548 15.07 11.84 18.17
N HIS A 549 15.55 10.58 18.12
CA HIS A 549 15.02 9.43 18.86
C HIS A 549 15.84 9.19 20.13
N HIS A 550 15.16 9.08 21.28
CA HIS A 550 15.83 8.82 22.54
C HIS A 550 15.57 7.38 22.96
N LEU A 551 16.55 6.48 22.73
CA LEU A 551 16.37 5.06 23.03
C LEU A 551 16.95 4.60 24.37
N GLU A 552 17.06 5.52 25.36
CA GLU A 552 17.61 5.19 26.67
C GLU A 552 16.75 4.25 27.52
N PHE A 553 15.52 3.94 27.09
CA PHE A 553 14.63 3.06 27.86
C PHE A 553 15.08 1.60 27.83
N ILE A 554 15.73 1.18 26.74
CA ILE A 554 16.22 -0.19 26.51
C ILE A 554 17.15 -0.67 27.65
N GLN A 555 17.91 0.26 28.23
CA GLN A 555 18.87 -0.03 29.30
C GLN A 555 18.21 -0.51 30.61
N ASN A 556 16.98 -0.08 30.91
CA ASN A 556 16.32 -0.45 32.16
C ASN A 556 15.71 -1.86 32.17
N PHE A 557 15.99 -2.70 31.15
CA PHE A 557 15.42 -4.05 31.12
C PHE A 557 16.46 -5.11 31.47
N THR A 558 16.14 -5.97 32.44
CA THR A 558 17.04 -7.04 32.84
C THR A 558 16.78 -8.37 32.14
N ASN A 559 15.84 -8.43 31.19
CA ASN A 559 15.51 -9.69 30.51
C ASN A 559 15.06 -9.53 29.06
N LEU A 560 15.17 -8.32 28.47
CA LEU A 560 14.78 -8.08 27.09
C LEU A 560 15.76 -8.77 26.17
N LYS A 561 15.29 -9.72 25.35
CA LYS A 561 16.12 -10.49 24.45
C LYS A 561 15.95 -10.07 22.99
N VAL A 562 14.72 -9.77 22.56
CA VAL A 562 14.44 -9.43 21.17
C VAL A 562 13.84 -8.03 21.02
N LEU A 563 14.42 -7.19 20.16
CA LEU A 563 13.91 -5.84 19.93
C LEU A 563 13.89 -5.55 18.44
N ASN A 564 12.72 -5.20 17.92
CA ASN A 564 12.57 -4.89 16.51
C ASN A 564 12.20 -3.43 16.31
N LEU A 565 13.19 -2.62 15.92
CA LEU A 565 12.98 -1.20 15.63
C LEU A 565 13.00 -0.98 14.11
N SER A 566 12.43 -1.92 13.34
CA SER A 566 12.41 -1.81 11.89
C SER A 566 11.46 -0.75 11.39
N HIS A 567 11.81 -0.14 10.26
CA HIS A 567 11.03 0.91 9.59
C HIS A 567 10.53 1.99 10.54
N ASN A 568 11.39 2.41 11.45
CA ASN A 568 11.06 3.49 12.38
C ASN A 568 11.52 4.87 11.85
N ASN A 569 12.31 4.90 10.74
CA ASN A 569 12.85 6.11 10.12
C ASN A 569 13.74 6.84 11.12
N ILE A 570 14.69 6.10 11.71
CA ILE A 570 15.60 6.69 12.68
C ILE A 570 16.80 7.31 11.98
N TYR A 571 16.78 8.63 11.84
CA TYR A 571 17.87 9.35 11.20
C TYR A 571 18.64 10.27 12.16
N THR A 572 18.18 10.41 13.42
CA THR A 572 18.85 11.23 14.42
C THR A 572 18.62 10.62 15.81
N LEU A 573 19.65 10.62 16.66
CA LEU A 573 19.57 10.02 17.99
C LEU A 573 20.12 10.94 19.08
N THR A 574 19.78 10.66 20.33
CA THR A 574 20.28 11.43 21.47
C THR A 574 20.93 10.51 22.50
N LYS A 576 23.73 10.65 26.25
CA LYS A 576 24.68 10.06 25.31
C LYS A 576 23.97 9.32 24.16
N TYR A 577 24.67 9.18 23.02
CA TYR A 577 24.16 8.52 21.81
C TYR A 577 24.50 7.01 21.82
N ASN A 578 24.59 6.39 23.00
CA ASN A 578 24.97 4.99 23.15
C ASN A 578 23.81 4.13 23.64
N LEU A 579 23.56 2.99 22.98
CA LEU A 579 22.50 2.07 23.39
C LEU A 579 23.13 1.00 24.26
N GLU A 580 22.76 0.96 25.55
CA GLU A 580 23.32 -0.03 26.48
C GLU A 580 22.33 -1.13 26.83
N SER A 581 22.82 -2.38 26.95
CA SER A 581 22.00 -3.52 27.35
C SER A 581 22.86 -4.73 27.63
N LYS A 582 22.56 -5.46 28.70
CA LYS A 582 23.29 -6.66 29.06
C LYS A 582 22.54 -7.96 28.70
N SER A 583 21.24 -7.86 28.36
CA SER A 583 20.44 -9.03 28.04
C SER A 583 20.06 -9.15 26.57
N LEU A 584 19.98 -8.01 25.84
CA LEU A 584 19.59 -8.00 24.43
C LEU A 584 20.42 -8.93 23.55
N VAL A 585 19.74 -9.80 22.81
CA VAL A 585 20.35 -10.79 21.94
C VAL A 585 20.11 -10.45 20.47
N GLU A 586 18.87 -10.12 20.11
CA GLU A 586 18.53 -9.81 18.72
C GLU A 586 18.07 -8.36 18.55
N LEU A 587 18.63 -7.66 17.56
CA LEU A 587 18.23 -6.29 17.28
C LEU A 587 17.95 -6.15 15.79
N VAL A 588 16.75 -5.69 15.43
CA VAL A 588 16.41 -5.47 14.03
C VAL A 588 16.38 -3.98 13.80
N PHE A 589 17.40 -3.43 13.13
CA PHE A 589 17.45 -2.00 12.84
C PHE A 589 17.23 -1.74 11.34
N SER A 590 16.53 -2.63 10.63
CA SER A 590 16.28 -2.47 9.20
C SER A 590 15.29 -1.35 8.90
N GLY A 591 15.32 -0.81 7.68
CA GLY A 591 14.42 0.25 7.27
C GLY A 591 14.63 1.58 7.97
N ASN A 592 15.83 1.80 8.50
CA ASN A 592 16.16 3.06 9.18
C ASN A 592 17.16 3.88 8.35
N ARG A 593 17.75 4.95 8.92
CA ARG A 593 18.72 5.76 8.18
C ARG A 593 20.12 5.73 8.78
N LEU A 594 20.77 4.55 8.74
CA LEU A 594 22.14 4.42 9.24
C LEU A 594 23.14 5.22 8.39
N ASP A 595 22.80 5.53 7.13
CA ASP A 595 23.65 6.31 6.25
C ASP A 595 23.81 7.71 6.82
N ILE A 596 22.72 8.32 7.30
CA ILE A 596 22.75 9.66 7.89
C ILE A 596 23.52 9.64 9.21
N LEU A 597 23.25 8.64 10.06
CA LEU A 597 23.90 8.51 11.36
C LEU A 597 25.41 8.30 11.23
N TRP A 598 25.84 7.44 10.29
CA TRP A 598 27.25 7.17 10.09
C TRP A 598 27.94 8.15 9.13
N ASN A 599 27.34 9.32 8.86
CA ASN A 599 27.94 10.33 7.99
C ASN A 599 27.58 11.75 8.42
N ASN A 603 30.19 11.87 12.95
CA ASN A 603 31.05 11.11 13.85
C ASN A 603 30.52 10.99 15.28
N ARG A 604 29.24 11.28 15.51
CA ARG A 604 28.65 11.16 16.85
C ARG A 604 28.06 9.78 17.12
N TYR A 605 27.71 9.03 16.07
CA TYR A 605 27.08 7.73 16.21
C TYR A 605 27.98 6.60 15.73
N ILE A 606 29.29 6.72 15.97
CA ILE A 606 30.26 5.71 15.57
C ILE A 606 30.15 4.46 16.44
N SER A 607 29.86 4.63 17.73
CA SER A 607 29.70 3.50 18.65
C SER A 607 28.22 3.33 19.08
N ILE A 608 27.31 3.40 18.12
CA ILE A 608 25.86 3.29 18.31
C ILE A 608 25.42 1.94 18.95
N PHE A 609 26.08 0.83 18.58
CA PHE A 609 25.69 -0.49 19.11
C PHE A 609 26.73 -1.15 20.00
N LYS A 610 27.80 -0.45 20.40
CA LYS A 610 28.86 -1.06 21.22
C LYS A 610 28.41 -1.45 22.63
N GLY A 611 27.38 -0.78 23.15
CA GLY A 611 26.87 -1.04 24.48
C GLY A 611 26.13 -2.37 24.61
N LEU A 612 25.63 -2.90 23.49
CA LEU A 612 24.91 -4.17 23.46
C LEU A 612 25.92 -5.33 23.48
N LYS A 613 26.54 -5.56 24.64
CA LYS A 613 27.59 -6.56 24.87
C LYS A 613 27.19 -8.02 24.62
N ASN A 614 25.91 -8.34 24.76
CA ASN A 614 25.45 -9.71 24.58
C ASN A 614 24.71 -9.95 23.25
N LEU A 615 24.78 -8.98 22.30
CA LEU A 615 24.10 -9.07 21.01
C LEU A 615 24.69 -10.14 20.10
N THR A 616 23.84 -11.07 19.62
CA THR A 616 24.27 -12.16 18.74
C THR A 616 23.74 -11.97 17.30
N ARG A 617 22.58 -11.32 17.14
CA ARG A 617 22.00 -11.11 15.81
C ARG A 617 21.68 -9.64 15.55
N LEU A 618 22.21 -9.09 14.46
CA LEU A 618 22.00 -7.69 14.10
C LEU A 618 21.58 -7.59 12.65
N ASP A 619 20.42 -7.00 12.38
CA ASP A 619 19.90 -6.85 11.03
C ASP A 619 19.97 -5.40 10.60
N LEU A 620 21.03 -5.04 9.86
CA LEU A 620 21.23 -3.67 9.36
C LEU A 620 20.79 -3.50 7.90
N SER A 621 19.87 -4.35 7.42
CA SER A 621 19.41 -4.26 6.03
C SER A 621 18.56 -3.01 5.76
N LEU A 622 18.33 -2.68 4.46
CA LEU A 622 17.51 -1.54 4.05
C LEU A 622 17.82 -0.21 4.76
N ASN A 623 19.11 0.09 4.97
CA ASN A 623 19.52 1.32 5.62
C ASN A 623 20.18 2.34 4.68
N ARG A 624 20.14 2.09 3.35
CA ARG A 624 20.75 2.95 2.31
C ARG A 624 22.25 3.16 2.52
N LEU A 625 22.92 2.16 3.09
CA LEU A 625 24.35 2.23 3.38
C LEU A 625 25.21 2.09 2.14
N LYS A 626 26.00 3.11 1.84
CA LYS A 626 26.92 3.07 0.69
C LYS A 626 28.31 2.64 1.16
N HIS A 627 28.75 3.15 2.32
CA HIS A 627 30.04 2.78 2.88
C HIS A 627 30.01 2.84 4.42
N ILE A 628 30.17 1.69 5.07
CA ILE A 628 30.21 1.64 6.52
C ILE A 628 31.59 2.08 6.94
N PRO A 629 31.71 3.14 7.75
CA PRO A 629 33.04 3.60 8.17
C PRO A 629 33.81 2.52 8.93
N ASN A 630 35.15 2.48 8.77
CA ASN A 630 35.99 1.50 9.43
C ASN A 630 35.86 1.56 10.96
N GLU A 631 35.80 2.78 11.51
CA GLU A 631 35.67 2.96 12.95
C GLU A 631 34.26 2.54 13.44
N ALA A 632 33.23 2.80 12.62
CA ALA A 632 31.86 2.44 12.96
C ALA A 632 31.65 0.93 12.92
N PHE A 633 32.30 0.25 11.97
CA PHE A 633 32.19 -1.20 11.85
C PHE A 633 32.92 -1.89 13.01
N LEU A 634 34.10 -1.36 13.39
CA LEU A 634 34.87 -1.91 14.51
C LEU A 634 34.15 -1.75 15.86
N ASN A 635 33.23 -0.77 15.96
CA ASN A 635 32.47 -0.57 17.20
C ASN A 635 31.21 -1.43 17.30
N LEU A 636 31.07 -2.46 16.44
CA LEU A 636 29.94 -3.36 16.52
C LEU A 636 30.23 -4.43 17.59
N PRO A 637 29.21 -4.98 18.27
CA PRO A 637 29.48 -5.97 19.32
C PRO A 637 30.30 -7.17 18.84
N ALA A 638 31.38 -7.50 19.57
CA ALA A 638 32.23 -8.64 19.22
C ALA A 638 31.53 -10.01 19.39
N SER A 639 30.46 -10.04 20.19
CA SER A 639 29.67 -11.25 20.44
C SER A 639 28.80 -11.68 19.27
N LEU A 640 28.72 -10.88 18.19
CA LEU A 640 27.89 -11.14 17.02
C LEU A 640 28.17 -12.47 16.32
N THR A 641 27.11 -13.26 16.10
CA THR A 641 27.16 -14.53 15.38
C THR A 641 26.49 -14.42 14.00
N GLU A 642 25.53 -13.51 13.84
CA GLU A 642 24.84 -13.28 12.57
C GLU A 642 24.82 -11.78 12.31
N LEU A 643 25.25 -11.36 11.13
CA LEU A 643 25.25 -9.95 10.76
C LEU A 643 24.63 -9.81 9.38
N HIS A 644 23.47 -9.17 9.28
CA HIS A 644 22.79 -9.03 7.99
C HIS A 644 22.86 -7.60 7.49
N ILE A 645 23.77 -7.30 6.55
CA ILE A 645 23.88 -5.96 5.96
C ILE A 645 23.37 -6.00 4.51
N ASN A 646 22.33 -6.79 4.24
CA ASN A 646 21.79 -6.96 2.89
C ASN A 646 20.90 -5.79 2.41
N ASP A 647 20.52 -5.81 1.11
CA ASP A 647 19.67 -4.82 0.46
C ASP A 647 20.06 -3.38 0.77
N ASN A 648 21.35 -3.08 0.60
CA ASN A 648 21.93 -1.75 0.78
C ASN A 648 22.61 -1.31 -0.56
N MET A 649 23.38 -0.21 -0.56
CA MET A 649 24.08 0.23 -1.76
C MET A 649 25.60 0.22 -1.51
N LEU A 650 26.09 -0.80 -0.81
CA LEU A 650 27.50 -0.95 -0.45
C LEU A 650 28.41 -1.10 -1.66
N LYS A 651 29.34 -0.14 -1.84
CA LYS A 651 30.28 -0.23 -2.95
C LYS A 651 31.58 -0.94 -2.53
N PHE A 652 31.96 -0.81 -1.25
CA PHE A 652 33.16 -1.45 -0.71
C PHE A 652 32.90 -2.03 0.68
N PHE A 653 33.57 -3.14 1.00
CA PHE A 653 33.44 -3.80 2.29
C PHE A 653 34.81 -4.22 2.77
N ASN A 654 35.28 -3.66 3.88
CA ASN A 654 36.59 -3.99 4.42
C ASN A 654 36.59 -5.34 5.12
N TRP A 655 37.07 -6.38 4.42
CA TRP A 655 37.15 -7.73 4.97
C TRP A 655 38.15 -7.87 6.11
N THR A 656 39.14 -6.96 6.18
CA THR A 656 40.17 -6.91 7.21
C THR A 656 39.56 -6.74 8.60
N LEU A 657 38.44 -5.99 8.70
CA LEU A 657 37.75 -5.72 9.95
C LEU A 657 37.12 -6.94 10.63
N LEU A 658 36.97 -8.06 9.90
CA LEU A 658 36.39 -9.29 10.46
C LEU A 658 37.25 -9.98 11.52
N GLN A 659 38.48 -9.50 11.76
CA GLN A 659 39.38 -10.06 12.76
C GLN A 659 38.92 -9.77 14.20
N GLN A 660 38.15 -8.68 14.40
CA GLN A 660 37.65 -8.35 15.72
C GLN A 660 36.27 -8.97 16.03
N PHE A 661 35.87 -10.01 15.28
CA PHE A 661 34.61 -10.71 15.49
C PHE A 661 34.91 -12.21 15.44
N PRO A 662 35.39 -12.79 16.55
CA PRO A 662 35.76 -14.21 16.54
C PRO A 662 34.61 -15.21 16.64
N ARG A 663 33.37 -14.73 16.72
CA ARG A 663 32.20 -15.62 16.80
C ARG A 663 31.24 -15.50 15.61
N LEU A 664 31.56 -14.64 14.62
CA LEU A 664 30.74 -14.40 13.45
C LEU A 664 30.62 -15.64 12.56
N GLU A 665 29.44 -16.27 12.53
CA GLU A 665 29.18 -17.45 11.72
C GLU A 665 28.39 -17.14 10.44
N LEU A 666 27.70 -16.00 10.38
CA LEU A 666 26.89 -15.66 9.21
C LEU A 666 27.09 -14.22 8.79
N LEU A 667 27.40 -14.00 7.52
CA LEU A 667 27.56 -12.65 6.99
C LEU A 667 26.68 -12.50 5.77
N ASP A 668 25.62 -11.70 5.88
CA ASP A 668 24.69 -11.48 4.79
C ASP A 668 25.01 -10.18 4.09
N LEU A 669 25.40 -10.25 2.82
CA LEU A 669 25.74 -9.05 2.06
C LEU A 669 25.03 -8.99 0.71
N ARG A 670 23.86 -9.65 0.58
CA ARG A 670 23.08 -9.67 -0.66
C ARG A 670 22.53 -8.30 -1.05
N GLY A 671 22.10 -8.14 -2.30
CA GLY A 671 21.54 -6.88 -2.79
C GLY A 671 22.43 -5.67 -2.59
N ASN A 672 23.70 -5.81 -2.91
CA ASN A 672 24.67 -4.72 -2.76
C ASN A 672 25.42 -4.45 -4.10
N LYS A 673 26.35 -3.49 -4.10
CA LYS A 673 27.12 -3.16 -5.31
C LYS A 673 28.61 -3.49 -5.16
N LEU A 674 28.96 -4.45 -4.29
CA LEU A 674 30.36 -4.82 -4.04
C LEU A 674 31.04 -5.38 -5.29
N LEU A 675 32.30 -5.01 -5.51
CA LEU A 675 33.05 -5.46 -6.67
C LEU A 675 34.27 -6.31 -6.29
N PHE A 676 34.94 -5.96 -5.20
CA PHE A 676 36.16 -6.64 -4.80
C PHE A 676 35.98 -7.62 -3.65
N LEU A 677 36.70 -8.74 -3.72
CA LEU A 677 36.74 -9.79 -2.70
C LEU A 677 38.21 -9.93 -2.30
N THR A 678 38.51 -9.96 -0.99
CA THR A 678 39.89 -10.08 -0.53
C THR A 678 40.48 -11.46 -0.85
N ASP A 679 41.78 -11.50 -1.12
CA ASP A 679 42.48 -12.75 -1.42
C ASP A 679 43.04 -13.47 -0.18
N SER A 680 42.80 -12.93 1.03
CA SER A 680 43.30 -13.50 2.28
C SER A 680 42.22 -13.50 3.36
N LEU A 681 41.01 -13.97 3.02
CA LEU A 681 39.87 -14.03 3.95
C LEU A 681 40.15 -14.96 5.14
N SER A 682 40.92 -16.03 4.90
CA SER A 682 41.30 -17.00 5.93
C SER A 682 42.08 -16.36 7.07
N ASP A 683 42.83 -15.28 6.79
CA ASP A 683 43.62 -14.57 7.78
C ASP A 683 42.75 -13.71 8.71
N PHE A 684 41.59 -13.24 8.21
CA PHE A 684 40.71 -12.38 8.99
C PHE A 684 39.68 -13.15 9.82
N THR A 685 39.03 -14.15 9.22
CA THR A 685 38.02 -14.93 9.93
C THR A 685 38.33 -16.43 9.99
N SER A 686 38.05 -17.05 11.13
CA SER A 686 38.24 -18.48 11.34
C SER A 686 36.95 -19.18 11.84
N SER A 687 35.80 -18.52 11.74
CA SER A 687 34.52 -19.07 12.21
C SER A 687 33.37 -18.88 11.23
N LEU A 688 33.53 -18.00 10.22
CA LEU A 688 32.50 -17.71 9.23
C LEU A 688 32.04 -18.96 8.50
N ARG A 689 30.82 -19.43 8.80
CA ARG A 689 30.24 -20.63 8.21
C ARG A 689 29.43 -20.33 6.96
N THR A 690 28.69 -19.22 6.95
CA THR A 690 27.84 -18.88 5.81
C THR A 690 28.11 -17.47 5.29
N LEU A 691 28.40 -17.35 3.99
CA LEU A 691 28.66 -16.06 3.37
C LEU A 691 27.74 -15.85 2.17
N LEU A 692 26.74 -14.98 2.32
CA LEU A 692 25.78 -14.71 1.26
C LEU A 692 26.16 -13.44 0.51
N LEU A 693 26.44 -13.55 -0.80
CA LEU A 693 26.85 -12.40 -1.60
C LEU A 693 26.06 -12.28 -2.90
N SER A 694 24.83 -12.83 -2.96
CA SER A 694 24.03 -12.77 -4.19
C SER A 694 23.53 -11.36 -4.53
N HIS A 695 23.20 -11.14 -5.82
CA HIS A 695 22.73 -9.87 -6.33
C HIS A 695 23.71 -8.73 -6.08
N ASN A 696 24.99 -9.00 -6.35
CA ASN A 696 26.09 -8.05 -6.23
C ASN A 696 26.77 -7.82 -7.61
N ARG A 697 27.82 -7.00 -7.67
CA ARG A 697 28.51 -6.73 -8.93
C ARG A 697 29.90 -7.39 -9.05
N ILE A 698 30.16 -8.44 -8.23
CA ILE A 698 31.44 -9.15 -8.25
C ILE A 698 31.68 -9.82 -9.58
N SER A 699 32.72 -9.39 -10.30
CA SER A 699 33.02 -9.97 -11.62
C SER A 699 34.26 -10.87 -11.64
N HIS A 700 34.96 -11.02 -10.51
CA HIS A 700 36.16 -11.86 -10.46
C HIS A 700 36.35 -12.49 -9.08
N LEU A 701 36.63 -13.79 -9.04
CA LEU A 701 36.89 -14.49 -7.78
C LEU A 701 38.40 -14.58 -7.59
N PRO A 702 38.93 -14.03 -6.49
CA PRO A 702 40.37 -14.04 -6.28
C PRO A 702 40.94 -15.43 -5.98
N SER A 703 42.23 -15.62 -6.26
CA SER A 703 42.92 -16.89 -6.04
C SER A 703 43.17 -17.08 -4.55
N GLY A 704 42.98 -18.30 -4.08
CA GLY A 704 43.17 -18.63 -2.68
C GLY A 704 42.05 -18.14 -1.79
N PHE A 705 40.85 -17.94 -2.35
CA PHE A 705 39.69 -17.50 -1.58
C PHE A 705 39.14 -18.70 -0.81
N LEU A 706 39.03 -19.85 -1.49
CA LEU A 706 38.56 -21.11 -0.88
C LEU A 706 39.62 -21.74 0.02
N SER A 707 40.91 -21.41 -0.17
CA SER A 707 42.01 -21.97 0.60
C SER A 707 42.08 -21.46 2.05
N GLU A 708 42.43 -22.37 2.97
CA GLU A 708 42.61 -22.18 4.42
C GLU A 708 41.36 -21.71 5.19
N VAL A 709 40.16 -21.73 4.58
CA VAL A 709 38.94 -21.33 5.30
C VAL A 709 38.02 -22.56 5.49
N SER A 710 38.43 -23.42 6.44
CA SER A 710 37.79 -24.69 6.78
C SER A 710 36.40 -24.54 7.39
N SER A 711 36.13 -23.39 8.04
CA SER A 711 34.86 -23.15 8.70
C SER A 711 33.72 -22.86 7.71
N LEU A 712 34.04 -22.32 6.53
CA LEU A 712 33.01 -21.97 5.54
C LEU A 712 32.36 -23.17 4.90
N LYS A 713 31.04 -23.32 5.12
CA LYS A 713 30.25 -24.42 4.56
C LYS A 713 29.26 -23.98 3.48
N HIS A 714 28.91 -22.68 3.45
CA HIS A 714 27.95 -22.18 2.47
C HIS A 714 28.43 -20.87 1.87
N LEU A 715 28.50 -20.80 0.55
CA LEU A 715 28.92 -19.58 -0.14
C LEU A 715 27.93 -19.28 -1.26
N ASP A 716 27.27 -18.12 -1.17
CA ASP A 716 26.28 -17.73 -2.17
C ASP A 716 26.88 -16.71 -3.13
N LEU A 717 27.23 -17.15 -4.34
CA LEU A 717 27.76 -16.23 -5.35
C LEU A 717 26.85 -16.11 -6.57
N SER A 718 25.55 -16.35 -6.39
CA SER A 718 24.56 -16.29 -7.47
C SER A 718 24.21 -14.83 -7.85
N SER A 719 23.60 -14.62 -9.02
CA SER A 719 23.21 -13.30 -9.53
C SER A 719 24.32 -12.26 -9.45
N ASN A 720 25.53 -12.66 -9.83
CA ASN A 720 26.70 -11.80 -9.83
C ASN A 720 27.21 -11.57 -11.28
N LEU A 721 28.37 -10.91 -11.47
CA LEU A 721 28.89 -10.66 -12.80
C LEU A 721 30.09 -11.56 -13.14
N LEU A 722 30.14 -12.77 -12.56
CA LEU A 722 31.24 -13.71 -12.80
C LEU A 722 31.22 -14.28 -14.20
N LYS A 723 32.31 -14.07 -14.96
CA LYS A 723 32.40 -14.57 -16.32
C LYS A 723 32.97 -16.00 -16.35
N THR A 724 33.92 -16.31 -15.46
CA THR A 724 34.55 -17.65 -15.38
C THR A 724 35.25 -17.86 -14.03
N ILE A 725 35.54 -19.13 -13.70
CA ILE A 725 36.26 -19.46 -12.47
C ILE A 725 37.58 -20.14 -12.81
N ASN A 726 38.69 -19.46 -12.54
CA ASN A 726 40.04 -19.93 -12.87
C ASN A 726 40.54 -21.06 -11.95
N LYS A 727 41.56 -21.81 -12.42
CA LYS A 727 42.19 -22.93 -11.73
C LYS A 727 42.92 -22.50 -10.45
N SER A 728 43.45 -21.27 -10.42
CA SER A 728 44.16 -20.74 -9.26
C SER A 728 43.26 -20.56 -8.03
N ALA A 729 41.99 -20.23 -8.24
CA ALA A 729 41.03 -20.08 -7.13
C ALA A 729 40.43 -21.43 -6.67
N LEU A 730 40.66 -22.51 -7.44
CA LEU A 730 40.14 -23.85 -7.13
C LEU A 730 41.14 -24.69 -6.32
N GLU A 731 42.07 -24.06 -5.60
CA GLU A 731 43.04 -24.81 -4.81
C GLU A 731 42.37 -25.32 -3.53
N THR A 732 41.82 -26.53 -3.60
CA THR A 732 41.12 -27.14 -2.47
C THR A 732 41.92 -28.29 -1.85
N LYS A 733 43.26 -28.19 -1.89
CA LYS A 733 44.14 -29.19 -1.25
C LYS A 733 43.98 -29.15 0.29
N THR A 734 43.62 -27.98 0.83
CA THR A 734 43.36 -27.74 2.26
C THR A 734 42.06 -28.46 2.71
N THR A 735 41.90 -28.63 4.02
CA THR A 735 40.73 -29.29 4.58
C THR A 735 39.50 -28.36 4.68
N THR A 736 39.17 -27.66 3.59
CA THR A 736 38.02 -26.76 3.59
C THR A 736 36.71 -27.54 3.47
N LYS A 737 35.83 -27.41 4.47
CA LYS A 737 34.58 -28.13 4.49
C LYS A 737 33.45 -27.36 3.80
N LEU A 738 33.52 -27.23 2.47
CA LEU A 738 32.47 -26.53 1.72
C LEU A 738 31.38 -27.52 1.34
N SER A 739 30.15 -27.26 1.79
CA SER A 739 29.03 -28.15 1.51
C SER A 739 27.99 -27.58 0.55
N MET A 740 28.00 -26.27 0.30
CA MET A 740 27.03 -25.66 -0.62
C MET A 740 27.59 -24.42 -1.31
N LEU A 741 27.44 -24.34 -2.63
CA LEU A 741 27.95 -23.23 -3.42
C LEU A 741 26.94 -22.82 -4.48
N GLU A 742 26.28 -21.66 -4.30
CA GLU A 742 25.28 -21.19 -5.27
C GLU A 742 25.95 -20.33 -6.34
N LEU A 743 25.63 -20.57 -7.62
CA LEU A 743 26.24 -19.81 -8.72
C LEU A 743 25.27 -19.48 -9.87
N HIS A 744 23.97 -19.68 -9.67
CA HIS A 744 22.97 -19.41 -10.71
C HIS A 744 22.76 -17.92 -11.00
N GLY A 745 22.73 -17.56 -12.27
CA GLY A 745 22.51 -16.17 -12.67
C GLY A 745 23.76 -15.40 -13.02
N ASN A 746 24.87 -16.11 -13.29
CA ASN A 746 26.13 -15.47 -13.67
C ASN A 746 26.29 -15.52 -15.19
N PRO A 747 26.85 -14.47 -15.81
CA PRO A 747 27.06 -14.52 -17.26
C PRO A 747 28.33 -15.27 -17.59
N PHE A 748 28.27 -16.61 -17.52
CA PHE A 748 29.42 -17.46 -17.76
C PHE A 748 29.87 -17.51 -19.22
N GLU A 749 31.13 -17.91 -19.45
CA GLU A 749 31.71 -18.06 -20.79
C GLU A 749 31.88 -19.55 -21.03
N CYS A 750 31.03 -20.14 -21.88
CA CYS A 750 31.09 -21.56 -22.19
C CYS A 750 32.20 -21.93 -23.18
N THR A 751 33.35 -21.30 -23.04
CA THR A 751 34.53 -21.58 -23.87
C THR A 751 35.48 -22.51 -23.07
N CYS A 752 36.75 -22.70 -23.50
CA CYS A 752 37.68 -23.56 -22.77
C CYS A 752 38.14 -22.97 -21.41
N ASP A 753 37.70 -21.75 -21.06
CA ASP A 753 38.03 -21.11 -19.79
C ASP A 753 37.30 -21.81 -18.65
N ILE A 754 36.01 -22.14 -18.86
CA ILE A 754 35.20 -22.82 -17.85
C ILE A 754 35.51 -24.34 -17.71
N GLY A 755 36.37 -24.87 -18.58
CA GLY A 755 36.77 -26.27 -18.57
C GLY A 755 37.48 -26.69 -17.30
N ASP A 756 38.33 -25.81 -16.75
CA ASP A 756 39.03 -26.11 -15.51
C ASP A 756 38.10 -26.11 -14.29
N PHE A 757 37.04 -25.30 -14.32
CA PHE A 757 36.04 -25.26 -13.27
C PHE A 757 35.14 -26.52 -13.33
N ARG A 758 34.85 -27.00 -14.55
CA ARG A 758 34.05 -28.21 -14.77
C ARG A 758 34.72 -29.43 -14.15
N ARG A 759 36.05 -29.51 -14.22
CA ARG A 759 36.83 -30.61 -13.66
C ARG A 759 36.77 -30.59 -12.12
N TRP A 760 36.73 -29.39 -11.52
CA TRP A 760 36.65 -29.20 -10.08
C TRP A 760 35.28 -29.68 -9.55
N MET A 761 34.22 -29.48 -10.34
CA MET A 761 32.86 -29.91 -9.99
C MET A 761 32.77 -31.43 -9.97
N ASP A 762 33.43 -32.09 -10.92
CA ASP A 762 33.42 -33.54 -10.99
C ASP A 762 34.30 -34.18 -9.92
N GLU A 763 35.40 -33.51 -9.54
CA GLU A 763 36.31 -34.03 -8.52
C GLU A 763 35.74 -33.82 -7.12
N HIS A 764 35.07 -32.68 -6.89
CA HIS A 764 34.51 -32.37 -5.58
C HIS A 764 32.99 -32.47 -5.59
N LEU A 765 32.47 -33.70 -5.55
CA LEU A 765 31.04 -33.98 -5.57
C LEU A 765 30.32 -33.65 -4.27
N ASN A 766 31.05 -33.49 -3.15
CA ASN A 766 30.44 -33.14 -1.86
C ASN A 766 29.94 -31.69 -1.82
N VAL A 767 30.50 -30.82 -2.67
CA VAL A 767 30.06 -29.43 -2.75
C VAL A 767 28.77 -29.38 -3.56
N LYS A 768 27.64 -29.12 -2.91
CA LYS A 768 26.34 -29.08 -3.58
C LYS A 768 26.09 -27.76 -4.31
N ILE A 769 25.86 -27.82 -5.62
CA ILE A 769 25.56 -26.64 -6.42
C ILE A 769 24.11 -26.73 -6.86
N PRO A 770 23.23 -25.92 -6.25
CA PRO A 770 21.81 -26.00 -6.58
C PRO A 770 21.44 -25.30 -7.88
N ARG A 771 20.24 -25.61 -8.41
CA ARG A 771 19.69 -25.04 -9.64
C ARG A 771 20.67 -25.13 -10.81
N LEU A 772 21.07 -26.34 -11.19
CA LEU A 772 22.01 -26.55 -12.30
C LEU A 772 21.47 -26.08 -13.64
N VAL A 773 20.13 -26.10 -13.82
CA VAL A 773 19.50 -25.62 -15.05
C VAL A 773 19.57 -24.08 -15.16
N ASP A 774 19.70 -23.37 -14.03
CA ASP A 774 19.79 -21.91 -14.01
C ASP A 774 21.23 -21.38 -14.08
N VAL A 775 22.23 -22.25 -13.96
CA VAL A 775 23.63 -21.83 -14.11
C VAL A 775 23.85 -21.81 -15.63
N ILE A 776 23.54 -20.69 -16.25
CA ILE A 776 23.59 -20.53 -17.69
C ILE A 776 24.71 -19.63 -18.16
N CYS A 777 25.39 -20.02 -19.25
CA CYS A 777 26.44 -19.20 -19.83
C CYS A 777 25.84 -18.30 -20.91
N ALA A 778 26.13 -17.00 -20.85
CA ALA A 778 25.60 -16.03 -21.80
C ALA A 778 26.30 -16.08 -23.15
N SER A 779 27.61 -16.32 -23.13
CA SER A 779 28.43 -16.42 -24.34
C SER A 779 29.06 -17.82 -24.45
N PRO A 780 29.26 -18.37 -25.66
CA PRO A 780 28.97 -17.79 -26.99
C PRO A 780 27.53 -18.03 -27.46
N GLY A 781 27.21 -17.57 -28.67
CA GLY A 781 25.87 -17.70 -29.24
C GLY A 781 25.40 -19.13 -29.37
N ASP A 782 26.32 -20.06 -29.67
CA ASP A 782 26.02 -21.49 -29.81
C ASP A 782 25.63 -22.13 -28.47
N GLN A 783 26.10 -21.57 -27.35
CA GLN A 783 25.79 -22.11 -26.02
C GLN A 783 24.94 -21.15 -25.16
N ARG A 784 24.39 -20.08 -25.75
CA ARG A 784 23.58 -19.11 -25.02
C ARG A 784 22.23 -19.70 -24.67
N GLY A 785 21.98 -19.87 -23.38
CA GLY A 785 20.73 -20.44 -22.89
C GLY A 785 20.91 -21.78 -22.23
N LYS A 786 21.85 -22.59 -22.75
CA LYS A 786 22.13 -23.91 -22.22
C LYS A 786 22.90 -23.85 -20.90
N SER A 787 22.81 -24.91 -20.11
CA SER A 787 23.52 -24.98 -18.83
C SER A 787 25.01 -25.22 -19.05
N ILE A 788 25.84 -24.84 -18.06
CA ILE A 788 27.29 -25.01 -18.18
C ILE A 788 27.72 -26.50 -18.11
N VAL A 789 26.86 -27.38 -17.57
CA VAL A 789 27.18 -28.79 -17.46
C VAL A 789 26.97 -29.56 -18.79
N SER A 790 26.24 -28.98 -19.76
CA SER A 790 26.03 -29.63 -21.05
C SER A 790 27.01 -29.09 -22.10
N LEU A 791 28.31 -29.11 -21.78
CA LEU A 791 29.35 -28.63 -22.67
C LEU A 791 30.27 -29.78 -23.15
N GLU A 792 31.03 -29.55 -24.24
CA GLU A 792 31.95 -30.54 -24.80
C GLU A 792 33.15 -30.76 -23.86
N SER B 5 13.65 29.47 -37.33
CA SER B 5 13.79 30.29 -36.12
C SER B 5 13.27 29.57 -34.86
N ARG B 6 13.39 28.23 -34.83
CA ARG B 6 12.95 27.42 -33.69
C ARG B 6 13.93 27.64 -32.52
N SER B 7 13.45 28.21 -31.40
CA SER B 7 14.31 28.51 -30.26
C SER B 7 14.79 27.26 -29.50
N TYR B 8 16.03 27.31 -29.03
CA TYR B 8 16.68 26.24 -28.26
C TYR B 8 17.67 26.89 -27.29
N PRO B 9 17.67 26.50 -26.01
CA PRO B 9 16.86 25.44 -25.40
C PRO B 9 15.58 25.94 -24.72
N CYS B 10 15.15 27.17 -25.01
CA CYS B 10 13.96 27.73 -24.38
C CYS B 10 12.71 27.58 -25.23
N ASP B 11 11.61 27.12 -24.63
CA ASP B 11 10.35 26.97 -25.33
C ASP B 11 9.53 28.24 -25.13
N GLU B 12 9.83 29.27 -25.94
CA GLU B 12 9.19 30.57 -25.86
C GLU B 12 7.71 30.57 -26.28
N LYS B 13 6.91 31.45 -25.65
CA LYS B 13 5.48 31.60 -25.93
C LYS B 13 4.99 33.01 -25.58
N LYS B 14 3.98 33.52 -26.28
CA LYS B 14 3.44 34.86 -25.99
C LYS B 14 2.48 34.82 -24.80
N GLN B 15 2.53 35.83 -23.93
CA GLN B 15 1.68 35.89 -22.74
C GLN B 15 1.44 37.33 -22.28
N ASN B 16 0.17 37.78 -22.37
CA ASN B 16 -0.27 39.12 -21.98
C ASN B 16 0.49 40.25 -22.68
N ASP B 17 0.53 40.20 -24.03
CA ASP B 17 1.19 41.16 -24.91
C ASP B 17 2.70 41.24 -24.72
N SER B 18 3.33 40.16 -24.23
CA SER B 18 4.76 40.10 -24.00
C SER B 18 5.26 38.66 -24.11
N VAL B 19 6.29 38.44 -24.92
CA VAL B 19 6.82 37.09 -25.13
C VAL B 19 7.65 36.63 -23.93
N ILE B 20 7.39 35.42 -23.43
CA ILE B 20 8.14 34.86 -22.30
C ILE B 20 8.98 33.66 -22.75
N ALA B 21 9.96 33.24 -21.95
CA ALA B 21 10.82 32.11 -22.31
C ALA B 21 10.94 31.08 -21.20
N GLU B 22 10.24 29.94 -21.34
CA GLU B 22 10.32 28.86 -20.37
C GLU B 22 11.58 28.07 -20.67
N CYS B 23 12.57 28.14 -19.79
CA CYS B 23 13.82 27.42 -19.97
C CYS B 23 14.20 26.56 -18.75
N SER B 24 13.20 26.17 -17.93
CA SER B 24 13.41 25.42 -16.70
C SER B 24 13.53 23.92 -16.92
N ASN B 25 14.33 23.26 -16.06
CA ASN B 25 14.59 21.81 -16.06
C ASN B 25 15.15 21.30 -17.39
N ARG B 26 16.19 21.97 -17.91
CA ARG B 26 16.80 21.57 -19.19
C ARG B 26 18.26 21.11 -19.05
N ARG B 27 18.75 20.89 -17.81
CA ARG B 27 20.11 20.47 -17.51
C ARG B 27 21.17 21.43 -18.05
N LEU B 28 20.89 22.73 -18.01
CA LEU B 28 21.80 23.76 -18.52
C LEU B 28 22.91 24.06 -17.53
N GLN B 29 24.18 24.00 -17.98
CA GLN B 29 25.32 24.27 -17.11
C GLN B 29 25.61 25.76 -16.93
N GLU B 30 25.22 26.58 -17.90
CA GLU B 30 25.41 28.02 -17.85
C GLU B 30 24.27 28.77 -18.56
N VAL B 31 24.14 30.09 -18.31
CA VAL B 31 23.09 30.91 -18.92
C VAL B 31 23.18 30.88 -20.44
N PRO B 32 22.12 30.39 -21.12
CA PRO B 32 22.19 30.30 -22.58
C PRO B 32 22.11 31.64 -23.28
N GLN B 33 22.97 31.83 -24.30
CA GLN B 33 22.97 33.08 -25.06
C GLN B 33 22.05 33.01 -26.31
N THR B 34 21.27 31.92 -26.47
CA THR B 34 20.35 31.74 -27.58
C THR B 34 18.92 32.09 -27.17
N VAL B 35 18.76 33.11 -26.33
CA VAL B 35 17.46 33.59 -25.87
C VAL B 35 17.17 34.91 -26.57
N GLY B 36 15.98 35.02 -27.17
CA GLY B 36 15.57 36.20 -27.89
C GLY B 36 15.59 37.47 -27.06
N LYS B 37 16.03 38.59 -27.64
CA LYS B 37 16.12 39.87 -26.94
C LYS B 37 14.74 40.50 -26.65
N TYR B 38 13.69 40.03 -27.33
CA TYR B 38 12.31 40.51 -27.20
C TYR B 38 11.58 39.94 -25.97
N VAL B 39 12.14 38.91 -25.30
CA VAL B 39 11.48 38.30 -24.15
C VAL B 39 11.46 39.22 -22.93
N THR B 40 10.44 39.06 -22.09
CA THR B 40 10.27 39.87 -20.88
C THR B 40 10.37 39.02 -19.60
N GLU B 41 10.07 37.72 -19.69
CA GLU B 41 10.15 36.85 -18.51
C GLU B 41 11.00 35.64 -18.82
N LEU B 42 12.13 35.50 -18.14
CA LEU B 42 13.02 34.35 -18.34
C LEU B 42 13.04 33.47 -17.09
N ASP B 43 12.70 32.18 -17.27
CA ASP B 43 12.68 31.23 -16.16
C ASP B 43 13.73 30.16 -16.40
N LEU B 44 14.83 30.19 -15.63
CA LEU B 44 15.89 29.20 -15.78
C LEU B 44 16.04 28.36 -14.50
N SER B 45 14.92 28.07 -13.82
CA SER B 45 14.95 27.30 -12.59
C SER B 45 15.24 25.80 -12.79
N ASP B 46 15.69 25.11 -11.72
CA ASP B 46 16.02 23.69 -11.72
C ASP B 46 17.08 23.30 -12.75
N ASN B 47 18.17 24.07 -12.79
CA ASN B 47 19.27 23.83 -13.71
C ASN B 47 20.64 23.71 -12.98
N PHE B 48 21.74 23.56 -13.73
CA PHE B 48 23.06 23.43 -13.11
C PHE B 48 23.91 24.69 -13.31
N ILE B 49 23.26 25.87 -13.33
CA ILE B 49 23.98 27.14 -13.50
C ILE B 49 24.82 27.39 -12.25
N THR B 50 26.11 27.69 -12.45
CA THR B 50 27.02 27.92 -11.33
C THR B 50 27.50 29.36 -11.23
N HIS B 51 27.45 30.13 -12.32
CA HIS B 51 27.92 31.52 -12.30
C HIS B 51 26.96 32.52 -12.93
N ILE B 52 26.85 33.71 -12.33
CA ILE B 52 26.02 34.80 -12.84
C ILE B 52 26.89 36.05 -12.98
N THR B 53 27.25 36.38 -14.22
CA THR B 53 28.11 37.54 -14.50
C THR B 53 27.35 38.66 -15.26
N ASN B 54 28.02 39.78 -15.60
CA ASN B 54 27.41 40.88 -16.36
C ASN B 54 27.06 40.46 -17.80
N GLU B 55 27.76 39.45 -18.34
CA GLU B 55 27.53 38.95 -19.70
C GLU B 55 26.46 37.85 -19.79
N SER B 56 25.87 37.43 -18.66
CA SER B 56 24.86 36.38 -18.67
C SER B 56 23.57 36.85 -19.34
N PHE B 57 23.10 38.04 -18.98
CA PHE B 57 21.89 38.60 -19.57
C PHE B 57 22.23 39.78 -20.48
N GLN B 58 23.13 39.53 -21.43
CA GLN B 58 23.59 40.56 -22.36
C GLN B 58 22.57 40.80 -23.48
N GLY B 59 22.19 42.06 -23.65
CA GLY B 59 21.25 42.47 -24.70
C GLY B 59 19.78 42.23 -24.39
N LEU B 60 19.48 41.72 -23.20
CA LEU B 60 18.11 41.44 -22.79
C LEU B 60 17.56 42.62 -21.95
N GLN B 61 17.53 43.81 -22.55
CA GLN B 61 17.07 45.04 -21.90
C GLN B 61 15.61 44.99 -21.48
N ASN B 62 14.78 44.23 -22.20
CA ASN B 62 13.35 44.15 -21.90
C ASN B 62 12.99 43.09 -20.86
N LEU B 63 13.97 42.54 -20.13
CA LEU B 63 13.68 41.54 -19.10
C LEU B 63 13.14 42.17 -17.82
N THR B 64 11.88 41.90 -17.50
CA THR B 64 11.22 42.39 -16.31
C THR B 64 11.16 41.35 -15.17
N LYS B 65 11.38 40.07 -15.48
CA LYS B 65 11.33 39.03 -14.46
C LYS B 65 12.34 37.90 -14.73
N ILE B 66 13.18 37.59 -13.75
CA ILE B 66 14.18 36.53 -13.88
C ILE B 66 14.02 35.53 -12.73
N ASN B 67 13.82 34.25 -13.07
CA ASN B 67 13.67 33.21 -12.07
C ASN B 67 14.88 32.28 -12.13
N LEU B 68 15.73 32.31 -11.10
CA LEU B 68 16.92 31.46 -11.06
C LEU B 68 16.92 30.56 -9.82
N ASN B 69 15.75 29.98 -9.49
CA ASN B 69 15.62 29.10 -8.33
C ASN B 69 16.30 27.75 -8.54
N HIS B 70 16.78 27.14 -7.44
CA HIS B 70 17.44 25.84 -7.42
C HIS B 70 18.60 25.74 -8.40
N ASN B 71 19.61 26.62 -8.24
CA ASN B 71 20.77 26.63 -9.12
C ASN B 71 22.07 26.71 -8.33
N PRO B 72 22.90 25.66 -8.36
CA PRO B 72 22.72 24.40 -9.09
C PRO B 72 21.97 23.33 -8.27
N ASN B 73 21.40 22.35 -8.96
CA ASN B 73 20.67 21.27 -8.29
C ASN B 73 21.58 20.08 -8.04
N GLY B 87 27.92 26.01 -4.78
CA GLY B 87 26.88 27.03 -4.69
C GLY B 87 26.75 27.88 -5.93
N LEU B 88 26.12 29.05 -5.81
CA LEU B 88 25.95 29.96 -6.95
C LEU B 88 26.83 31.19 -6.81
N ASN B 89 27.78 31.37 -7.74
CA ASN B 89 28.70 32.50 -7.69
C ASN B 89 28.19 33.67 -8.54
N ILE B 90 27.60 34.68 -7.91
CA ILE B 90 27.10 35.85 -8.60
C ILE B 90 28.05 37.02 -8.38
N THR B 91 28.55 37.64 -9.45
CA THR B 91 29.46 38.77 -9.33
C THR B 91 28.74 40.04 -8.87
N ASP B 92 29.49 41.01 -8.33
CA ASP B 92 28.92 42.27 -7.85
C ASP B 92 28.41 43.11 -9.01
N GLY B 93 27.13 43.47 -8.96
CA GLY B 93 26.51 44.28 -9.99
C GLY B 93 26.22 43.54 -11.27
N ALA B 94 25.99 42.22 -11.19
CA ALA B 94 25.71 41.41 -12.36
C ALA B 94 24.31 41.65 -12.95
N PHE B 95 23.38 42.21 -12.16
CA PHE B 95 22.02 42.49 -12.61
C PHE B 95 21.72 43.99 -12.80
N LEU B 96 22.67 44.88 -12.47
CA LEU B 96 22.51 46.33 -12.57
C LEU B 96 22.25 46.83 -14.00
N ASN B 97 22.83 46.15 -15.00
CA ASN B 97 22.67 46.49 -16.42
C ASN B 97 21.25 46.31 -16.95
N LEU B 98 20.38 45.60 -16.22
CA LEU B 98 18.99 45.36 -16.61
C LEU B 98 18.11 46.38 -15.90
N LYS B 99 17.89 47.54 -16.53
CA LYS B 99 17.14 48.67 -15.98
C LYS B 99 15.64 48.42 -15.77
N ASN B 100 15.07 47.40 -16.43
CA ASN B 100 13.63 47.11 -16.31
C ASN B 100 13.30 45.91 -15.42
N LEU B 101 14.29 45.32 -14.75
CA LEU B 101 14.07 44.15 -13.89
C LEU B 101 13.25 44.50 -12.65
N ARG B 102 12.05 43.92 -12.53
CA ARG B 102 11.17 44.18 -11.39
C ARG B 102 11.12 43.00 -10.42
N GLU B 103 10.90 41.78 -10.94
CA GLU B 103 10.83 40.60 -10.09
C GLU B 103 12.05 39.70 -10.24
N LEU B 104 12.75 39.44 -9.14
CA LEU B 104 13.93 38.58 -9.18
C LEU B 104 13.84 37.48 -8.12
N LEU B 105 13.78 36.22 -8.56
CA LEU B 105 13.67 35.10 -7.64
C LEU B 105 14.98 34.32 -7.57
N LEU B 106 15.58 34.29 -6.37
CA LEU B 106 16.83 33.58 -6.12
C LEU B 106 16.68 32.64 -4.91
N GLU B 107 15.85 31.60 -5.05
CA GLU B 107 15.62 30.65 -3.98
C GLU B 107 16.49 29.40 -4.11
N ASP B 108 16.91 28.82 -2.97
CA ASP B 108 17.74 27.62 -2.91
C ASP B 108 18.99 27.72 -3.80
N ASN B 109 19.87 28.67 -3.50
CA ASN B 109 21.09 28.90 -4.27
C ASN B 109 22.39 28.86 -3.44
N GLN B 110 22.28 28.62 -2.12
CA GLN B 110 23.41 28.56 -1.20
C GLN B 110 24.22 29.85 -1.16
N LEU B 111 23.54 31.01 -1.24
CA LEU B 111 24.21 32.31 -1.22
C LEU B 111 24.60 32.64 0.22
N PRO B 112 25.89 32.93 0.48
CA PRO B 112 26.29 33.25 1.85
C PRO B 112 25.89 34.65 2.34
N GLN B 113 25.61 35.56 1.42
CA GLN B 113 25.19 36.93 1.73
C GLN B 113 24.20 37.48 0.68
N ILE B 114 23.54 38.60 0.98
CA ILE B 114 22.62 39.22 0.02
C ILE B 114 23.47 39.79 -1.13
N PRO B 115 23.16 39.42 -2.38
CA PRO B 115 23.96 39.92 -3.51
C PRO B 115 24.06 41.43 -3.61
N SER B 116 25.27 41.94 -3.83
CA SER B 116 25.51 43.37 -3.96
C SER B 116 25.33 43.84 -5.41
N GLY B 117 25.02 45.12 -5.58
CA GLY B 117 24.84 45.70 -6.90
C GLY B 117 23.51 45.34 -7.55
N LEU B 118 22.48 45.10 -6.73
CA LEU B 118 21.16 44.77 -7.25
C LEU B 118 20.49 46.03 -7.79
N PRO B 119 19.77 45.92 -8.92
CA PRO B 119 19.14 47.12 -9.50
C PRO B 119 18.05 47.74 -8.63
N GLU B 120 18.03 49.08 -8.56
CA GLU B 120 17.05 49.82 -7.76
C GLU B 120 15.60 49.69 -8.25
N SER B 121 15.39 49.16 -9.46
CA SER B 121 14.05 48.97 -10.03
C SER B 121 13.34 47.70 -9.51
N LEU B 122 13.95 46.96 -8.58
CA LEU B 122 13.35 45.74 -8.04
C LEU B 122 12.17 45.99 -7.13
N THR B 123 10.99 45.50 -7.52
CA THR B 123 9.77 45.59 -6.72
C THR B 123 9.47 44.27 -5.98
N GLU B 124 10.06 43.14 -6.42
CA GLU B 124 9.87 41.84 -5.78
C GLU B 124 11.20 41.12 -5.71
N LEU B 125 11.67 40.79 -4.50
CA LEU B 125 12.93 40.06 -4.34
C LEU B 125 12.77 38.88 -3.38
N SER B 126 13.12 37.67 -3.84
CA SER B 126 13.00 36.48 -3.00
C SER B 126 14.36 35.80 -2.83
N LEU B 127 14.79 35.62 -1.58
CA LEU B 127 16.07 34.99 -1.27
C LEU B 127 15.83 33.93 -0.20
N ILE B 128 14.88 33.03 -0.48
CA ILE B 128 14.51 31.94 0.42
C ILE B 128 15.46 30.75 0.28
N GLN B 129 15.67 29.98 1.36
CA GLN B 129 16.51 28.79 1.41
C GLN B 129 17.97 29.07 1.01
N ASN B 130 18.57 30.10 1.62
CA ASN B 130 19.95 30.48 1.35
C ASN B 130 20.78 30.50 2.67
N ASN B 131 22.08 30.81 2.57
CA ASN B 131 22.93 30.90 3.75
C ASN B 131 23.15 32.36 4.17
N ILE B 132 22.14 33.22 3.96
CA ILE B 132 22.24 34.64 4.31
C ILE B 132 22.12 34.82 5.82
N TYR B 133 23.22 35.17 6.48
CA TYR B 133 23.23 35.34 7.93
C TYR B 133 23.22 36.81 8.37
N ASN B 134 23.50 37.75 7.45
CA ASN B 134 23.51 39.17 7.75
C ASN B 134 22.64 39.95 6.76
N ILE B 135 21.72 40.78 7.27
CA ILE B 135 20.88 41.62 6.42
C ILE B 135 21.54 43.00 6.41
N THR B 136 22.45 43.21 5.46
CA THR B 136 23.23 44.44 5.37
C THR B 136 22.57 45.56 4.57
N LYS B 137 22.98 46.81 4.85
CA LYS B 137 22.49 47.99 4.14
C LYS B 137 23.11 48.12 2.74
N GLU B 138 24.26 47.48 2.49
CA GLU B 138 24.93 47.51 1.20
C GLU B 138 24.14 46.79 0.09
N GLY B 139 23.35 45.78 0.46
CA GLY B 139 22.57 45.03 -0.51
C GLY B 139 21.07 45.25 -0.44
N ILE B 140 20.57 45.93 0.62
CA ILE B 140 19.13 46.14 0.77
C ILE B 140 18.70 47.62 0.69
N SER B 141 19.33 48.50 1.49
CA SER B 141 18.97 49.93 1.57
C SER B 141 18.88 50.69 0.25
N ARG B 142 19.67 50.30 -0.76
CA ARG B 142 19.63 50.96 -2.07
C ARG B 142 18.36 50.63 -2.88
N LEU B 143 17.68 49.52 -2.55
CA LEU B 143 16.46 49.08 -3.24
C LEU B 143 15.26 49.79 -2.63
N ILE B 144 15.08 51.08 -2.94
CA ILE B 144 13.97 51.88 -2.40
C ILE B 144 12.60 51.58 -3.04
N ASN B 145 12.57 50.78 -4.12
CA ASN B 145 11.32 50.45 -4.80
C ASN B 145 10.76 49.08 -4.43
N LEU B 146 11.33 48.39 -3.42
CA LEU B 146 10.88 47.06 -3.02
C LEU B 146 9.49 47.07 -2.39
N LYS B 147 8.64 46.16 -2.82
CA LYS B 147 7.29 46.00 -2.31
C LYS B 147 7.18 44.65 -1.59
N ASN B 148 7.78 43.59 -2.15
CA ASN B 148 7.74 42.27 -1.55
C ASN B 148 9.14 41.76 -1.25
N LEU B 149 9.45 41.44 0.02
CA LEU B 149 10.76 40.93 0.39
C LEU B 149 10.66 39.61 1.15
N TYR B 150 11.08 38.51 0.50
CA TYR B 150 11.02 37.19 1.11
C TYR B 150 12.42 36.75 1.52
N LEU B 151 12.69 36.67 2.82
CA LEU B 151 14.00 36.25 3.32
C LEU B 151 13.86 35.07 4.26
N ALA B 152 13.02 34.09 3.90
CA ALA B 152 12.75 32.92 4.74
C ALA B 152 13.82 31.82 4.63
N TRP B 153 13.93 30.98 5.67
CA TRP B 153 14.87 29.84 5.75
C TRP B 153 16.34 30.20 5.48
N ASN B 154 16.96 30.98 6.37
CA ASN B 154 18.37 31.37 6.20
C ASN B 154 19.22 30.97 7.41
N CYS B 155 18.90 31.49 8.60
CA CYS B 155 19.62 31.15 9.82
C CYS B 155 18.77 30.10 10.54
N TYR B 156 18.45 29.01 9.83
CA TYR B 156 17.61 27.92 10.32
C TYR B 156 18.41 26.62 10.38
N CYS B 161 25.15 30.45 12.13
CA CYS B 161 24.77 31.60 12.94
C CYS B 161 23.80 31.23 14.06
N GLU B 162 24.04 31.77 15.25
CA GLU B 162 23.14 31.55 16.39
C GLU B 162 21.90 32.45 16.28
N LYS B 163 22.05 33.65 15.68
CA LYS B 163 20.98 34.60 15.44
C LYS B 163 21.25 35.39 14.16
N THR B 164 20.19 35.78 13.44
CA THR B 164 20.31 36.54 12.19
C THR B 164 20.71 37.96 12.53
N ASN B 165 21.74 38.49 11.85
CA ASN B 165 22.21 39.84 12.11
C ASN B 165 21.45 40.86 11.27
N ILE B 166 20.35 41.40 11.81
CA ILE B 166 19.56 42.39 11.10
C ILE B 166 20.02 43.80 11.50
N GLU B 167 20.58 44.55 10.55
CA GLU B 167 21.09 45.89 10.78
C GLU B 167 20.02 46.84 11.28
N ASP B 168 20.35 47.68 12.26
CA ASP B 168 19.39 48.63 12.81
C ASP B 168 18.99 49.66 11.76
N GLY B 169 17.73 49.61 11.34
CA GLY B 169 17.22 50.55 10.34
C GLY B 169 17.50 50.16 8.91
N VAL B 170 17.75 48.86 8.66
CA VAL B 170 18.01 48.37 7.30
C VAL B 170 16.73 48.42 6.42
N PHE B 171 15.54 48.33 7.05
CA PHE B 171 14.27 48.38 6.33
C PHE B 171 13.61 49.78 6.37
N GLU B 172 14.15 50.74 7.14
CA GLU B 172 13.60 52.08 7.27
C GLU B 172 13.63 52.85 5.95
N THR B 173 14.66 52.62 5.14
CA THR B 173 14.81 53.27 3.83
C THR B 173 13.81 52.75 2.79
N LEU B 174 13.35 51.49 2.96
CA LEU B 174 12.38 50.85 2.06
C LEU B 174 10.97 51.37 2.35
N THR B 175 10.70 52.63 1.98
CA THR B 175 9.42 53.30 2.23
C THR B 175 8.24 52.77 1.41
N ASN B 176 8.47 51.83 0.50
CA ASN B 176 7.40 51.25 -0.31
C ASN B 176 7.13 49.77 0.01
N LEU B 177 7.81 49.19 1.01
CA LEU B 177 7.66 47.79 1.38
C LEU B 177 6.28 47.46 1.96
N GLU B 178 5.58 46.54 1.32
CA GLU B 178 4.25 46.11 1.74
C GLU B 178 4.29 44.72 2.40
N LEU B 179 5.25 43.87 2.02
CA LEU B 179 5.35 42.53 2.56
C LEU B 179 6.78 42.20 2.98
N LEU B 180 6.96 41.80 4.25
CA LEU B 180 8.28 41.41 4.74
C LEU B 180 8.18 40.05 5.41
N SER B 181 8.77 39.02 4.79
CA SER B 181 8.73 37.67 5.35
C SER B 181 10.07 37.21 5.88
N LEU B 182 10.24 37.27 7.21
CA LEU B 182 11.48 36.83 7.83
C LEU B 182 11.31 35.48 8.58
N SER B 183 10.32 34.67 8.17
CA SER B 183 10.00 33.37 8.77
C SER B 183 11.14 32.35 8.69
N PHE B 184 11.16 31.38 9.61
CA PHE B 184 12.14 30.30 9.70
C PHE B 184 13.58 30.82 9.78
N ASN B 185 13.83 31.68 10.78
CA ASN B 185 15.12 32.30 11.03
C ASN B 185 15.29 32.51 12.53
N SER B 186 16.50 32.32 13.07
CA SER B 186 16.73 32.55 14.50
C SER B 186 16.76 34.05 14.76
N LEU B 187 15.60 34.65 15.08
CA LEU B 187 15.54 36.08 15.33
C LEU B 187 15.61 36.44 16.81
N SER B 188 14.81 35.75 17.66
CA SER B 188 14.71 35.95 19.11
C SER B 188 13.96 37.22 19.50
N HIS B 189 14.17 38.32 18.75
CA HIS B 189 13.52 39.60 19.01
C HIS B 189 13.01 40.20 17.69
N VAL B 190 11.90 40.94 17.75
CA VAL B 190 11.31 41.57 16.57
C VAL B 190 12.24 42.70 16.08
N PRO B 191 12.60 42.69 14.79
CA PRO B 191 13.50 43.73 14.27
C PRO B 191 12.99 45.15 14.46
N PRO B 192 13.83 46.02 15.05
CA PRO B 192 13.40 47.40 15.25
C PRO B 192 13.46 48.24 13.96
N LYS B 193 12.83 49.43 13.98
CA LYS B 193 12.77 50.36 12.86
C LYS B 193 12.24 49.73 11.57
N LEU B 194 10.95 49.41 11.54
CA LEU B 194 10.31 48.82 10.37
C LEU B 194 9.51 49.88 9.60
N PRO B 195 9.40 49.77 8.26
CA PRO B 195 8.68 50.80 7.49
C PRO B 195 7.18 50.85 7.77
N SER B 196 6.64 52.07 7.95
CA SER B 196 5.22 52.30 8.23
C SER B 196 4.29 51.80 7.09
N SER B 197 4.83 51.63 5.88
CA SER B 197 4.07 51.15 4.73
C SER B 197 3.73 49.66 4.79
N LEU B 198 4.36 48.89 5.70
CA LEU B 198 4.17 47.45 5.85
C LEU B 198 2.71 47.06 6.06
N ARG B 199 2.25 46.08 5.28
CA ARG B 199 0.90 45.56 5.36
C ARG B 199 0.86 44.06 5.68
N LYS B 200 1.95 43.32 5.46
CA LYS B 200 2.01 41.89 5.75
C LYS B 200 3.35 41.52 6.39
N LEU B 201 3.33 41.23 7.69
CA LEU B 201 4.56 40.87 8.42
C LEU B 201 4.53 39.40 8.82
N PHE B 202 5.40 38.59 8.22
CA PHE B 202 5.47 37.17 8.52
C PHE B 202 6.70 36.88 9.38
N LEU B 203 6.49 36.33 10.58
CA LEU B 203 7.57 36.01 11.52
C LEU B 203 7.34 34.61 12.14
N SER B 204 6.96 33.63 11.32
CA SER B 204 6.72 32.27 11.80
C SER B 204 8.02 31.54 12.11
N ASN B 205 8.04 30.70 13.16
CA ASN B 205 9.21 29.93 13.61
C ASN B 205 10.47 30.79 13.69
N THR B 206 10.38 31.92 14.39
CA THR B 206 11.48 32.87 14.51
C THR B 206 12.15 32.91 15.90
N GLN B 207 11.79 31.97 16.79
CA GLN B 207 12.32 31.85 18.14
C GLN B 207 12.10 33.09 19.01
N ILE B 208 11.05 33.87 18.71
CA ILE B 208 10.73 35.06 19.49
C ILE B 208 9.80 34.63 20.63
N LYS B 209 10.33 34.51 21.85
CA LYS B 209 9.52 34.07 22.99
C LYS B 209 8.77 35.19 23.72
N TYR B 210 9.08 36.46 23.41
CA TYR B 210 8.44 37.59 24.07
C TYR B 210 8.07 38.70 23.07
N ILE B 211 6.84 39.18 23.15
CA ILE B 211 6.35 40.26 22.29
C ILE B 211 6.00 41.47 23.17
N SER B 212 6.62 42.62 22.90
CA SER B 212 6.36 43.85 23.67
C SER B 212 5.50 44.87 22.89
N GLU B 213 5.09 45.97 23.55
CA GLU B 213 4.29 47.03 22.94
C GLU B 213 5.07 47.79 21.85
N GLU B 214 6.39 47.95 22.04
CA GLU B 214 7.22 48.70 21.11
C GLU B 214 7.64 47.94 19.84
N ASP B 215 7.31 46.65 19.74
CA ASP B 215 7.68 45.85 18.58
C ASP B 215 6.93 46.26 17.31
N PHE B 216 5.68 46.71 17.46
CA PHE B 216 4.86 47.13 16.32
C PHE B 216 4.35 48.55 16.58
N LYS B 217 5.28 49.46 16.89
CA LYS B 217 4.92 50.84 17.20
C LYS B 217 4.35 51.61 16.00
N GLY B 218 5.14 51.75 14.93
CA GLY B 218 4.71 52.50 13.75
C GLY B 218 4.19 51.64 12.61
N LEU B 219 3.32 50.66 12.92
CA LEU B 219 2.76 49.77 11.91
C LEU B 219 1.23 49.86 11.93
N ILE B 220 0.70 51.08 11.82
CA ILE B 220 -0.75 51.30 11.84
C ILE B 220 -1.47 50.81 10.56
N ASN B 221 -0.73 50.58 9.47
CA ASN B 221 -1.34 50.09 8.23
C ASN B 221 -1.15 48.57 8.03
N LEU B 222 -0.70 47.85 9.06
CA LEU B 222 -0.47 46.41 8.98
C LEU B 222 -1.79 45.67 8.97
N THR B 223 -1.99 44.80 7.98
CA THR B 223 -3.19 43.99 7.83
C THR B 223 -2.95 42.50 8.13
N LEU B 224 -1.69 42.06 8.25
CA LEU B 224 -1.38 40.66 8.55
C LEU B 224 -0.19 40.54 9.50
N LEU B 225 -0.33 39.75 10.55
CA LEU B 225 0.76 39.48 11.47
C LEU B 225 0.87 37.99 11.72
N ASP B 226 2.00 37.40 11.36
CA ASP B 226 2.22 35.97 11.55
C ASP B 226 3.24 35.78 12.67
N LEU B 227 2.81 35.22 13.79
CA LEU B 227 3.72 34.94 14.90
C LEU B 227 3.68 33.46 15.32
N SER B 228 3.29 32.56 14.39
CA SER B 228 3.17 31.13 14.64
C SER B 228 4.50 30.43 14.83
N GLY B 229 4.50 29.27 15.48
CA GLY B 229 5.71 28.49 15.68
C GLY B 229 6.70 29.03 16.70
N ASN B 230 6.27 29.98 17.53
CA ASN B 230 7.12 30.55 18.57
C ASN B 230 6.63 29.97 19.88
N CYS B 231 7.45 29.08 20.48
CA CYS B 231 7.13 28.25 21.65
C CYS B 231 6.11 27.22 21.16
N PRO B 232 6.51 26.31 20.26
CA PRO B 232 5.52 25.43 19.64
C PRO B 232 5.10 24.18 20.39
N ARG B 233 3.96 23.63 19.97
CA ARG B 233 3.40 22.37 20.42
C ARG B 233 3.73 21.43 19.26
N CYS B 234 4.77 20.60 19.42
CA CYS B 234 5.26 19.73 18.35
C CYS B 234 4.30 18.60 17.99
N PHE B 235 3.59 18.77 16.87
CA PHE B 235 2.65 17.78 16.37
C PHE B 235 2.81 17.68 14.85
N ASN B 236 3.42 16.58 14.39
CA ASN B 236 3.64 16.25 12.98
C ASN B 236 4.19 17.43 12.17
N ALA B 237 5.22 18.09 12.68
CA ALA B 237 5.81 19.23 11.98
C ALA B 237 6.73 18.76 10.87
N PRO B 238 6.61 19.34 9.67
CA PRO B 238 7.52 18.94 8.57
C PRO B 238 8.91 19.59 8.63
N PHE B 239 9.16 20.42 9.65
CA PHE B 239 10.39 21.15 9.91
C PHE B 239 10.83 20.92 11.38
N PRO B 240 12.10 21.23 11.77
CA PRO B 240 12.50 21.02 13.17
C PRO B 240 11.60 21.72 14.18
N CYS B 241 11.27 21.04 15.27
CA CYS B 241 10.39 21.60 16.29
C CYS B 241 10.95 21.40 17.69
N VAL B 242 11.16 22.49 18.43
CA VAL B 242 11.66 22.40 19.80
C VAL B 242 10.84 23.28 20.74
N PRO B 243 10.27 22.69 21.81
CA PRO B 243 9.47 23.49 22.75
C PRO B 243 10.26 24.53 23.55
N CYS B 244 9.55 25.45 24.23
CA CYS B 244 10.17 26.55 24.98
C CYS B 244 10.65 26.20 26.39
N ASP B 245 11.08 24.95 26.63
CA ASP B 245 11.58 24.51 27.93
C ASP B 245 10.61 24.77 29.08
N GLY B 246 10.06 23.69 29.64
CA GLY B 246 9.11 23.80 30.73
C GLY B 246 7.73 24.23 30.29
N GLY B 247 7.36 23.82 29.06
CA GLY B 247 6.07 24.12 28.46
C GLY B 247 5.69 25.58 28.46
N ALA B 248 6.66 26.46 28.24
CA ALA B 248 6.41 27.90 28.24
C ALA B 248 5.66 28.35 27.01
N SER B 249 4.80 29.35 27.18
CA SER B 249 4.00 29.92 26.12
C SER B 249 4.65 31.22 25.60
N ILE B 250 4.21 31.71 24.43
CA ILE B 250 4.71 32.98 23.90
C ILE B 250 4.17 34.10 24.82
N ASN B 251 5.05 34.98 25.28
CA ASN B 251 4.63 36.05 26.19
C ASN B 251 4.27 37.32 25.46
N ILE B 252 3.01 37.45 25.04
CA ILE B 252 2.55 38.65 24.34
C ILE B 252 2.05 39.67 25.35
N ASP B 253 2.57 40.91 25.26
CA ASP B 253 2.20 42.01 26.15
C ASP B 253 0.71 42.35 26.04
N ARG B 254 0.14 42.94 27.09
CA ARG B 254 -1.28 43.32 27.08
C ARG B 254 -1.60 44.37 26.03
N PHE B 255 -0.64 45.27 25.75
CA PHE B 255 -0.82 46.32 24.74
C PHE B 255 0.08 46.12 23.53
N ALA B 256 0.45 44.89 23.20
CA ALA B 256 1.33 44.60 22.06
C ALA B 256 0.64 44.90 20.74
N PHE B 257 -0.67 44.68 20.65
CA PHE B 257 -1.42 44.95 19.42
C PHE B 257 -2.34 46.16 19.59
N GLN B 258 -1.93 47.16 20.40
CA GLN B 258 -2.73 48.35 20.66
C GLN B 258 -2.81 49.31 19.49
N ASN B 259 -1.74 49.38 18.68
CA ASN B 259 -1.73 50.28 17.52
C ASN B 259 -1.89 49.57 16.17
N LEU B 260 -2.41 48.33 16.18
CA LEU B 260 -2.64 47.57 14.95
C LEU B 260 -4.14 47.57 14.67
N THR B 261 -4.69 48.76 14.39
CA THR B 261 -6.11 48.93 14.16
C THR B 261 -6.59 48.34 12.84
N GLN B 262 -5.71 48.21 11.84
CA GLN B 262 -6.09 47.67 10.54
C GLN B 262 -5.79 46.17 10.37
N LEU B 263 -5.50 45.45 11.47
CA LEU B 263 -5.18 44.03 11.40
C LEU B 263 -6.37 43.16 11.00
N ARG B 264 -6.20 42.36 9.94
CA ARG B 264 -7.22 41.45 9.42
C ARG B 264 -6.83 39.99 9.59
N TYR B 265 -5.52 39.68 9.61
CA TYR B 265 -5.06 38.31 9.73
C TYR B 265 -4.08 38.15 10.88
N LEU B 266 -4.35 37.23 11.81
CA LEU B 266 -3.46 36.98 12.94
C LEU B 266 -3.20 35.49 13.08
N ASN B 267 -1.94 35.08 12.95
CA ASN B 267 -1.58 33.68 13.05
C ASN B 267 -0.79 33.41 14.33
N LEU B 268 -1.45 32.83 15.33
CA LEU B 268 -0.81 32.46 16.59
C LEU B 268 -0.82 30.93 16.78
N SER B 269 -0.63 30.19 15.67
CA SER B 269 -0.61 28.73 15.70
C SER B 269 0.67 28.22 16.32
N SER B 270 0.62 27.09 17.02
CA SER B 270 1.78 26.48 17.66
C SER B 270 2.57 27.47 18.52
N THR B 271 1.89 28.10 19.47
CA THR B 271 2.52 29.06 20.37
C THR B 271 2.35 28.66 21.86
N SER B 272 1.99 27.38 22.13
CA SER B 272 1.77 26.78 23.45
C SER B 272 0.87 27.60 24.37
N LEU B 273 0.00 28.44 23.78
CA LEU B 273 -0.92 29.30 24.52
C LEU B 273 -1.91 28.52 25.36
N ARG B 274 -1.94 28.81 26.66
CA ARG B 274 -2.89 28.18 27.58
C ARG B 274 -3.90 29.20 28.14
N LYS B 275 -3.94 30.44 27.59
CA LYS B 275 -4.81 31.54 28.00
C LYS B 275 -4.71 32.65 26.94
N ILE B 276 -5.85 33.20 26.50
CA ILE B 276 -5.89 34.27 25.51
C ILE B 276 -6.38 35.54 26.16
N ASN B 277 -5.52 36.56 26.22
CA ASN B 277 -5.90 37.83 26.83
C ASN B 277 -6.86 38.58 25.90
N ALA B 278 -8.05 38.93 26.41
CA ALA B 278 -9.07 39.63 25.65
C ALA B 278 -8.66 41.04 25.22
N ALA B 279 -7.74 41.67 25.97
CA ALA B 279 -7.24 43.02 25.67
C ALA B 279 -6.39 43.08 24.38
N TRP B 280 -5.94 41.93 23.86
CA TRP B 280 -5.17 41.89 22.62
C TRP B 280 -6.00 42.38 21.43
N PHE B 281 -7.32 42.14 21.46
CA PHE B 281 -8.24 42.53 20.39
C PHE B 281 -9.10 43.74 20.78
N LYS B 282 -8.57 44.65 21.63
CA LYS B 282 -9.33 45.80 22.06
C LYS B 282 -9.52 46.85 20.96
N ASN B 283 -8.47 47.10 20.18
CA ASN B 283 -8.53 48.08 19.09
C ASN B 283 -8.33 47.39 17.74
N MET B 284 -8.88 46.17 17.60
CA MET B 284 -8.77 45.38 16.38
C MET B 284 -10.19 44.98 15.93
N PRO B 285 -10.98 45.92 15.37
CA PRO B 285 -12.35 45.58 14.97
C PRO B 285 -12.50 44.99 13.57
N HIS B 286 -11.42 44.97 12.77
CA HIS B 286 -11.49 44.44 11.41
C HIS B 286 -10.93 43.03 11.28
N LEU B 287 -10.46 42.40 12.38
CA LEU B 287 -9.89 41.05 12.35
C LEU B 287 -10.83 40.04 11.71
N LYS B 288 -10.41 39.50 10.57
CA LYS B 288 -11.18 38.56 9.75
C LYS B 288 -10.75 37.11 9.93
N VAL B 289 -9.45 36.83 10.03
CA VAL B 289 -8.97 35.46 10.20
C VAL B 289 -8.09 35.32 11.45
N LEU B 290 -8.47 34.43 12.37
CA LEU B 290 -7.69 34.18 13.58
C LEU B 290 -7.28 32.71 13.64
N ASP B 291 -5.98 32.45 13.62
CA ASP B 291 -5.45 31.09 13.68
C ASP B 291 -4.91 30.78 15.08
N LEU B 292 -5.48 29.76 15.74
CA LEU B 292 -5.06 29.38 17.10
C LEU B 292 -4.85 27.87 17.24
N GLU B 293 -4.47 27.19 16.17
CA GLU B 293 -4.24 25.75 16.19
C GLU B 293 -2.96 25.36 16.93
N PHE B 294 -2.88 24.12 17.42
CA PHE B 294 -1.71 23.57 18.11
C PHE B 294 -1.33 24.36 19.36
N ASN B 295 -2.33 24.64 20.19
CA ASN B 295 -2.17 25.32 21.47
C ASN B 295 -2.83 24.44 22.57
N TYR B 296 -3.06 24.98 23.78
CA TYR B 296 -3.69 24.21 24.85
C TYR B 296 -4.89 25.00 25.33
N LEU B 297 -5.78 25.34 24.40
CA LEU B 297 -6.93 26.19 24.70
C LEU B 297 -8.24 25.45 24.98
N VAL B 298 -8.22 24.24 25.58
CA VAL B 298 -9.47 23.55 25.93
C VAL B 298 -10.28 24.37 26.95
N GLY B 299 -9.57 24.96 27.92
CA GLY B 299 -10.17 25.81 28.94
C GLY B 299 -10.65 27.12 28.35
N GLU B 300 -9.88 27.69 27.42
CA GLU B 300 -10.26 28.94 26.76
C GLU B 300 -11.46 28.77 25.82
N ILE B 301 -11.69 27.55 25.31
CA ILE B 301 -12.86 27.30 24.46
C ILE B 301 -14.14 27.21 25.33
N ALA B 302 -14.01 26.77 26.60
CA ALA B 302 -15.10 26.65 27.55
C ALA B 302 -15.49 27.99 28.18
N SER B 303 -14.51 28.89 28.38
CA SER B 303 -14.80 30.19 28.99
C SER B 303 -14.87 31.31 27.94
N GLY B 304 -13.82 31.44 27.13
CA GLY B 304 -13.71 32.39 26.03
C GLY B 304 -14.03 33.84 26.28
N ALA B 305 -13.15 34.54 26.99
CA ALA B 305 -13.33 35.96 27.26
C ALA B 305 -13.06 36.81 26.01
N PHE B 306 -12.08 36.39 25.19
CA PHE B 306 -11.67 37.04 23.96
C PHE B 306 -12.72 36.96 22.84
N LEU B 307 -13.68 36.02 22.94
CA LEU B 307 -14.69 35.82 21.91
C LEU B 307 -15.64 37.00 21.73
N THR B 308 -15.84 37.77 22.80
CA THR B 308 -16.69 38.97 22.75
C THR B 308 -15.98 40.18 22.09
N MET B 309 -14.70 40.04 21.72
CA MET B 309 -13.89 41.08 21.10
C MET B 309 -13.71 40.89 19.58
N LEU B 310 -14.36 39.87 18.98
CA LEU B 310 -14.22 39.61 17.55
C LEU B 310 -15.57 39.63 16.81
N PRO B 311 -16.18 40.81 16.62
CA PRO B 311 -17.48 40.86 15.94
C PRO B 311 -17.42 40.73 14.42
N ARG B 312 -16.23 40.92 13.81
CA ARG B 312 -16.11 40.81 12.35
C ARG B 312 -15.26 39.61 11.89
N LEU B 313 -14.95 38.67 12.81
CA LEU B 313 -14.14 37.49 12.50
C LEU B 313 -14.93 36.51 11.66
N GLU B 314 -14.34 36.01 10.57
CA GLU B 314 -14.99 35.09 9.67
C GLU B 314 -14.39 33.68 9.77
N ILE B 315 -13.07 33.59 9.95
CA ILE B 315 -12.42 32.28 10.05
C ILE B 315 -11.73 32.11 11.39
N LEU B 316 -12.25 31.22 12.22
CA LEU B 316 -11.65 30.93 13.51
C LEU B 316 -11.20 29.48 13.47
N ASP B 317 -9.93 29.24 13.78
CA ASP B 317 -9.40 27.89 13.76
C ASP B 317 -8.80 27.52 15.11
N LEU B 318 -9.43 26.58 15.82
CA LEU B 318 -8.94 26.12 17.11
C LEU B 318 -8.63 24.62 17.04
N SER B 319 -8.00 24.19 15.95
CA SER B 319 -7.69 22.77 15.75
C SER B 319 -6.50 22.28 16.57
N PHE B 320 -6.49 20.98 16.86
CA PHE B 320 -5.47 20.27 17.60
C PHE B 320 -5.04 20.99 18.87
N ASN B 321 -6.03 21.34 19.69
CA ASN B 321 -5.83 21.98 20.98
C ASN B 321 -6.11 21.01 22.15
N TYR B 322 -6.27 19.70 21.87
CA TYR B 322 -6.61 18.61 22.79
C TYR B 322 -5.76 18.52 24.05
N ILE B 323 -6.31 17.90 25.09
CA ILE B 323 -5.59 17.62 26.31
C ILE B 323 -5.07 16.20 26.12
N LYS B 324 -3.74 16.01 26.14
CA LYS B 324 -3.14 14.69 25.93
C LYS B 324 -3.62 13.68 26.98
N GLY B 325 -4.15 12.56 26.51
CA GLY B 325 -4.65 11.50 27.37
C GLY B 325 -6.07 11.70 27.88
N SER B 326 -6.78 12.69 27.33
CA SER B 326 -8.15 12.98 27.73
C SER B 326 -9.12 12.68 26.60
N TYR B 327 -10.23 12.01 26.91
CA TYR B 327 -11.27 11.68 25.95
C TYR B 327 -12.61 12.06 26.59
N PRO B 328 -12.91 13.37 26.67
CA PRO B 328 -14.15 13.80 27.32
C PRO B 328 -15.41 13.36 26.60
N GLN B 329 -16.52 13.28 27.32
CA GLN B 329 -17.79 12.86 26.74
C GLN B 329 -18.34 13.92 25.79
N HIS B 330 -18.15 15.21 26.10
CA HIS B 330 -18.70 16.27 25.27
C HIS B 330 -17.71 17.42 25.00
N ILE B 331 -17.99 18.23 23.97
CA ILE B 331 -17.18 19.39 23.65
C ILE B 331 -17.74 20.60 24.43
N ASN B 332 -16.87 21.33 25.16
CA ASN B 332 -17.34 22.47 25.94
C ASN B 332 -17.18 23.77 25.17
N ILE B 333 -18.25 24.19 24.49
CA ILE B 333 -18.26 25.42 23.71
C ILE B 333 -18.88 26.54 24.55
N SER B 334 -18.13 27.64 24.75
CA SER B 334 -18.59 28.77 25.56
C SER B 334 -19.79 29.47 24.93
N ARG B 335 -20.64 30.08 25.76
CA ARG B 335 -21.78 30.84 25.28
C ARG B 335 -21.31 32.05 24.44
N ASN B 336 -20.12 32.60 24.77
CA ASN B 336 -19.54 33.73 24.06
C ASN B 336 -19.24 33.46 22.58
N PHE B 337 -19.37 32.20 22.13
CA PHE B 337 -19.24 31.88 20.71
C PHE B 337 -20.40 32.53 19.90
N SER B 338 -21.53 32.87 20.57
CA SER B 338 -22.67 33.56 19.97
C SER B 338 -22.35 35.02 19.58
N LYS B 339 -21.27 35.59 20.13
CA LYS B 339 -20.82 36.94 19.83
C LYS B 339 -19.94 37.03 18.56
N LEU B 340 -19.73 35.90 17.85
CA LEU B 340 -18.95 35.88 16.62
C LEU B 340 -19.96 35.97 15.46
N LEU B 341 -20.69 37.09 15.40
CA LEU B 341 -21.76 37.33 14.42
C LEU B 341 -21.36 37.23 12.95
N SER B 342 -20.11 37.57 12.60
CA SER B 342 -19.67 37.51 11.20
C SER B 342 -19.00 36.19 10.81
N LEU B 343 -18.96 35.19 11.72
CA LEU B 343 -18.30 33.91 11.48
C LEU B 343 -18.85 33.13 10.30
N ARG B 344 -17.96 32.68 9.41
CA ARG B 344 -18.29 31.90 8.21
C ARG B 344 -17.73 30.47 8.31
N ALA B 345 -16.62 30.28 9.03
CA ALA B 345 -16.00 28.96 9.14
C ALA B 345 -15.38 28.71 10.51
N LEU B 346 -15.69 27.57 11.11
CA LEU B 346 -15.12 27.20 12.40
C LEU B 346 -14.42 25.86 12.28
N HIS B 347 -13.11 25.82 12.51
CA HIS B 347 -12.34 24.58 12.39
C HIS B 347 -11.98 24.08 13.78
N LEU B 348 -12.61 22.98 14.19
CA LEU B 348 -12.41 22.38 15.52
C LEU B 348 -11.87 20.95 15.41
N ARG B 349 -10.88 20.72 14.53
CA ARG B 349 -10.26 19.40 14.40
C ARG B 349 -9.45 19.07 15.66
N GLY B 350 -9.17 17.80 15.88
CA GLY B 350 -8.34 17.38 16.99
C GLY B 350 -8.64 17.91 18.39
N TYR B 351 -9.92 18.07 18.71
CA TYR B 351 -10.32 18.47 20.07
C TYR B 351 -10.37 17.19 20.92
N VAL B 352 -10.82 16.05 20.32
CA VAL B 352 -10.97 14.71 20.86
C VAL B 352 -12.10 14.65 21.86
N PHE B 353 -13.27 14.13 21.46
CA PHE B 353 -14.46 13.98 22.32
C PHE B 353 -15.37 12.85 21.84
N GLN B 354 -16.14 12.25 22.75
CA GLN B 354 -16.94 11.08 22.46
C GLN B 354 -18.32 11.29 21.86
N GLU B 355 -18.99 12.40 22.16
CA GLU B 355 -20.36 12.60 21.70
C GLU B 355 -20.70 14.05 21.42
N LEU B 356 -21.37 14.30 20.28
CA LEU B 356 -21.82 15.64 19.94
C LEU B 356 -23.33 15.77 20.11
N ARG B 357 -23.79 16.46 21.16
CA ARG B 357 -25.22 16.67 21.40
C ARG B 357 -25.70 18.03 20.88
N GLU B 358 -27.01 18.18 20.69
CA GLU B 358 -27.61 19.43 20.21
C GLU B 358 -27.30 20.60 21.15
N ASP B 359 -27.39 20.38 22.46
CA ASP B 359 -27.12 21.42 23.46
C ASP B 359 -25.69 21.95 23.41
N ASP B 360 -24.72 21.11 23.01
CA ASP B 360 -23.31 21.51 22.96
C ASP B 360 -23.03 22.57 21.92
N PHE B 361 -23.70 22.50 20.77
CA PHE B 361 -23.51 23.48 19.71
C PHE B 361 -24.56 24.58 19.69
N GLN B 362 -25.17 24.86 20.85
CA GLN B 362 -26.16 25.93 21.00
C GLN B 362 -25.61 27.34 20.72
N PRO B 363 -24.37 27.71 21.16
CA PRO B 363 -23.87 29.05 20.86
C PRO B 363 -23.57 29.34 19.39
N LEU B 364 -23.59 28.31 18.53
CA LEU B 364 -23.29 28.49 17.12
C LEU B 364 -24.55 28.55 16.23
N MET B 365 -25.71 28.11 16.76
CA MET B 365 -26.95 28.04 16.01
C MET B 365 -27.55 29.37 15.57
N GLN B 366 -27.18 30.47 16.23
CA GLN B 366 -27.72 31.79 15.85
C GLN B 366 -26.75 32.59 14.96
N LEU B 367 -25.64 32.00 14.50
CA LEU B 367 -24.68 32.71 13.65
C LEU B 367 -25.19 32.64 12.23
N PRO B 368 -25.49 33.80 11.62
CA PRO B 368 -26.11 33.79 10.29
C PRO B 368 -25.22 33.35 9.13
N ASN B 369 -23.92 33.64 9.21
CA ASN B 369 -23.02 33.32 8.12
C ASN B 369 -22.23 32.02 8.27
N LEU B 370 -22.38 31.32 9.41
CA LEU B 370 -21.63 30.08 9.64
C LEU B 370 -21.99 28.98 8.65
N SER B 371 -21.16 28.79 7.62
CA SER B 371 -21.39 27.80 6.58
C SER B 371 -20.45 26.60 6.65
N THR B 372 -19.33 26.69 7.38
CA THR B 372 -18.39 25.58 7.47
C THR B 372 -18.10 25.15 8.91
N ILE B 373 -18.29 23.87 9.22
CA ILE B 373 -17.95 23.30 10.52
C ILE B 373 -16.99 22.14 10.28
N ASN B 374 -15.75 22.31 10.74
CA ASN B 374 -14.71 21.33 10.55
C ASN B 374 -14.52 20.52 11.82
N LEU B 375 -15.10 19.32 11.89
CA LEU B 375 -14.95 18.46 13.06
C LEU B 375 -14.17 17.19 12.73
N GLY B 376 -13.18 17.31 11.84
CA GLY B 376 -12.37 16.18 11.44
C GLY B 376 -11.40 15.72 12.51
N ILE B 377 -11.06 14.42 12.51
CA ILE B 377 -10.12 13.82 13.46
C ILE B 377 -10.48 14.16 14.92
N ASN B 378 -11.71 13.80 15.33
CA ASN B 378 -12.16 14.06 16.70
C ASN B 378 -12.53 12.77 17.45
N PHE B 379 -12.60 11.62 16.76
CA PHE B 379 -12.95 10.30 17.28
C PHE B 379 -14.32 10.28 17.93
N ILE B 380 -15.26 11.09 17.41
CA ILE B 380 -16.62 11.16 17.96
C ILE B 380 -17.35 9.86 17.69
N LYS B 381 -17.88 9.23 18.74
CA LYS B 381 -18.58 7.96 18.59
C LYS B 381 -20.04 8.16 18.19
N GLN B 382 -20.69 9.20 18.72
CA GLN B 382 -22.09 9.44 18.43
C GLN B 382 -22.42 10.91 18.18
N ILE B 383 -23.16 11.20 17.11
CA ILE B 383 -23.57 12.57 16.80
C ILE B 383 -25.09 12.64 16.65
N ASP B 384 -25.71 13.63 17.28
CA ASP B 384 -27.15 13.83 17.14
C ASP B 384 -27.31 14.65 15.88
N PHE B 385 -27.38 13.99 14.72
CA PHE B 385 -27.47 14.66 13.41
C PHE B 385 -28.66 15.61 13.25
N LYS B 386 -29.63 15.58 14.17
CA LYS B 386 -30.76 16.50 14.13
C LYS B 386 -30.32 17.96 14.37
N LEU B 387 -29.18 18.17 15.08
CA LEU B 387 -28.67 19.51 15.38
C LEU B 387 -28.23 20.29 14.12
N PHE B 388 -28.03 19.62 12.99
CA PHE B 388 -27.61 20.31 11.76
C PHE B 388 -28.78 21.05 11.11
N GLN B 389 -30.01 20.54 11.27
CA GLN B 389 -31.25 21.20 10.80
C GLN B 389 -31.41 22.55 11.52
N ASN B 390 -31.00 22.60 12.79
CA ASN B 390 -31.02 23.74 13.70
C ASN B 390 -30.08 24.89 13.28
N PHE B 391 -29.20 24.68 12.29
CA PHE B 391 -28.28 25.74 11.81
C PHE B 391 -28.92 26.56 10.70
N SER B 392 -28.61 27.86 10.63
CA SER B 392 -29.24 28.76 9.66
C SER B 392 -28.69 28.73 8.24
N ASN B 393 -27.38 28.51 8.08
CA ASN B 393 -26.79 28.54 6.74
C ASN B 393 -25.60 27.59 6.55
N LEU B 394 -25.73 26.33 7.03
CA LEU B 394 -24.64 25.35 6.89
C LEU B 394 -24.55 24.79 5.46
N GLU B 395 -23.36 24.85 4.87
CA GLU B 395 -23.12 24.34 3.52
C GLU B 395 -22.07 23.21 3.50
N ILE B 396 -21.16 23.18 4.49
CA ILE B 396 -20.10 22.17 4.61
C ILE B 396 -20.06 21.61 6.03
N ILE B 397 -20.32 20.30 6.17
CA ILE B 397 -20.27 19.64 7.46
C ILE B 397 -19.22 18.55 7.36
N TYR B 398 -17.98 18.84 7.75
CA TYR B 398 -16.88 17.91 7.63
C TYR B 398 -16.71 17.06 8.90
N LEU B 399 -17.02 15.76 8.81
CA LEU B 399 -16.92 14.84 9.94
C LEU B 399 -15.99 13.64 9.66
N SER B 400 -15.06 13.79 8.73
CA SER B 400 -14.13 12.71 8.39
C SER B 400 -13.22 12.37 9.58
N GLU B 401 -12.79 11.11 9.63
CA GLU B 401 -11.94 10.55 10.68
C GLU B 401 -12.57 10.63 12.07
N ASN B 402 -13.79 10.13 12.18
CA ASN B 402 -14.52 10.03 13.43
C ASN B 402 -14.93 8.54 13.64
N ARG B 403 -15.75 8.23 14.65
CA ARG B 403 -16.15 6.84 14.93
C ARG B 403 -17.65 6.60 14.82
N ILE B 404 -18.32 7.31 13.89
CA ILE B 404 -19.77 7.13 13.68
C ILE B 404 -20.05 5.70 13.24
N SER B 405 -21.00 5.02 13.90
CA SER B 405 -21.34 3.64 13.64
C SER B 405 -22.70 3.49 12.91
N PRO B 406 -23.03 2.32 12.31
CA PRO B 406 -24.33 2.17 11.64
C PRO B 406 -25.53 2.54 12.51
N LEU B 407 -26.46 3.34 11.95
CA LEU B 407 -27.68 3.87 12.57
C LEU B 407 -27.36 4.84 13.71
N ASP B 436 7.82 22.84 1.16
CA ASP B 436 7.48 24.09 0.48
C ASP B 436 7.40 25.24 1.48
N PRO B 437 8.32 26.21 1.38
CA PRO B 437 8.29 27.34 2.33
C PRO B 437 7.16 28.35 2.08
N HIS B 438 6.61 28.38 0.86
CA HIS B 438 5.51 29.29 0.51
C HIS B 438 4.15 28.62 0.81
N SER B 439 4.07 27.83 1.89
CA SER B 439 2.85 27.11 2.24
C SER B 439 2.34 27.45 3.63
N ASN B 440 1.04 27.26 3.84
CA ASN B 440 0.43 27.45 5.15
C ASN B 440 0.60 26.09 5.82
N PHE B 441 1.58 25.97 6.71
CA PHE B 441 1.91 24.69 7.35
C PHE B 441 1.06 24.32 8.57
N TYR B 442 0.12 25.18 8.98
CA TYR B 442 -0.71 24.88 10.16
C TYR B 442 -2.20 24.79 9.87
N HIS B 443 -2.66 25.47 8.82
CA HIS B 443 -4.08 25.49 8.48
C HIS B 443 -4.43 24.59 7.30
N PHE B 444 -5.56 23.87 7.40
CA PHE B 444 -6.05 23.00 6.33
C PHE B 444 -6.59 23.90 5.22
N THR B 445 -5.73 24.21 4.23
CA THR B 445 -6.08 25.12 3.14
C THR B 445 -6.81 24.44 1.97
N ARG B 446 -6.57 23.14 1.76
CA ARG B 446 -7.25 22.42 0.68
C ARG B 446 -8.75 22.34 0.98
N PRO B 447 -9.63 22.32 -0.06
CA PRO B 447 -11.07 22.24 0.22
C PRO B 447 -11.40 20.94 0.95
N LEU B 448 -12.11 21.03 2.08
CA LEU B 448 -12.47 19.90 2.92
C LEU B 448 -13.21 18.83 2.12
N ILE B 449 -14.17 19.26 1.31
CA ILE B 449 -14.93 18.41 0.41
C ILE B 449 -14.61 18.91 -1.01
N LYS B 450 -14.49 17.97 -1.99
CA LYS B 450 -14.20 18.31 -3.39
C LYS B 450 -15.11 19.41 -3.92
N PRO B 451 -14.54 20.45 -4.54
CA PRO B 451 -15.36 21.55 -5.05
C PRO B 451 -16.44 21.12 -6.04
N GLN B 452 -16.22 20.02 -6.77
CA GLN B 452 -17.21 19.51 -7.71
C GLN B 452 -18.43 18.94 -6.97
N CYS B 453 -18.19 18.29 -5.82
CA CYS B 453 -19.23 17.75 -4.96
C CYS B 453 -19.96 18.90 -4.26
N ALA B 454 -19.19 19.84 -3.66
CA ALA B 454 -19.71 20.99 -2.94
C ALA B 454 -20.62 21.91 -3.77
N ALA B 455 -20.36 22.00 -5.08
CA ALA B 455 -21.14 22.85 -5.98
C ALA B 455 -22.61 22.46 -6.09
N TYR B 456 -22.94 21.20 -5.82
CA TYR B 456 -24.32 20.73 -5.89
C TYR B 456 -25.22 21.25 -4.76
N GLY B 457 -24.64 21.57 -3.61
CA GLY B 457 -25.39 22.09 -2.48
C GLY B 457 -24.78 21.75 -1.13
N LYS B 458 -25.64 21.45 -0.14
CA LYS B 458 -25.20 21.10 1.21
C LYS B 458 -24.36 19.83 1.17
N ALA B 459 -23.17 19.86 1.80
CA ALA B 459 -22.23 18.75 1.79
C ALA B 459 -21.97 18.14 3.15
N LEU B 460 -21.89 16.81 3.20
CA LEU B 460 -21.64 16.08 4.43
C LEU B 460 -20.54 15.03 4.18
N ASP B 461 -19.43 15.15 4.92
CA ASP B 461 -18.32 14.21 4.76
C ASP B 461 -18.24 13.26 5.95
N LEU B 462 -18.60 11.99 5.75
CA LEU B 462 -18.52 10.99 6.81
C LEU B 462 -17.50 9.89 6.49
N SER B 463 -16.48 10.20 5.67
CA SER B 463 -15.44 9.25 5.29
C SER B 463 -14.53 8.88 6.45
N LEU B 464 -13.86 7.72 6.35
CA LEU B 464 -12.96 7.22 7.39
C LEU B 464 -13.64 7.15 8.78
N ASN B 465 -14.86 6.61 8.81
CA ASN B 465 -15.65 6.43 10.02
C ASN B 465 -15.93 4.91 10.24
N SER B 466 -16.68 4.54 11.29
CA SER B 466 -16.95 3.12 11.55
C SER B 466 -18.29 2.65 10.97
N ILE B 467 -18.77 3.30 9.90
CA ILE B 467 -20.04 2.92 9.28
C ILE B 467 -19.82 1.69 8.42
N PHE B 468 -19.82 0.50 9.02
CA PHE B 468 -19.55 -0.73 8.26
C PHE B 468 -20.77 -1.25 7.44
N PHE B 469 -21.93 -0.62 7.61
CA PHE B 469 -23.16 -0.88 6.85
C PHE B 469 -24.11 0.32 7.04
N ILE B 470 -24.88 0.67 6.01
CA ILE B 470 -25.82 1.78 6.11
C ILE B 470 -27.02 1.36 6.97
N GLY B 471 -27.11 1.91 8.17
CA GLY B 471 -28.19 1.60 9.11
C GLY B 471 -29.53 2.18 8.69
N PRO B 472 -30.62 1.69 9.27
CA PRO B 472 -31.94 2.22 8.90
C PRO B 472 -32.16 3.67 9.31
N ASN B 473 -31.51 4.12 10.39
CA ASN B 473 -31.62 5.51 10.87
C ASN B 473 -30.40 6.36 10.53
N GLN B 474 -29.56 5.91 9.59
CA GLN B 474 -28.32 6.59 9.23
C GLN B 474 -28.46 8.06 8.82
N PHE B 475 -29.46 8.37 8.00
CA PHE B 475 -29.60 9.72 7.47
C PHE B 475 -30.87 10.46 7.95
N GLU B 476 -31.57 9.92 8.95
CA GLU B 476 -32.76 10.60 9.46
C GLU B 476 -32.38 11.86 10.25
N ASN B 477 -33.25 12.89 10.19
CA ASN B 477 -33.09 14.20 10.85
C ASN B 477 -31.94 15.05 10.26
N LEU B 478 -31.46 14.72 9.07
CA LEU B 478 -30.37 15.47 8.42
C LEU B 478 -30.92 16.56 7.51
N PRO B 479 -30.14 17.62 7.20
CA PRO B 479 -30.63 18.64 6.25
C PRO B 479 -30.80 18.09 4.82
N ASP B 480 -31.20 18.95 3.85
CA ASP B 480 -31.35 18.51 2.47
C ASP B 480 -29.96 18.41 1.85
N ILE B 481 -29.29 17.27 2.09
CA ILE B 481 -27.93 17.01 1.63
C ILE B 481 -27.88 16.75 0.13
N ALA B 482 -26.99 17.45 -0.59
CA ALA B 482 -26.80 17.28 -2.02
C ALA B 482 -25.46 16.58 -2.36
N CYS B 483 -24.48 16.67 -1.46
CA CYS B 483 -23.16 16.07 -1.62
C CYS B 483 -22.89 15.22 -0.39
N LEU B 484 -22.56 13.94 -0.57
CA LEU B 484 -22.30 13.06 0.57
C LEU B 484 -21.05 12.18 0.34
N ASN B 485 -20.13 12.16 1.32
CA ASN B 485 -18.94 11.32 1.25
C ASN B 485 -19.02 10.16 2.24
N LEU B 486 -19.04 8.93 1.73
CA LEU B 486 -19.05 7.72 2.57
C LEU B 486 -17.80 6.86 2.34
N SER B 487 -16.74 7.42 1.75
CA SER B 487 -15.48 6.76 1.42
C SER B 487 -14.81 6.09 2.61
N ALA B 488 -14.01 5.04 2.32
CA ALA B 488 -13.22 4.28 3.29
C ALA B 488 -13.94 4.02 4.64
N ASN B 489 -15.07 3.31 4.57
CA ASN B 489 -15.84 3.00 5.76
C ASN B 489 -16.02 1.51 6.01
N SER B 490 -15.32 0.62 5.25
CA SER B 490 -15.50 -0.85 5.30
C SER B 490 -16.98 -1.21 5.14
N ASN B 491 -17.70 -0.44 4.30
CA ASN B 491 -19.14 -0.58 4.12
C ASN B 491 -19.50 -1.68 3.15
N ALA B 492 -20.24 -2.67 3.63
CA ALA B 492 -20.67 -3.79 2.79
C ALA B 492 -22.20 -3.85 2.71
N GLN B 493 -22.83 -2.69 2.49
CA GLN B 493 -24.29 -2.63 2.39
C GLN B 493 -24.77 -3.20 1.08
N VAL B 494 -25.80 -4.05 1.13
CA VAL B 494 -26.42 -4.57 -0.09
C VAL B 494 -27.48 -3.53 -0.45
N LEU B 495 -27.12 -2.59 -1.34
CA LEU B 495 -28.01 -1.52 -1.75
C LEU B 495 -29.30 -2.08 -2.38
N SER B 496 -30.42 -1.92 -1.68
CA SER B 496 -31.72 -2.45 -2.08
C SER B 496 -32.76 -1.42 -2.50
N GLY B 497 -32.41 -0.12 -2.46
CA GLY B 497 -33.33 0.92 -2.89
C GLY B 497 -34.05 1.69 -1.81
N THR B 498 -33.62 1.56 -0.56
CA THR B 498 -34.28 2.25 0.56
C THR B 498 -33.31 3.00 1.48
N GLU B 499 -32.00 2.73 1.37
CA GLU B 499 -30.94 3.27 2.25
C GLU B 499 -30.80 4.78 2.30
N PHE B 500 -31.02 5.49 1.18
CA PHE B 500 -30.84 6.93 1.15
C PHE B 500 -32.16 7.69 1.00
N SER B 501 -33.26 7.12 1.49
CA SER B 501 -34.58 7.73 1.38
C SER B 501 -34.73 9.04 2.17
N ALA B 502 -34.05 9.17 3.32
CA ALA B 502 -34.14 10.39 4.13
C ALA B 502 -33.42 11.60 3.52
N ILE B 503 -32.47 11.36 2.61
CA ILE B 503 -31.78 12.43 1.89
C ILE B 503 -31.90 12.11 0.40
N PRO B 504 -33.10 12.30 -0.21
CA PRO B 504 -33.27 11.87 -1.61
C PRO B 504 -32.77 12.83 -2.68
N HIS B 505 -32.29 14.02 -2.29
CA HIS B 505 -31.83 14.99 -3.29
C HIS B 505 -30.31 15.05 -3.37
N VAL B 506 -29.65 13.90 -3.16
CA VAL B 506 -28.20 13.78 -3.28
C VAL B 506 -27.89 13.69 -4.77
N LYS B 507 -26.99 14.54 -5.27
CA LYS B 507 -26.60 14.53 -6.68
C LYS B 507 -25.18 14.01 -6.86
N TYR B 508 -24.28 14.26 -5.90
CA TYR B 508 -22.90 13.77 -5.98
C TYR B 508 -22.65 12.82 -4.80
N LEU B 509 -22.56 11.51 -5.08
CA LEU B 509 -22.35 10.50 -4.04
C LEU B 509 -21.01 9.78 -4.19
N ASP B 510 -20.14 9.91 -3.18
CA ASP B 510 -18.83 9.27 -3.17
C ASP B 510 -18.86 8.03 -2.28
N LEU B 511 -18.81 6.84 -2.87
CA LEU B 511 -18.82 5.59 -2.12
C LEU B 511 -17.53 4.78 -2.36
N THR B 512 -16.41 5.48 -2.57
CA THR B 512 -15.12 4.85 -2.84
C THR B 512 -14.55 4.07 -1.66
N ASN B 513 -13.59 3.15 -1.93
CA ASN B 513 -12.89 2.36 -0.94
C ASN B 513 -13.81 1.62 0.04
N ASN B 514 -14.80 0.93 -0.49
CA ASN B 514 -15.74 0.16 0.31
C ASN B 514 -15.95 -1.27 -0.27
N ARG B 515 -16.83 -2.08 0.32
CA ARG B 515 -17.11 -3.42 -0.17
C ARG B 515 -18.60 -3.58 -0.56
N LEU B 516 -19.18 -2.52 -1.13
CA LEU B 516 -20.58 -2.46 -1.51
C LEU B 516 -21.03 -3.48 -2.55
N ASP B 517 -22.32 -3.82 -2.50
CA ASP B 517 -22.97 -4.76 -3.39
C ASP B 517 -24.14 -4.02 -4.06
N PHE B 518 -24.04 -3.83 -5.38
CA PHE B 518 -25.07 -3.12 -6.14
C PHE B 518 -25.64 -3.99 -7.27
N ASP B 519 -25.75 -5.30 -7.02
CA ASP B 519 -26.32 -6.24 -7.99
C ASP B 519 -27.83 -6.05 -8.14
N ASN B 520 -28.50 -5.43 -7.17
CA ASN B 520 -29.94 -5.18 -7.25
C ASN B 520 -30.23 -4.08 -8.26
N ALA B 521 -31.33 -4.22 -9.00
CA ALA B 521 -31.73 -3.19 -9.96
C ALA B 521 -32.27 -1.94 -9.24
N SER B 522 -32.79 -2.09 -8.00
CA SER B 522 -33.31 -0.99 -7.20
C SER B 522 -32.21 -0.21 -6.47
N ALA B 523 -30.93 -0.62 -6.56
CA ALA B 523 -29.82 0.04 -5.88
C ALA B 523 -29.66 1.53 -6.21
N LEU B 524 -29.73 2.39 -5.17
CA LEU B 524 -29.57 3.85 -5.26
C LEU B 524 -30.67 4.57 -6.05
N THR B 525 -31.76 3.87 -6.45
CA THR B 525 -32.85 4.47 -7.22
C THR B 525 -33.64 5.54 -6.47
N GLU B 526 -33.59 5.53 -5.14
CA GLU B 526 -34.24 6.55 -4.30
C GLU B 526 -33.66 7.96 -4.54
N LEU B 527 -32.44 8.04 -5.12
CA LEU B 527 -31.77 9.29 -5.44
C LEU B 527 -32.05 9.59 -6.91
N SER B 528 -33.26 10.08 -7.19
CA SER B 528 -33.72 10.39 -8.53
C SER B 528 -32.87 11.44 -9.23
N ASP B 529 -32.35 12.43 -8.48
CA ASP B 529 -31.55 13.51 -9.03
C ASP B 529 -30.05 13.23 -9.05
N LEU B 530 -29.63 11.98 -8.81
CA LEU B 530 -28.20 11.62 -8.80
C LEU B 530 -27.55 11.91 -10.15
N GLU B 531 -26.41 12.62 -10.14
CA GLU B 531 -25.68 12.98 -11.34
C GLU B 531 -24.25 12.42 -11.36
N VAL B 532 -23.60 12.29 -10.19
CA VAL B 532 -22.25 11.75 -10.13
C VAL B 532 -22.14 10.65 -9.09
N LEU B 533 -21.85 9.41 -9.51
CA LEU B 533 -21.71 8.27 -8.61
C LEU B 533 -20.26 7.78 -8.68
N ASP B 534 -19.56 7.77 -7.55
CA ASP B 534 -18.17 7.33 -7.52
C ASP B 534 -17.99 6.03 -6.75
N LEU B 535 -17.70 4.94 -7.47
CA LEU B 535 -17.49 3.63 -6.85
C LEU B 535 -16.05 3.13 -7.04
N SER B 536 -15.09 4.07 -7.06
CA SER B 536 -13.68 3.77 -7.27
C SER B 536 -13.15 2.87 -6.16
N TYR B 537 -12.41 1.83 -6.51
CA TYR B 537 -11.79 0.88 -5.59
C TYR B 537 -12.77 0.02 -4.79
N ASN B 538 -13.97 -0.19 -5.31
CA ASN B 538 -14.96 -1.01 -4.62
C ASN B 538 -14.71 -2.50 -4.80
N SER B 539 -14.59 -3.26 -3.72
CA SER B 539 -14.35 -4.70 -3.80
C SER B 539 -15.58 -5.50 -3.43
N HIS B 540 -16.24 -6.14 -4.40
CA HIS B 540 -17.42 -6.96 -4.12
C HIS B 540 -17.14 -8.05 -3.08
N TYR B 541 -17.90 -8.04 -2.00
CA TYR B 541 -17.72 -8.94 -0.86
C TYR B 541 -18.62 -10.18 -0.89
N PHE B 542 -19.70 -10.16 -1.68
CA PHE B 542 -20.66 -11.28 -1.72
C PHE B 542 -20.97 -11.66 -3.18
N ARG B 543 -19.96 -12.14 -3.91
CA ARG B 543 -20.12 -12.50 -5.32
C ARG B 543 -21.02 -13.71 -5.60
N ILE B 544 -21.98 -13.54 -6.51
CA ILE B 544 -22.87 -14.63 -6.95
C ILE B 544 -22.40 -15.07 -8.36
N ALA B 545 -22.35 -16.38 -8.59
CA ALA B 545 -21.87 -16.97 -9.84
C ALA B 545 -22.62 -16.47 -11.09
N GLY B 546 -23.95 -16.48 -11.04
CA GLY B 546 -24.74 -16.00 -12.16
C GLY B 546 -25.41 -14.67 -11.90
N VAL B 547 -24.78 -13.82 -11.07
CA VAL B 547 -25.33 -12.51 -10.74
C VAL B 547 -24.27 -11.39 -10.79
N THR B 548 -23.25 -11.40 -9.91
CA THR B 548 -22.21 -10.37 -9.89
C THR B 548 -21.35 -10.42 -11.15
N HIS B 549 -21.13 -9.29 -11.85
CA HIS B 549 -21.64 -7.96 -11.51
C HIS B 549 -22.91 -7.65 -12.30
N HIS B 550 -23.93 -7.13 -11.64
CA HIS B 550 -25.20 -6.79 -12.26
C HIS B 550 -25.37 -5.28 -12.19
N LEU B 551 -25.31 -4.61 -13.35
CA LEU B 551 -25.40 -3.16 -13.40
C LEU B 551 -26.73 -2.63 -13.97
N GLU B 552 -27.84 -3.29 -13.60
CA GLU B 552 -29.19 -2.89 -14.05
C GLU B 552 -29.67 -1.57 -13.44
N PHE B 553 -29.14 -1.21 -12.25
CA PHE B 553 -29.51 0.01 -11.56
C PHE B 553 -29.16 1.30 -12.33
N ILE B 554 -28.20 1.21 -13.27
CA ILE B 554 -27.74 2.34 -14.09
C ILE B 554 -28.83 2.92 -15.01
N GLN B 555 -29.64 2.07 -15.64
CA GLN B 555 -30.69 2.54 -16.56
C GLN B 555 -31.88 3.20 -15.85
N ASN B 556 -31.96 3.14 -14.51
CA ASN B 556 -33.05 3.78 -13.79
C ASN B 556 -32.85 5.30 -13.67
N PHE B 557 -31.60 5.76 -13.62
CA PHE B 557 -31.32 7.19 -13.47
C PHE B 557 -31.58 7.97 -14.73
N THR B 558 -32.38 9.03 -14.61
CA THR B 558 -32.72 9.93 -15.72
C THR B 558 -31.82 11.18 -15.77
N ASN B 559 -30.79 11.28 -14.91
CA ASN B 559 -29.92 12.45 -14.88
C ASN B 559 -28.47 12.13 -14.49
N LEU B 560 -28.10 10.84 -14.37
CA LEU B 560 -26.73 10.46 -14.00
C LEU B 560 -25.79 10.74 -15.18
N LYS B 561 -24.82 11.64 -14.98
CA LYS B 561 -23.88 12.06 -16.01
C LYS B 561 -22.50 11.42 -15.86
N VAL B 562 -21.99 11.28 -14.63
CA VAL B 562 -20.66 10.69 -14.41
C VAL B 562 -20.73 9.43 -13.54
N LEU B 563 -20.10 8.34 -14.00
CA LEU B 563 -20.05 7.08 -13.25
C LEU B 563 -18.63 6.55 -13.25
N ASN B 564 -18.05 6.36 -12.06
CA ASN B 564 -16.69 5.86 -11.94
C ASN B 564 -16.69 4.45 -11.34
N LEU B 565 -16.60 3.43 -12.19
CA LEU B 565 -16.51 2.04 -11.77
C LEU B 565 -15.05 1.56 -11.75
N SER B 566 -14.08 2.47 -11.52
CA SER B 566 -12.67 2.10 -11.52
C SER B 566 -12.28 1.17 -10.39
N HIS B 567 -11.29 0.31 -10.68
CA HIS B 567 -10.71 -0.67 -9.76
C HIS B 567 -11.75 -1.47 -9.01
N ASN B 568 -12.78 -1.91 -9.72
CA ASN B 568 -13.84 -2.73 -9.13
C ASN B 568 -13.62 -4.24 -9.27
N ASN B 569 -12.66 -4.64 -10.11
CA ASN B 569 -12.32 -6.02 -10.43
C ASN B 569 -13.51 -6.71 -11.09
N ILE B 570 -14.06 -6.08 -12.12
CA ILE B 570 -15.20 -6.63 -12.83
C ILE B 570 -14.72 -7.59 -13.92
N TYR B 571 -14.80 -8.88 -13.64
CA TYR B 571 -14.40 -9.90 -14.61
C TYR B 571 -15.58 -10.75 -15.11
N THR B 572 -16.81 -10.51 -14.57
CA THR B 572 -18.05 -11.20 -14.94
C THR B 572 -19.20 -10.19 -14.94
N LEU B 573 -20.14 -10.34 -15.89
CA LEU B 573 -21.33 -9.50 -15.99
C LEU B 573 -22.56 -10.36 -16.25
N THR B 574 -23.75 -9.90 -15.82
CA THR B 574 -24.98 -10.67 -16.04
C THR B 574 -26.09 -9.83 -16.60
N LYS B 576 -28.92 -7.34 -17.28
CA LYS B 576 -28.47 -7.67 -18.63
C LYS B 576 -26.95 -7.52 -18.79
N TYR B 577 -26.40 -8.16 -19.82
CA TYR B 577 -24.96 -8.10 -20.11
C TYR B 577 -24.52 -6.71 -20.61
N ASN B 578 -25.45 -5.95 -21.20
CA ASN B 578 -25.19 -4.61 -21.71
C ASN B 578 -25.45 -3.53 -20.62
N LEU B 579 -24.93 -2.31 -20.83
CA LEU B 579 -25.14 -1.21 -19.90
C LEU B 579 -25.97 -0.14 -20.62
N GLU B 580 -27.23 0.05 -20.20
CA GLU B 580 -28.10 1.04 -20.83
C GLU B 580 -28.21 2.31 -19.98
N SER B 581 -28.30 3.47 -20.65
CA SER B 581 -28.46 4.80 -20.04
C SER B 581 -28.56 5.86 -21.11
N LYS B 582 -29.62 6.68 -21.04
CA LYS B 582 -29.84 7.77 -22.00
C LYS B 582 -29.18 9.09 -21.58
N SER B 583 -28.69 9.19 -20.32
CA SER B 583 -28.10 10.41 -19.80
C SER B 583 -26.59 10.31 -19.51
N LEU B 584 -26.06 9.10 -19.26
CA LEU B 584 -24.65 8.93 -18.93
C LEU B 584 -23.69 9.49 -19.97
N VAL B 585 -22.81 10.37 -19.53
CA VAL B 585 -21.85 11.04 -20.41
C VAL B 585 -20.43 10.50 -20.21
N GLU B 586 -20.01 10.34 -18.95
CA GLU B 586 -18.67 9.85 -18.65
C GLU B 586 -18.70 8.52 -17.92
N LEU B 587 -17.91 7.55 -18.38
CA LEU B 587 -17.81 6.24 -17.72
C LEU B 587 -16.35 5.90 -17.53
N VAL B 588 -15.97 5.62 -16.28
CA VAL B 588 -14.59 5.22 -15.99
C VAL B 588 -14.61 3.72 -15.67
N PHE B 589 -14.14 2.89 -16.60
CA PHE B 589 -14.10 1.45 -16.38
C PHE B 589 -12.65 0.96 -16.20
N SER B 590 -11.73 1.83 -15.75
CA SER B 590 -10.34 1.46 -15.56
C SER B 590 -10.14 0.50 -14.39
N GLY B 591 -9.03 -0.23 -14.39
CA GLY B 591 -8.72 -1.17 -13.31
C GLY B 591 -9.65 -2.37 -13.21
N ASN B 592 -10.32 -2.71 -14.31
CA ASN B 592 -11.22 -3.86 -14.33
C ASN B 592 -10.63 -5.00 -15.20
N ARG B 593 -11.43 -6.04 -15.53
CA ARG B 593 -10.93 -7.14 -16.34
C ARG B 593 -11.65 -7.26 -17.68
N LEU B 594 -11.47 -6.26 -18.56
CA LEU B 594 -12.08 -6.30 -19.89
C LEU B 594 -11.49 -7.41 -20.76
N ASP B 595 -10.26 -7.87 -20.45
CA ASP B 595 -9.61 -8.94 -21.17
C ASP B 595 -10.41 -10.23 -21.01
N ILE B 596 -10.88 -10.52 -19.79
CA ILE B 596 -11.68 -11.71 -19.51
C ILE B 596 -13.06 -11.60 -20.18
N LEU B 597 -13.70 -10.44 -20.06
CA LEU B 597 -15.02 -10.20 -20.65
C LEU B 597 -15.00 -10.32 -22.17
N TRP B 598 -13.98 -9.73 -22.82
CA TRP B 598 -13.88 -9.77 -24.27
C TRP B 598 -13.13 -11.01 -24.78
N ASP B 602 -14.55 -14.54 -24.57
CA ASP B 602 -15.98 -14.68 -24.31
C ASP B 602 -16.82 -13.76 -25.22
N ASN B 603 -17.75 -14.36 -26.00
CA ASN B 603 -18.59 -13.63 -26.94
C ASN B 603 -19.92 -13.14 -26.37
N ARG B 604 -20.08 -13.14 -25.04
CA ARG B 604 -21.32 -12.67 -24.41
C ARG B 604 -21.29 -11.18 -24.09
N TYR B 605 -20.10 -10.59 -23.97
CA TYR B 605 -19.98 -9.17 -23.60
C TYR B 605 -19.41 -8.34 -24.73
N ILE B 606 -19.78 -8.66 -25.96
CA ILE B 606 -19.32 -7.95 -27.16
C ILE B 606 -19.96 -6.55 -27.24
N SER B 607 -21.22 -6.42 -26.84
CA SER B 607 -21.92 -5.13 -26.85
C SER B 607 -22.17 -4.61 -25.42
N ILE B 608 -21.13 -4.68 -24.58
CA ILE B 608 -21.17 -4.27 -23.18
C ILE B 608 -21.52 -2.77 -22.98
N PHE B 609 -21.05 -1.88 -23.87
CA PHE B 609 -21.31 -0.45 -23.72
C PHE B 609 -22.18 0.17 -24.81
N LYS B 610 -22.79 -0.65 -25.69
CA LYS B 610 -23.60 -0.11 -26.78
C LYS B 610 -24.87 0.61 -26.34
N GLY B 611 -25.39 0.26 -25.16
CA GLY B 611 -26.60 0.89 -24.63
C GLY B 611 -26.44 2.33 -24.19
N LEU B 612 -25.21 2.74 -23.85
CA LEU B 612 -24.93 4.11 -23.40
C LEU B 612 -24.85 5.03 -24.63
N LYS B 613 -26.01 5.34 -25.22
CA LYS B 613 -26.15 6.13 -26.44
C LYS B 613 -25.63 7.58 -26.36
N ASN B 614 -25.58 8.16 -25.16
CA ASN B 614 -25.11 9.54 -24.98
C ASN B 614 -23.67 9.63 -24.42
N LEU B 615 -22.95 8.51 -24.35
CA LEU B 615 -21.59 8.49 -23.79
C LEU B 615 -20.58 9.24 -24.65
N THR B 616 -19.88 10.21 -24.05
CA THR B 616 -18.88 11.01 -24.74
C THR B 616 -17.44 10.67 -24.29
N ARG B 617 -17.28 10.24 -23.03
CA ARG B 617 -15.96 9.90 -22.51
C ARG B 617 -15.91 8.50 -21.90
N LEU B 618 -14.98 7.67 -22.37
CA LEU B 618 -14.84 6.31 -21.89
C LEU B 618 -13.39 6.02 -21.57
N ASP B 619 -13.12 5.63 -20.32
CA ASP B 619 -11.77 5.34 -19.88
C ASP B 619 -11.58 3.83 -19.68
N LEU B 620 -11.02 3.15 -20.67
CA LEU B 620 -10.77 1.71 -20.62
C LEU B 620 -9.34 1.36 -20.26
N SER B 621 -8.62 2.26 -19.56
CA SER B 621 -7.24 2.02 -19.17
C SER B 621 -7.08 0.91 -18.10
N LEU B 622 -5.86 0.42 -17.89
CA LEU B 622 -5.56 -0.61 -16.88
C LEU B 622 -6.50 -1.82 -16.88
N ASN B 623 -6.88 -2.31 -18.06
CA ASN B 623 -7.77 -3.46 -18.17
C ASN B 623 -7.08 -4.75 -18.68
N ARG B 624 -5.73 -4.74 -18.75
CA ARG B 624 -4.91 -5.86 -19.24
C ARG B 624 -5.29 -6.31 -20.65
N LEU B 625 -5.76 -5.38 -21.48
CA LEU B 625 -6.19 -5.67 -22.83
C LEU B 625 -5.03 -5.92 -23.77
N LYS B 626 -4.98 -7.11 -24.36
CA LYS B 626 -3.94 -7.47 -25.33
C LYS B 626 -4.46 -7.22 -26.74
N HIS B 627 -5.72 -7.59 -27.00
CA HIS B 627 -6.34 -7.39 -28.30
C HIS B 627 -7.84 -7.16 -28.18
N ILE B 628 -8.32 -5.97 -28.54
CA ILE B 628 -9.74 -5.66 -28.50
C ILE B 628 -10.37 -6.27 -29.73
N PRO B 629 -11.34 -7.18 -29.57
CA PRO B 629 -11.96 -7.79 -30.76
C PRO B 629 -12.62 -6.77 -31.68
N ASN B 630 -12.60 -7.03 -33.00
CA ASN B 630 -13.17 -6.12 -33.99
C ASN B 630 -14.66 -5.88 -33.75
N GLU B 631 -15.41 -6.93 -33.40
CA GLU B 631 -16.83 -6.82 -33.13
C GLU B 631 -17.10 -6.06 -31.83
N ALA B 632 -16.24 -6.25 -30.82
CA ALA B 632 -16.37 -5.58 -29.53
C ALA B 632 -16.05 -4.09 -29.64
N PHE B 633 -15.08 -3.73 -30.48
CA PHE B 633 -14.71 -2.33 -30.68
C PHE B 633 -15.81 -1.61 -31.45
N LEU B 634 -16.38 -2.27 -32.47
CA LEU B 634 -17.46 -1.68 -33.27
C LEU B 634 -18.75 -1.45 -32.44
N ASN B 635 -18.93 -2.19 -31.34
CA ASN B 635 -20.09 -2.03 -30.49
C ASN B 635 -19.92 -0.92 -29.42
N LEU B 636 -18.90 -0.07 -29.55
CA LEU B 636 -18.70 1.04 -28.63
C LEU B 636 -19.62 2.20 -29.06
N PRO B 637 -20.08 3.04 -28.12
CA PRO B 637 -20.98 4.15 -28.52
C PRO B 637 -20.40 5.05 -29.60
N ALA B 638 -21.15 5.30 -30.68
CA ALA B 638 -20.71 6.16 -31.78
C ALA B 638 -20.59 7.64 -31.36
N SER B 639 -21.27 8.03 -30.27
CA SER B 639 -21.24 9.39 -29.73
C SER B 639 -19.92 9.76 -29.03
N LEU B 640 -18.99 8.80 -28.87
CA LEU B 640 -17.72 9.00 -28.19
C LEU B 640 -16.84 10.10 -28.78
N THR B 641 -16.39 11.04 -27.93
CA THR B 641 -15.49 12.12 -28.30
C THR B 641 -14.08 11.89 -27.72
N GLU B 642 -13.98 11.17 -26.59
CA GLU B 642 -12.71 10.85 -25.95
C GLU B 642 -12.70 9.36 -25.62
N LEU B 643 -11.65 8.65 -26.03
CA LEU B 643 -11.52 7.23 -25.75
C LEU B 643 -10.12 6.97 -25.22
N HIS B 644 -10.01 6.56 -23.95
CA HIS B 644 -8.70 6.31 -23.33
C HIS B 644 -8.45 4.83 -23.15
N ILE B 645 -7.67 4.20 -24.03
CA ILE B 645 -7.32 2.79 -23.89
C ILE B 645 -5.84 2.66 -23.51
N ASN B 646 -5.34 3.57 -22.66
CA ASN B 646 -3.95 3.60 -22.25
C ASN B 646 -3.57 2.55 -21.17
N ASP B 647 -2.27 2.42 -20.87
CA ASP B 647 -1.71 1.50 -19.88
C ASP B 647 -2.29 0.08 -19.94
N ASN B 648 -2.29 -0.48 -21.15
CA ASN B 648 -2.74 -1.84 -21.43
C ASN B 648 -1.57 -2.64 -22.08
N MET B 649 -1.82 -3.84 -22.61
CA MET B 649 -0.78 -4.62 -23.27
C MET B 649 -1.17 -4.87 -24.74
N LEU B 650 -1.74 -3.84 -25.39
CA LEU B 650 -2.20 -3.92 -26.77
C LEU B 650 -1.07 -4.16 -27.76
N LYS B 651 -1.13 -5.30 -28.47
CA LYS B 651 -0.12 -5.61 -29.48
C LYS B 651 -0.54 -5.11 -30.86
N PHE B 652 -1.85 -5.08 -31.14
CA PHE B 652 -2.37 -4.59 -32.42
C PHE B 652 -3.63 -3.73 -32.20
N PHE B 653 -3.84 -2.74 -33.07
CA PHE B 653 -5.00 -1.86 -33.00
C PHE B 653 -5.55 -1.64 -34.40
N ASN B 654 -6.78 -2.08 -34.67
CA ASN B 654 -7.38 -1.92 -35.98
C ASN B 654 -7.84 -0.48 -36.22
N TRP B 655 -7.03 0.31 -36.94
CA TRP B 655 -7.33 1.69 -37.26
C TRP B 655 -8.54 1.84 -38.20
N THR B 656 -8.85 0.79 -38.98
CA THR B 656 -9.97 0.74 -39.92
C THR B 656 -11.31 0.94 -39.21
N LEU B 657 -11.42 0.47 -37.95
CA LEU B 657 -12.63 0.56 -37.15
C LEU B 657 -13.04 1.99 -36.74
N LEU B 658 -12.12 2.97 -36.88
CA LEU B 658 -12.41 4.36 -36.54
C LEU B 658 -13.42 5.06 -37.46
N GLN B 659 -13.85 4.39 -38.54
CA GLN B 659 -14.83 4.94 -39.47
C GLN B 659 -16.24 5.02 -38.88
N GLN B 660 -16.55 4.16 -37.89
CA GLN B 660 -17.86 4.18 -37.25
C GLN B 660 -17.93 5.09 -36.00
N PHE B 661 -16.98 6.04 -35.88
CA PHE B 661 -16.95 7.00 -34.78
C PHE B 661 -16.69 8.37 -35.39
N PRO B 662 -17.75 9.04 -35.90
CA PRO B 662 -17.54 10.34 -36.55
C PRO B 662 -17.35 11.54 -35.63
N ARG B 663 -17.39 11.34 -34.31
CA ARG B 663 -17.21 12.42 -33.35
C ARG B 663 -15.95 12.27 -32.47
N LEU B 664 -15.17 11.21 -32.66
CA LEU B 664 -13.96 10.91 -31.89
C LEU B 664 -12.88 11.97 -32.09
N GLU B 665 -12.63 12.80 -31.07
CA GLU B 665 -11.62 13.85 -31.13
C GLU B 665 -10.33 13.48 -30.37
N LEU B 666 -10.39 12.50 -29.46
CA LEU B 666 -9.22 12.12 -28.67
C LEU B 666 -9.06 10.61 -28.58
N LEU B 667 -7.88 10.10 -28.93
CA LEU B 667 -7.60 8.68 -28.83
C LEU B 667 -6.34 8.49 -28.01
N ASP B 668 -6.48 7.95 -26.80
CA ASP B 668 -5.36 7.73 -25.90
C ASP B 668 -4.90 6.28 -25.99
N LEU B 669 -3.69 6.04 -26.46
CA LEU B 669 -3.16 4.68 -26.59
C LEU B 669 -1.77 4.53 -25.97
N ARG B 670 -1.43 5.36 -24.96
CA ARG B 670 -0.14 5.31 -24.29
C ARG B 670 0.06 4.03 -23.48
N GLY B 671 1.31 3.73 -23.10
CA GLY B 671 1.63 2.55 -22.32
C GLY B 671 1.16 1.25 -22.92
N ASN B 672 1.37 1.07 -24.21
CA ASN B 672 0.97 -0.14 -24.92
C ASN B 672 2.15 -0.79 -25.67
N LYS B 673 1.92 -1.91 -26.38
CA LYS B 673 2.98 -2.59 -27.12
C LYS B 673 2.75 -2.55 -28.64
N LEU B 674 2.02 -1.53 -29.14
CA LEU B 674 1.72 -1.40 -30.56
C LEU B 674 2.98 -1.22 -31.41
N LEU B 675 3.01 -1.88 -32.57
CA LEU B 675 4.16 -1.80 -33.46
C LEU B 675 3.81 -1.16 -34.81
N PHE B 676 2.61 -1.45 -35.32
CA PHE B 676 2.19 -0.96 -36.63
C PHE B 676 1.23 0.23 -36.58
N LEU B 677 1.42 1.14 -37.53
CA LEU B 677 0.58 2.32 -37.74
C LEU B 677 0.07 2.24 -39.17
N THR B 678 -1.23 2.46 -39.39
CA THR B 678 -1.79 2.40 -40.74
C THR B 678 -1.31 3.54 -41.62
N ASP B 679 -1.17 3.28 -42.92
CA ASP B 679 -0.72 4.29 -43.88
C ASP B 679 -1.87 5.10 -44.51
N SER B 680 -3.12 4.86 -44.07
CA SER B 680 -4.29 5.54 -44.62
C SER B 680 -5.26 5.95 -43.50
N LEU B 681 -4.73 6.58 -42.44
CA LEU B 681 -5.53 7.03 -41.30
C LEU B 681 -6.57 8.09 -41.70
N SER B 682 -6.23 8.93 -42.68
CA SER B 682 -7.11 9.98 -43.19
C SER B 682 -8.42 9.41 -43.76
N ASP B 683 -8.38 8.18 -44.28
CA ASP B 683 -9.56 7.51 -44.85
C ASP B 683 -10.53 7.03 -43.77
N PHE B 684 -10.02 6.71 -42.58
CA PHE B 684 -10.86 6.19 -41.49
C PHE B 684 -11.44 7.29 -40.61
N THR B 685 -10.62 8.28 -40.21
CA THR B 685 -11.11 9.35 -39.35
C THR B 685 -10.95 10.74 -39.97
N SER B 686 -11.97 11.58 -39.75
CA SER B 686 -11.97 12.97 -40.23
C SER B 686 -12.23 13.98 -39.09
N SER B 687 -12.13 13.54 -37.82
CA SER B 687 -12.36 14.42 -36.67
C SER B 687 -11.31 14.28 -35.56
N LEU B 688 -10.49 13.21 -35.59
CA LEU B 688 -9.47 12.96 -34.58
C LEU B 688 -8.48 14.11 -34.46
N ARG B 689 -8.59 14.87 -33.36
CA ARG B 689 -7.74 16.04 -33.10
C ARG B 689 -6.49 15.68 -32.32
N THR B 690 -6.59 14.75 -31.35
CA THR B 690 -5.45 14.39 -30.52
C THR B 690 -5.20 12.89 -30.51
N LEU B 691 -3.97 12.48 -30.84
CA LEU B 691 -3.60 11.07 -30.85
C LEU B 691 -2.37 10.84 -29.98
N LEU B 692 -2.55 10.24 -28.80
CA LEU B 692 -1.46 9.97 -27.87
C LEU B 692 -0.97 8.54 -28.03
N LEU B 693 0.31 8.35 -28.39
CA LEU B 693 0.87 7.02 -28.60
C LEU B 693 2.21 6.84 -27.87
N SER B 694 2.47 7.61 -26.79
CA SER B 694 3.74 7.49 -26.07
C SER B 694 3.90 6.17 -25.31
N HIS B 695 5.14 5.79 -25.00
CA HIS B 695 5.50 4.56 -24.30
C HIS B 695 4.97 3.32 -25.00
N ASN B 696 5.16 3.28 -26.32
CA ASN B 696 4.79 2.16 -27.19
C ASN B 696 6.05 1.56 -27.87
N ARG B 697 5.88 0.54 -28.73
CA ARG B 697 7.01 -0.08 -29.41
C ARG B 697 7.10 0.27 -30.91
N ILE B 698 6.45 1.36 -31.34
CA ILE B 698 6.47 1.78 -32.74
C ILE B 698 7.88 2.15 -33.19
N SER B 699 8.43 1.40 -34.14
CA SER B 699 9.78 1.66 -34.63
C SER B 699 9.85 2.27 -36.03
N HIS B 700 8.70 2.46 -36.69
CA HIS B 700 8.66 3.02 -38.04
C HIS B 700 7.39 3.82 -38.28
N LEU B 701 7.53 5.02 -38.85
CA LEU B 701 6.39 5.86 -39.18
C LEU B 701 6.06 5.66 -40.65
N PRO B 702 4.84 5.23 -40.98
CA PRO B 702 4.50 4.99 -42.39
C PRO B 702 4.38 6.26 -43.21
N SER B 703 4.57 6.13 -44.53
CA SER B 703 4.50 7.25 -45.46
C SER B 703 3.05 7.69 -45.66
N GLY B 704 2.81 8.99 -45.70
CA GLY B 704 1.47 9.52 -45.87
C GLY B 704 0.65 9.47 -44.59
N SER B 710 -6.29 16.61 -41.75
CA SER B 710 -6.36 18.03 -41.45
C SER B 710 -6.88 18.31 -40.03
N SER B 711 -7.68 17.40 -39.48
CA SER B 711 -8.25 17.58 -38.13
C SER B 711 -7.23 17.36 -37.02
N LEU B 712 -6.18 16.55 -37.27
CA LEU B 712 -5.18 16.24 -36.25
C LEU B 712 -4.28 17.41 -35.92
N LYS B 713 -4.34 17.88 -34.67
CA LYS B 713 -3.54 19.00 -34.18
C LYS B 713 -2.46 18.57 -33.17
N HIS B 714 -2.61 17.40 -32.54
CA HIS B 714 -1.64 16.94 -31.55
C HIS B 714 -1.32 15.46 -31.76
N LEU B 715 -0.03 15.14 -31.89
CA LEU B 715 0.41 13.77 -32.07
C LEU B 715 1.55 13.47 -31.10
N ASP B 716 1.34 12.52 -30.20
CA ASP B 716 2.35 12.16 -29.22
C ASP B 716 3.08 10.89 -29.63
N LEU B 717 4.30 11.02 -30.13
CA LEU B 717 5.10 9.86 -30.51
C LEU B 717 6.36 9.71 -29.66
N SER B 718 6.34 10.25 -28.43
CA SER B 718 7.48 10.18 -27.51
C SER B 718 7.65 8.79 -26.88
N SER B 719 8.82 8.51 -26.30
CA SER B 719 9.14 7.22 -25.66
C SER B 719 8.80 6.01 -26.51
N ASN B 720 9.11 6.09 -27.80
CA ASN B 720 8.88 5.01 -28.77
C ASN B 720 10.22 4.44 -29.29
N LEU B 721 10.19 3.53 -30.28
CA LEU B 721 11.42 2.94 -30.80
C LEU B 721 11.79 3.51 -32.18
N LEU B 722 11.42 4.78 -32.45
CA LEU B 722 11.70 5.41 -33.74
C LEU B 722 13.19 5.72 -33.91
N LYS B 723 13.80 5.16 -34.96
CA LYS B 723 15.22 5.39 -35.24
C LYS B 723 15.43 6.64 -36.09
N THR B 724 14.52 6.89 -37.05
CA THR B 724 14.60 8.06 -37.94
C THR B 724 13.25 8.36 -38.61
N ILE B 725 13.08 9.58 -39.15
CA ILE B 725 11.86 9.96 -39.86
C ILE B 725 12.20 10.27 -41.32
N ASN B 726 11.72 9.43 -42.24
CA ASN B 726 12.01 9.55 -43.67
C ASN B 726 11.25 10.69 -44.36
N LYS B 727 11.74 11.11 -45.54
CA LYS B 727 11.18 12.19 -46.36
C LYS B 727 9.79 11.85 -46.90
N SER B 728 9.51 10.55 -47.14
CA SER B 728 8.22 10.10 -47.67
C SER B 728 7.07 10.34 -46.68
N ALA B 729 7.33 10.25 -45.38
CA ALA B 729 6.30 10.51 -44.36
C ALA B 729 6.12 12.01 -44.06
N LEU B 730 7.03 12.86 -44.55
CA LEU B 730 6.98 14.31 -44.33
C LEU B 730 6.24 15.05 -45.44
N GLU B 731 5.34 14.38 -46.17
CA GLU B 731 4.59 15.03 -47.24
C GLU B 731 3.48 15.88 -46.62
N THR B 732 3.79 17.15 -46.35
CA THR B 732 2.82 18.06 -45.74
C THR B 732 2.32 19.12 -46.73
N LYS B 733 2.22 18.74 -48.03
CA LYS B 733 1.68 19.63 -49.06
C LYS B 733 0.17 19.87 -48.83
N THR B 734 -0.52 18.91 -48.18
CA THR B 734 -1.94 18.97 -47.80
C THR B 734 -2.15 20.01 -46.68
N THR B 735 -3.41 20.43 -46.49
CA THR B 735 -3.75 21.42 -45.47
C THR B 735 -3.88 20.80 -44.06
N THR B 736 -2.89 20.01 -43.64
CA THR B 736 -2.92 19.39 -42.31
C THR B 736 -2.56 20.41 -41.22
N LYS B 737 -3.48 20.65 -40.29
CA LYS B 737 -3.27 21.63 -39.23
C LYS B 737 -2.62 21.00 -37.99
N LEU B 738 -1.34 20.62 -38.10
CA LEU B 738 -0.62 20.04 -36.97
C LEU B 738 0.01 21.15 -36.14
N SER B 739 -0.37 21.24 -34.86
CA SER B 739 0.15 22.29 -33.99
C SER B 739 1.10 21.78 -32.90
N MET B 740 1.13 20.46 -32.66
CA MET B 740 1.98 19.88 -31.63
C MET B 740 2.44 18.48 -31.98
N LEU B 741 3.73 18.20 -31.80
CA LEU B 741 4.29 16.88 -32.10
C LEU B 741 5.36 16.52 -31.07
N GLU B 742 5.07 15.57 -30.17
CA GLU B 742 6.03 15.15 -29.16
C GLU B 742 6.89 14.01 -29.67
N LEU B 743 8.21 14.07 -29.47
CA LEU B 743 9.11 13.03 -29.97
C LEU B 743 10.27 12.71 -29.01
N HIS B 744 10.22 13.19 -27.76
CA HIS B 744 11.30 12.97 -26.79
C HIS B 744 11.36 11.52 -26.28
N GLY B 745 12.56 10.96 -26.23
CA GLY B 745 12.75 9.59 -25.75
C GLY B 745 12.86 8.53 -26.83
N ASN B 746 13.13 8.95 -28.07
CA ASN B 746 13.30 8.01 -29.18
C ASN B 746 14.78 7.76 -29.43
N PRO B 747 15.18 6.52 -29.78
CA PRO B 747 16.60 6.27 -30.07
C PRO B 747 16.93 6.70 -31.49
N PHE B 748 17.08 8.00 -31.70
CA PHE B 748 17.35 8.55 -33.03
C PHE B 748 18.76 8.25 -33.54
N GLU B 749 18.94 8.34 -34.86
CA GLU B 749 20.23 8.14 -35.52
C GLU B 749 20.69 9.50 -36.03
N CYS B 750 21.69 10.10 -35.38
CA CYS B 750 22.21 11.41 -35.75
C CYS B 750 23.14 11.37 -36.96
N THR B 751 22.82 10.54 -37.94
CA THR B 751 23.57 10.42 -39.19
C THR B 751 22.84 11.26 -40.29
N CYS B 752 23.18 11.10 -41.58
CA CYS B 752 22.52 11.85 -42.66
C CYS B 752 21.04 11.42 -42.90
N ASP B 753 20.55 10.39 -42.18
CA ASP B 753 19.18 9.92 -42.30
C ASP B 753 18.22 10.94 -41.68
N ILE B 754 18.59 11.48 -40.51
CA ILE B 754 17.77 12.49 -39.82
C ILE B 754 17.85 13.91 -40.45
N GLY B 755 18.72 14.08 -41.45
CA GLY B 755 18.90 15.36 -42.15
C GLY B 755 17.66 15.84 -42.87
N ASP B 756 16.90 14.91 -43.47
CA ASP B 756 15.66 15.27 -44.16
C ASP B 756 14.56 15.68 -43.19
N PHE B 757 14.56 15.10 -41.98
CA PHE B 757 13.59 15.45 -40.94
C PHE B 757 13.94 16.83 -40.34
N ARG B 758 15.23 17.16 -40.23
CA ARG B 758 15.71 18.44 -39.73
C ARG B 758 15.23 19.59 -40.60
N ARG B 759 15.21 19.38 -41.92
CA ARG B 759 14.75 20.38 -42.89
C ARG B 759 13.25 20.63 -42.75
N TRP B 760 12.47 19.58 -42.43
CA TRP B 760 11.02 19.68 -42.23
C TRP B 760 10.70 20.50 -40.97
N MET B 761 11.54 20.39 -39.93
CA MET B 761 11.38 21.15 -38.69
C MET B 761 11.61 22.63 -38.93
N ASP B 762 12.59 22.98 -39.77
CA ASP B 762 12.89 24.37 -40.08
C ASP B 762 11.87 24.98 -41.02
N GLU B 763 11.29 24.17 -41.93
CA GLU B 763 10.29 24.66 -42.87
C GLU B 763 8.92 24.81 -42.21
N HIS B 764 8.58 23.90 -41.29
CA HIS B 764 7.29 23.95 -40.60
C HIS B 764 7.46 24.35 -39.15
N LEU B 765 7.65 25.66 -38.92
CA LEU B 765 7.85 26.22 -37.58
C LEU B 765 6.58 26.28 -36.73
N ASN B 766 5.39 26.18 -37.36
CA ASN B 766 4.13 26.19 -36.62
C ASN B 766 3.91 24.92 -35.81
N VAL B 767 4.55 23.80 -36.20
CA VAL B 767 4.45 22.54 -35.47
C VAL B 767 5.35 22.61 -34.25
N LYS B 768 4.76 22.72 -33.05
CA LYS B 768 5.52 22.83 -31.81
C LYS B 768 6.04 21.48 -31.32
N ILE B 769 7.36 21.37 -31.17
CA ILE B 769 7.98 20.15 -30.65
C ILE B 769 8.54 20.45 -29.26
N PRO B 770 7.88 19.97 -28.21
CA PRO B 770 8.34 20.26 -26.84
C PRO B 770 9.54 19.44 -26.40
N ARG B 771 10.20 19.89 -25.32
CA ARG B 771 11.37 19.24 -24.73
C ARG B 771 12.45 18.94 -25.76
N LEU B 772 12.98 19.98 -26.42
CA LEU B 772 14.01 19.79 -27.45
C LEU B 772 15.32 19.23 -26.88
N VAL B 773 15.61 19.48 -25.60
CA VAL B 773 16.80 18.95 -24.95
C VAL B 773 16.68 17.43 -24.70
N ASP B 774 15.44 16.90 -24.60
CA ASP B 774 15.19 15.48 -24.38
C ASP B 774 15.04 14.66 -25.67
N VAL B 775 14.99 15.32 -26.84
CA VAL B 775 14.95 14.61 -28.12
C VAL B 775 16.41 14.29 -28.40
N ILE B 776 16.87 13.14 -27.89
CA ILE B 776 18.26 12.74 -27.99
C ILE B 776 18.48 11.56 -28.91
N CYS B 777 19.55 11.61 -29.72
CA CYS B 777 19.90 10.50 -30.60
C CYS B 777 20.88 9.58 -29.87
N ALA B 778 20.59 8.27 -29.87
CA ALA B 778 21.42 7.28 -29.17
C ALA B 778 22.70 6.96 -29.94
N SER B 779 22.60 6.93 -31.27
CA SER B 779 23.75 6.64 -32.14
C SER B 779 24.02 7.85 -33.07
N PRO B 780 25.28 8.13 -33.45
CA PRO B 780 26.53 7.42 -33.10
C PRO B 780 27.14 7.86 -31.76
N GLY B 781 28.29 7.28 -31.41
CA GLY B 781 28.99 7.59 -30.17
C GLY B 781 29.38 9.05 -30.02
N ASP B 782 29.74 9.69 -31.13
CA ASP B 782 30.12 11.10 -31.16
C ASP B 782 28.93 12.04 -30.85
N GLN B 783 27.70 11.59 -31.14
CA GLN B 783 26.50 12.39 -30.90
C GLN B 783 25.57 11.80 -29.81
N ARG B 784 26.04 10.78 -29.07
CA ARG B 784 25.24 10.13 -28.04
C ARG B 784 25.11 11.04 -26.83
N GLY B 785 23.88 11.48 -26.56
CA GLY B 785 23.59 12.37 -25.44
C GLY B 785 23.14 13.73 -25.88
N LYS B 786 23.69 14.22 -26.99
CA LYS B 786 23.36 15.53 -27.53
C LYS B 786 21.98 15.54 -28.20
N SER B 787 21.36 16.73 -28.28
CA SER B 787 20.07 16.88 -28.92
C SER B 787 20.19 16.75 -30.44
N ILE B 788 19.10 16.38 -31.12
CA ILE B 788 19.11 16.22 -32.58
C ILE B 788 19.23 17.58 -33.32
N VAL B 789 18.91 18.70 -32.65
CA VAL B 789 19.00 20.02 -33.26
C VAL B 789 20.44 20.57 -33.30
N SER B 790 21.37 20.00 -32.51
CA SER B 790 22.77 20.44 -32.50
C SER B 790 23.63 19.53 -33.39
N LEU B 791 23.21 19.35 -34.65
CA LEU B 791 23.91 18.50 -35.61
C LEU B 791 24.49 19.33 -36.78
N GLU B 792 25.47 18.78 -37.51
CA GLU B 792 26.09 19.46 -38.64
C GLU B 792 25.12 19.58 -39.83
C1 NAG C . -14.29 -29.03 6.29
C2 NAG C . -13.16 -28.54 5.37
C3 NAG C . -12.17 -29.70 5.24
C4 NAG C . -11.65 -30.13 6.62
C5 NAG C . -12.83 -30.52 7.51
C6 NAG C . -12.43 -30.83 8.92
C7 NAG C . -13.49 -26.89 3.59
C8 NAG C . -13.91 -26.68 2.17
N2 NAG C . -13.64 -28.13 4.07
O3 NAG C . -11.09 -29.28 4.40
O4 NAG C . -10.74 -31.21 6.52
O5 NAG C . -13.77 -29.42 7.56
O6 NAG C . -11.73 -29.76 9.53
O7 NAG C . -13.04 -25.99 4.27
C1 NAG C . -9.36 -30.91 6.53
C2 NAG C . -8.57 -32.15 6.94
C3 NAG C . -7.10 -31.76 6.92
C4 NAG C . -6.68 -31.23 5.55
C5 NAG C . -7.56 -30.04 5.17
C6 NAG C . -7.32 -29.52 3.77
C7 NAG C . -8.86 -33.89 8.66
C8 NAG C . -9.20 -34.16 10.09
N2 NAG C . -8.97 -32.61 8.26
O3 NAG C . -6.31 -32.90 7.27
O4 NAG C . -5.32 -30.82 5.55
O5 NAG C . -8.94 -30.44 5.24
O6 NAG C . -7.57 -30.53 2.80
O7 NAG C . -8.52 -34.78 7.89
C1 BMA C . -4.38 -31.69 4.98
C2 BMA C . -3.09 -30.91 4.74
C3 BMA C . -2.03 -31.86 4.18
C4 BMA C . -1.83 -33.06 5.10
C5 BMA C . -3.16 -33.76 5.39
C6 BMA C . -3.04 -34.80 6.48
O2 BMA C . -2.64 -30.35 5.97
O3 BMA C . -0.80 -31.17 4.00
O4 BMA C . -0.94 -33.98 4.50
O5 BMA C . -4.12 -32.80 5.86
O6 BMA C . -2.67 -34.18 7.72
C1 MAN C . -0.57 -30.53 2.75
C2 MAN C . 0.95 -30.30 2.57
C3 MAN C . 1.43 -29.17 3.47
C4 MAN C . 0.58 -27.92 3.30
C5 MAN C . -0.89 -28.23 3.51
C6 MAN C . -1.81 -27.07 3.25
O2 MAN C . 1.23 -30.02 1.20
O3 MAN C . 2.79 -28.89 3.20
O4 MAN C . 0.98 -26.92 4.24
O5 MAN C . -1.28 -29.29 2.61
O6 MAN C . -1.74 -26.63 1.90
C1 MAN C . -2.38 -35.07 8.77
C2 MAN C . -2.13 -34.23 10.03
C3 MAN C . -0.81 -33.47 9.89
C4 MAN C . 0.34 -34.42 9.58
C5 MAN C . 0.02 -35.25 8.34
C6 MAN C . 1.05 -36.33 8.05
O2 MAN C . -2.10 -35.07 11.18
O3 MAN C . -0.54 -32.71 11.06
O4 MAN C . 1.54 -33.69 9.36
O5 MAN C . -1.25 -35.91 8.49
O6 MAN C . 0.76 -37.00 6.83
C1 NAG D . -0.69 -8.66 15.83
C2 NAG D . -0.02 -9.92 15.27
C3 NAG D . 0.33 -9.65 13.80
C4 NAG D . -0.91 -9.22 13.03
C5 NAG D . -1.51 -7.98 13.66
C6 NAG D . -2.80 -7.52 13.01
C7 NAG D . 1.24 -11.26 16.88
C8 NAG D . 2.41 -11.28 17.82
N2 NAG D . 1.16 -10.22 16.05
O3 NAG D . 0.91 -10.82 13.24
O4 NAG D . -0.60 -9.00 11.65
O5 NAG D . -1.81 -8.24 15.04
O6 NAG D . -3.84 -8.48 13.19
O7 NAG D . 0.39 -12.15 16.88
C1 NAG D . -1.14 -9.90 10.70
C2 NAG D . -1.15 -9.23 9.32
C3 NAG D . -1.72 -10.22 8.33
C4 NAG D . -0.96 -11.56 8.35
C5 NAG D . -0.91 -12.11 9.77
C6 NAG D . -0.03 -13.34 9.91
C7 NAG D . -1.51 -6.81 9.15
C8 NAG D . -2.53 -5.70 9.16
N2 NAG D . -1.97 -8.04 9.38
O3 NAG D . -1.69 -9.65 7.02
O4 NAG D . -1.65 -12.52 7.54
O5 NAG D . -0.39 -11.11 10.66
O6 NAG D . 1.35 -13.01 9.74
O7 NAG D . -0.32 -6.59 8.94
C1 BMA D . -1.22 -12.76 6.20
C2 BMA D . -2.05 -13.93 5.64
C3 BMA D . -1.73 -14.16 4.17
C4 BMA D . -1.84 -12.87 3.37
C5 BMA D . -0.98 -11.78 4.01
C6 BMA D . -1.10 -10.43 3.31
O2 BMA D . -3.44 -13.68 5.80
O3 BMA D . -2.59 -15.16 3.63
O4 BMA D . -1.43 -13.08 2.02
O5 BMA D . -1.39 -11.59 5.38
O6 BMA D . -2.43 -9.97 3.22
C1 NAG E . 10.53 -8.00 14.22
C2 NAG E . 9.64 -8.79 13.25
C3 NAG E . 9.36 -10.15 13.89
C4 NAG E . 10.65 -10.88 14.22
C5 NAG E . 11.50 -10.01 15.14
C6 NAG E . 12.87 -10.58 15.40
C7 NAG E . 7.99 -7.57 11.89
C8 NAG E . 6.69 -6.85 11.89
N2 NAG E . 8.40 -8.04 13.07
O3 NAG E . 8.58 -10.95 13.01
O4 NAG E . 10.35 -12.11 14.86
O5 NAG E . 11.72 -8.74 14.51
O6 NAG E . 13.58 -10.75 14.19
O7 NAG E . 8.65 -7.73 10.86
C1 NAG E . 10.95 -13.27 14.35
C2 NAG E . 10.61 -14.45 15.26
C3 NAG E . 11.29 -15.70 14.68
C4 NAG E . 10.91 -15.90 13.20
C5 NAG E . 11.22 -14.64 12.40
C6 NAG E . 10.78 -14.71 10.96
C7 NAG E . 10.35 -13.74 17.59
C8 NAG E . 11.07 -13.36 18.85
N2 NAG E . 11.13 -14.16 16.58
O3 NAG E . 10.92 -16.84 15.45
O4 NAG E . 11.64 -17.00 12.64
O5 NAG E . 10.53 -13.52 13.00
O6 NAG E . 11.43 -13.71 10.18
O7 NAG E . 9.14 -13.66 17.49
C1 BMA E . 10.89 -18.11 12.20
C2 BMA E . 11.72 -18.93 11.21
C3 BMA E . 10.90 -20.13 10.76
C4 BMA E . 10.43 -20.94 11.97
C5 BMA E . 9.68 -20.06 12.96
C6 BMA E . 9.35 -20.76 14.25
O2 BMA E . 12.92 -19.35 11.83
O3 BMA E . 11.68 -20.95 9.90
O4 BMA E . 9.56 -21.99 11.53
O5 BMA E . 10.50 -18.92 13.30
O6 BMA E . 10.52 -21.16 14.94
C1 MAN E . 11.42 -20.88 8.49
C2 MAN E . 12.05 -22.10 7.83
C3 MAN E . 13.57 -22.00 7.93
C4 MAN E . 14.07 -20.69 7.33
C5 MAN E . 13.35 -19.49 7.95
C6 MAN E . 13.65 -18.19 7.23
O2 MAN E . 11.66 -22.16 6.46
O3 MAN E . 14.18 -23.11 7.28
O4 MAN E . 15.47 -20.56 7.55
O5 MAN E . 11.92 -19.68 7.90
O6 MAN E . 12.94 -17.09 7.79
C1 MAN E . 10.34 -22.21 15.85
C2 MAN E . 11.62 -22.36 16.69
C3 MAN E . 12.74 -22.96 15.83
C4 MAN E . 12.30 -24.25 15.16
C5 MAN E . 11.02 -24.02 14.35
C6 MAN E . 10.44 -25.29 13.76
O2 MAN E . 11.38 -23.18 17.82
O3 MAN E . 13.90 -23.18 16.63
O4 MAN E . 13.31 -24.71 14.28
O5 MAN E . 10.00 -23.46 15.20
O6 MAN E . 9.35 -25.00 12.89
C1 NAG F . -0.23 32.05 9.20
C2 NAG F . 0.46 31.23 8.11
C3 NAG F . 0.65 32.16 6.90
C4 NAG F . -0.69 32.72 6.44
C5 NAG F . -1.37 33.46 7.60
C6 NAG F . -2.76 33.94 7.27
C7 NAG F . 2.00 29.38 8.60
C8 NAG F . 3.41 29.01 8.93
N2 NAG F . 1.74 30.69 8.54
O3 NAG F . 1.29 31.44 5.86
O4 NAG F . -0.53 33.60 5.33
O5 NAG F . -1.48 32.56 8.72
O6 NAG F . -3.59 32.88 6.84
O7 NAG F . 1.13 28.55 8.38
C1 NAG F . -0.75 33.07 4.05
C2 NAG F . -1.07 34.21 3.07
C3 NAG F . -1.29 33.58 1.70
C4 NAG F . -0.07 32.76 1.28
C5 NAG F . 0.23 31.70 2.33
C6 NAG F . 1.50 30.93 2.05
C7 NAG F . -2.46 36.24 3.19
C8 NAG F . -3.79 36.80 3.59
N2 NAG F . -2.25 34.95 3.49
O3 NAG F . -1.57 34.59 0.74
O4 NAG F . -0.30 32.13 0.02
O5 NAG F . 0.39 32.33 3.60
O6 NAG F . 2.64 31.77 2.03
O7 NAG F . -1.62 36.92 2.61
C1 BMA F . 0.28 32.71 -1.12
C2 BMA F . 0.24 31.70 -2.26
C3 BMA F . 0.83 32.33 -3.51
C4 BMA F . 0.13 33.64 -3.85
C5 BMA F . 0.11 34.58 -2.64
C6 BMA F . -0.77 35.79 -2.85
O2 BMA F . -1.11 31.31 -2.51
O3 BMA F . 0.77 31.42 -4.60
O4 BMA F . 0.79 34.28 -4.93
O5 BMA F . -0.42 33.89 -1.50
O6 BMA F . -2.13 35.39 -3.04
C1 MAN F . 1.88 30.55 -4.81
C2 MAN F . 1.86 30.05 -6.26
C3 MAN F . 0.75 29.02 -6.45
C4 MAN F . 0.81 27.93 -5.40
C5 MAN F . 0.81 28.51 -3.99
C6 MAN F . 0.99 27.49 -2.90
O2 MAN F . 3.12 29.49 -6.60
O3 MAN F . 0.81 28.47 -7.75
O4 MAN F . -0.30 27.04 -5.54
O5 MAN F . 1.91 29.46 -3.88
O6 MAN F . 2.25 26.83 -3.00
C1 MAN F . -3.01 36.42 -3.40
C2 MAN F . -4.43 35.84 -3.43
C3 MAN F . -4.57 34.91 -4.63
C4 MAN F . -4.18 35.63 -5.93
C5 MAN F . -2.77 36.20 -5.82
C6 MAN F . -2.38 37.05 -7.00
O2 MAN F . -5.38 36.89 -3.50
O3 MAN F . -5.91 34.42 -4.73
O4 MAN F . -4.24 34.71 -7.01
O5 MAN F . -2.68 37.04 -4.65
O6 MAN F . -1.01 37.46 -6.92
C1 NAG G . -14.08 11.69 0.35
C2 NAG G . -13.43 12.70 -0.59
C3 NAG G . -12.07 12.13 -1.00
C4 NAG G . -11.22 11.87 0.24
C5 NAG G . -11.95 10.87 1.14
C6 NAG G . -11.24 10.60 2.45
C7 NAG G . -14.95 14.07 -1.95
C8 NAG G . -16.02 14.02 -3.00
N2 NAG G . -14.28 12.92 -1.75
O3 NAG G . -11.41 13.03 -1.89
O4 NAG G . -9.92 11.38 -0.11
O5 NAG G . -13.25 11.39 1.47
O6 NAG G . -11.17 11.75 3.26
O7 NAG G . -14.71 15.08 -1.31
C1 NAG G . -8.82 12.24 0.13
C2 NAG G . -7.55 11.39 0.19
C3 NAG G . -6.36 12.32 0.43
C4 NAG G . -6.31 13.44 -0.62
C5 NAG G . -7.65 14.18 -0.68
C6 NAG G . -7.73 15.18 -1.81
C7 NAG G . -7.64 9.10 1.08
C8 NAG G . -7.67 8.26 2.32
N2 NAG G . -7.66 10.43 1.27
O3 NAG G . -5.16 11.56 0.40
O4 NAG G . -5.30 14.39 -0.26
O5 NAG G . -8.71 13.23 -0.89
O6 NAG G . -7.76 14.56 -3.08
O7 NAG G . -7.58 8.61 -0.04
C1 BMA G . -4.01 14.33 -0.86
C2 BMA G . -3.21 15.56 -0.41
C3 BMA G . -1.77 15.47 -0.92
C4 BMA G . -1.14 14.13 -0.57
C5 BMA G . -2.01 12.99 -1.08
C6 BMA G . -1.49 11.61 -0.72
O2 BMA G . -3.22 15.65 1.02
O3 BMA G . -1.00 16.55 -0.40
O4 BMA G . 0.17 14.05 -1.13
O5 BMA G . -3.32 13.12 -0.50
O6 BMA G . -1.28 11.46 0.68
C1 NAG H . -13.71 8.83 -10.68
C2 NAG H . -12.53 9.57 -10.06
C3 NAG H . -12.90 11.05 -10.02
C4 NAG H . -13.26 11.57 -11.39
C5 NAG H . -14.38 10.72 -11.99
C6 NAG H . -14.71 11.07 -13.43
C7 NAG H . -11.06 8.48 -8.42
C8 NAG H . -10.83 8.20 -6.97
N2 NAG H . -12.22 9.08 -8.73
O3 NAG H . -11.79 11.80 -9.50
O4 NAG H . -13.71 12.92 -11.30
O5 NAG H . -13.99 9.34 -11.98
O6 NAG H . -13.57 10.98 -14.26
O7 NAG H . -10.24 8.17 -9.29
C1 NAG H . -13.03 13.88 -12.06
C2 NAG H . -13.80 15.21 -11.98
C3 NAG H . -13.04 16.22 -12.85
C4 NAG H . -11.58 16.34 -12.41
C5 NAG H . -10.91 14.98 -12.39
C6 NAG H . -9.52 14.98 -11.80
C7 NAG H . -16.24 15.19 -11.73
C8 NAG H . -17.55 14.98 -12.43
N2 NAG H . -15.15 15.02 -12.49
O3 NAG H . -13.68 17.48 -12.75
O4 NAG H . -10.89 17.18 -13.32
O5 NAG H . -11.69 14.07 -11.59
O6 NAG H . -8.82 13.79 -12.11
O7 NAG H . -16.16 15.48 -10.54
C1 BMA H . -10.26 18.31 -12.80
C2 BMA H . -9.25 18.79 -13.84
C3 BMA H . -8.53 20.03 -13.31
C4 BMA H . -9.53 21.09 -12.88
C5 BMA H . -10.57 20.53 -11.92
C6 BMA H . -11.68 21.49 -11.60
O2 BMA H . -9.93 19.12 -15.06
O3 BMA H . -7.65 20.53 -14.30
O4 BMA H . -8.83 22.15 -12.23
O5 BMA H . -11.19 19.36 -12.51
O6 BMA H . -12.42 21.83 -12.77
C1 MAN H . -6.25 20.29 -14.16
C2 MAN H . -5.50 21.23 -15.09
C3 MAN H . -5.80 20.83 -16.54
C4 MAN H . -5.43 19.38 -16.78
C5 MAN H . -6.13 18.46 -15.78
C6 MAN H . -5.65 17.03 -15.85
O2 MAN H . -4.11 21.15 -14.85
O3 MAN H . -5.11 21.69 -17.44
O4 MAN H . -5.81 18.99 -18.10
O5 MAN H . -5.90 18.92 -14.44
O6 MAN H . -6.29 16.21 -14.87
C1 MAN H . -13.10 23.05 -12.68
C2 MAN H . -14.04 23.17 -13.88
C3 MAN H . -13.23 23.42 -15.16
C4 MAN H . -12.30 24.62 -14.98
C5 MAN H . -11.41 24.44 -13.75
C6 MAN H . -10.56 25.65 -13.44
O2 MAN H . -14.98 24.21 -13.67
O3 MAN H . -14.10 23.63 -16.27
O4 MAN H . -11.48 24.76 -16.14
O5 MAN H . -12.23 24.19 -12.60
O6 MAN H . -9.63 25.36 -12.40
C1 NAG I . 8.89 10.41 31.99
C2 NAG I . 8.23 11.79 32.05
C3 NAG I . 8.31 12.24 33.51
C4 NAG I . 7.64 11.22 34.43
C5 NAG I . 8.25 9.83 34.23
C6 NAG I . 7.53 8.75 34.99
C7 NAG I . 8.43 13.71 30.53
C8 NAG I . 9.33 14.45 29.58
N2 NAG I . 8.98 12.71 31.20
O3 NAG I . 7.69 13.51 33.65
O4 NAG I . 7.82 11.58 35.79
O5 NAG I . 8.21 9.48 32.84
O6 NAG I . 6.14 8.73 34.70
O7 NAG I . 7.25 14.03 30.68
C1 NAG J . 40.44 -1.73 6.55
C2 NAG J . 41.03 -0.57 5.75
C3 NAG J . 42.51 -0.46 6.13
C4 NAG J . 42.67 -0.26 7.64
C5 NAG J . 41.96 -1.37 8.41
C6 NAG J . 41.90 -1.11 9.90
C7 NAG J . 40.04 -0.10 3.55
C8 NAG J . 39.92 -0.56 2.13
N2 NAG J . 40.88 -0.81 4.33
O3 NAG J . 43.11 0.63 5.43
O4 NAG J . 44.05 -0.24 7.98
O5 NAG J . 40.60 -1.49 7.96
O6 NAG J . 41.06 0.00 10.22
O7 NAG J . 39.43 0.87 3.97
C1 NAG K . -9.93 -31.74 29.05
C2 NAG K . -10.88 -32.94 29.00
C3 NAG K . -10.13 -34.14 29.57
C4 NAG K . -8.83 -34.38 28.80
C5 NAG K . -7.95 -33.13 28.90
C6 NAG K . -6.67 -33.24 28.10
C7 NAG K . -13.25 -33.17 29.65
C8 NAG K . -14.31 -32.73 30.62
N2 NAG K . -12.04 -32.62 29.82
O3 NAG K . -10.95 -35.30 29.51
O4 NAG K . -8.14 -35.50 29.35
O5 NAG K . -8.67 -32.00 28.40
O6 NAG K . -5.90 -32.05 28.19
O7 NAG K . -13.47 -33.98 28.77
C1 NAG L . -17.61 -14.63 38.37
C2 NAG L . -17.28 -13.58 39.44
C3 NAG L . -18.37 -13.68 40.51
C4 NAG L . -19.76 -13.51 39.92
C5 NAG L . -19.98 -14.53 38.79
C6 NAG L . -21.27 -14.33 38.04
C7 NAG L . -15.22 -13.01 40.66
C8 NAG L . -13.85 -13.49 41.06
N2 NAG L . -15.97 -13.90 39.98
O3 NAG L . -18.15 -12.69 41.51
O4 NAG L . -20.75 -13.69 40.92
O5 NAG L . -18.92 -14.41 37.83
O6 NAG L . -21.34 -15.17 36.89
O7 NAG L . -15.62 -11.89 40.94
C1 NAG M . 23.13 -13.36 26.99
C2 NAG M . 23.27 -13.55 28.49
C3 NAG M . 22.90 -15.00 28.81
C4 NAG M . 21.49 -15.32 28.34
C5 NAG M . 21.35 -15.03 26.84
C6 NAG M . 19.94 -15.15 26.33
C7 NAG M . 24.97 -12.12 29.55
C8 NAG M . 26.41 -11.99 29.94
N2 NAG M . 24.63 -13.26 28.93
O3 NAG M . 23.00 -15.22 30.22
O4 NAG M . 21.18 -16.68 28.58
O5 NAG M . 21.80 -13.69 26.56
O6 NAG M . 19.10 -14.11 26.84
O7 NAG M . 24.15 -11.24 29.78
C1 NAG N . 16.07 -51.70 -6.25
C2 NAG N . 17.20 -52.09 -7.21
C3 NAG N . 17.67 -53.46 -6.76
C4 NAG N . 18.18 -53.42 -5.31
C5 NAG N . 17.11 -52.85 -4.39
C6 NAG N . 17.61 -52.56 -3.00
C7 NAG N . 16.93 -51.18 -9.48
C8 NAG N . 16.37 -51.42 -10.86
N2 NAG N . 16.71 -52.15 -8.58
O3 NAG N . 18.71 -53.93 -7.62
O4 NAG N . 18.54 -54.72 -4.87
O5 NAG N . 16.60 -51.60 -4.92
O6 NAG N . 16.58 -52.02 -2.16
O7 NAG N . 17.56 -50.16 -9.20
C1 I5B O . -4.93 12.59 18.54
C2 I5B O . -4.61 11.50 19.40
C3 I5B O . -4.26 10.24 18.90
C11 I5B O . -5.61 14.97 18.29
C12 I5B O . -4.58 11.66 20.87
C13 I5B O . -5.72 11.98 21.60
C14 I5B O . -5.64 12.11 22.99
C16 I5B O . -3.35 11.55 22.95
C17 I5B O . -3.38 11.42 21.55
C18 I5B O . -4.65 11.15 14.02
C21 I5B O . -5.26 11.29 11.67
C22 I5B O . -4.54 10.39 10.64
C24 I5B O . -5.05 8.36 11.94
C25 I5B O . -5.81 9.21 12.99
C26 I5B O . -4.75 8.17 9.49
C4 I5B O . -4.24 10.10 17.52
C5 I5B O . -4.55 11.15 16.67
C6 I5B O . -4.90 12.41 17.15
N7 I5B O . -3.96 8.98 16.82
N8 I5B O . -4.07 9.28 15.51
C9 I5B O . -4.44 10.49 15.33
O10 I5B O . -5.27 13.83 19.10
N15 I5B O . -4.46 11.89 23.62
O19 I5B O . -4.17 12.27 13.92
N20 I5B O . -5.23 10.56 12.94
N23 I5B O . -5.15 9.04 10.63
C1 I5B P . -19.82 -7.76 8.34
C2 I5B P . -20.54 -6.62 7.90
C3 I5B P . -19.91 -5.53 7.32
C11 I5B P . -19.74 -9.91 9.53
C12 I5B P . -22.01 -6.55 8.08
C13 I5B P . -22.62 -6.59 9.34
C14 I5B P . -24.01 -6.49 9.42
C16 I5B P . -24.19 -6.26 7.08
C17 I5B P . -22.80 -6.36 6.94
C18 I5B P . -15.22 -7.21 7.41
C21 I5B P . -12.87 -7.73 7.80
C22 I5B P . -11.73 -7.15 6.93
C24 I5B P . -12.55 -4.85 7.26
C25 I5B P . -13.71 -5.37 8.14
C26 I5B P . -10.19 -5.22 6.67
C4 I5B P . -18.53 -5.60 7.15
C5 I5B P . -17.82 -6.72 7.55
C6 I5B P . -18.43 -7.81 8.16
N7 I5B P . -17.70 -4.69 6.59
N8 I5B P . -16.45 -5.20 6.63
C9 I5B P . -16.41 -6.35 7.21
O10 I5B P . -20.49 -8.82 8.96
N15 I5B P . -24.76 -6.33 8.30
O19 I5B P . -15.39 -8.37 7.09
N20 I5B P . -13.97 -6.76 7.77
N23 I5B P . -11.39 -5.76 7.35
C1 NAG Q . -33.72 -6.03 -4.34
C2 NAG Q . -33.90 -7.54 -4.25
C3 NAG Q . -35.37 -7.81 -3.95
C4 NAG Q . -35.83 -7.08 -2.69
C5 NAG Q . -35.52 -5.59 -2.79
C6 NAG Q . -35.78 -4.84 -1.50
C7 NAG Q . -32.89 -9.33 -5.60
C8 NAG Q . -32.48 -9.77 -6.97
N2 NAG Q . -33.51 -8.15 -5.51
O3 NAG Q . -35.58 -9.21 -3.80
O4 NAG Q . -37.23 -7.23 -2.52
O5 NAG Q . -34.13 -5.41 -3.11
O6 NAG Q . -35.08 -5.43 -0.40
O7 NAG Q . -32.67 -10.03 -4.60
C1 NAG R . -10.24 -4.43 -39.16
C2 NAG R . -9.71 -5.81 -39.56
C3 NAG R . -10.24 -6.11 -40.96
C4 NAG R . -11.76 -6.05 -40.98
C5 NAG R . -12.27 -4.71 -40.46
C6 NAG R . -13.77 -4.66 -40.27
C7 NAG R . -7.54 -6.49 -38.63
C8 NAG R . -6.05 -6.30 -38.69
N2 NAG R . -8.26 -5.82 -39.54
O3 NAG R . -9.80 -7.40 -41.37
O4 NAG R . -12.23 -6.25 -42.32
O5 NAG R . -11.68 -4.43 -39.18
O6 NAG R . -14.19 -5.50 -39.20
O7 NAG R . -8.07 -7.23 -37.81
C1 NAG S . -22.60 37.94 6.39
C2 NAG S . -22.27 39.25 7.11
C3 NAG S . -22.70 40.41 6.20
C4 NAG S . -22.03 40.29 4.83
C5 NAG S . -22.46 38.97 4.19
C6 NAG S . -21.82 38.71 2.85
C7 NAG S . -22.63 39.97 9.44
C8 NAG S . -23.53 39.88 10.63
N2 NAG S . -23.02 39.28 8.36
O3 NAG S . -22.40 41.66 6.80
O4 NAG S . -22.38 41.39 4.00
O5 NAG S . -22.07 37.89 5.05
O6 NAG S . -22.21 37.46 2.31
O7 NAG S . -21.60 40.64 9.44
C1 NAG T . -33.70 23.92 17.27
C2 NAG T . -34.95 23.04 17.43
C3 NAG T . -35.80 23.68 18.53
C4 NAG T . -35.00 23.87 19.83
C5 NAG T . -33.74 24.68 19.55
C6 NAG T . -32.80 24.77 20.73
C7 NAG T . -36.64 22.20 15.83
C8 NAG T . -37.23 22.36 14.46
N2 NAG T . -35.66 23.06 16.16
O3 NAG T . -36.94 22.87 18.80
O4 NAG T . -35.79 24.55 20.80
O5 NAG T . -33.00 24.02 18.50
O6 NAG T . -31.56 25.37 20.37
O7 NAG T . -37.04 21.33 16.61
C1 NAG U . -26.72 13.92 -23.24
C2 NAG U . -28.18 14.39 -23.30
C3 NAG U . -28.15 15.91 -23.25
C4 NAG U . -27.47 16.38 -21.96
C5 NAG U . -26.06 15.82 -21.88
C6 NAG U . -25.38 16.11 -20.55
C7 NAG U . -29.69 12.91 -24.57
C8 NAG U . -30.30 12.61 -25.90
N2 NAG U . -28.82 13.93 -24.53
O3 NAG U . -29.47 16.44 -23.34
O4 NAG U . -27.42 17.80 -21.93
O5 NAG U . -26.09 14.39 -22.04
O6 NAG U . -25.97 15.38 -19.48
O7 NAG U . -29.98 12.27 -23.56
C1 NAG V . 11.98 46.34 -26.04
C2 NAG V . 12.87 46.36 -27.28
C3 NAG V . 12.54 47.67 -28.01
C4 NAG V . 11.06 47.72 -28.39
C5 NAG V . 10.18 47.50 -27.16
C6 NAG V . 8.72 47.30 -27.50
C7 NAG V . 15.02 45.20 -27.02
C8 NAG V . 16.46 45.33 -26.62
N2 NAG V . 14.28 46.31 -26.93
O3 NAG V . 13.34 47.78 -29.18
O4 NAG V . 10.75 48.98 -28.96
O5 NAG V . 10.60 46.33 -26.44
O6 NAG V . 7.93 47.07 -26.34
O7 NAG V . 14.54 44.13 -27.40
#